data_5FI0
#
_entry.id   5FI0
#
_cell.length_a   81.373
_cell.length_b   107.053
_cell.length_c   323.568
_cell.angle_alpha   90.000
_cell.angle_beta   90.000
_cell.angle_gamma   90.000
#
_symmetry.space_group_name_H-M   'P 21 21 21'
#
loop_
_entity.id
_entity.type
_entity.pdbx_description
1 polymer 'Phosphatidylinositol 3,4,5-trisphosphate-dependent Rac exchanger 1 protein,Phosphatidylinositol 3,4,5-trisphosphate-dependent Rac exchanger 1 protein'
2 polymer 'Ras-related C3 botulinum toxin substrate 1'
3 non-polymer 'PHOSPHATE ION'
#
loop_
_entity_poly.entity_id
_entity_poly.type
_entity_poly.pdbx_seq_one_letter_code
_entity_poly.pdbx_strand_id
1 'polypeptide(L)'
;GEFAAARESERQLRLRLCVLNEILGTERDYVGTLRFLQSAFLHRIRQNVADSVEKGLTEENVKVLFSNIEDILEVHKDFL
AALEYCLHPEPQSQHELGNVFLKFKDKFCVYEEYCSNHEKALRLLVELNKIPTVRAFLLSCMLLGGRKTTDIPLEGYLLS
PIQRICKYPLLLKELAKRTPGKHPDHPAVQSALQAMKTVCSNINETKRQMEKLEALEQLQSHIEGWEGSNLTDICTQLLL
QGTLLKISAGNIQERAFFLFDNLLVYCKRKSRVTGSKKSTKRTKSINGSLYIFRGRINTEVMEVENVEDGTADYHSNGYT
VTNGWKIHNTAKNKWFVCMAKTAEEKQKWLDAIIREREQRESLKLGMERDAYVM
;
A,C,E,G
2 'polypeptide(L)'
;GEFMQAIKCVVVGDGAVGKTCLLISYTTNAFPGEYIPTVFDNYSANVMVDGKPVNLGLWDTAGQEDYDRLRPLSYPQTDV
FLICFSLVSPASFENVRAKWYPEVRHHCPNTPIILVGTKLDLRDDKDTIEKLKEKKLTPITYPQGLAMAKEIGAVKYLEC
SALTQRGLKTVFDEAIRAVLCPPPVKKRKRKCLLL
;
B,D,F,H
#
loop_
_chem_comp.id
_chem_comp.type
_chem_comp.name
_chem_comp.formula
PO4 non-polymer 'PHOSPHATE ION' 'O4 P -3'
#
# COMPACT_ATOMS: atom_id res chain seq x y z
N PHE A 3 -66.22 -27.59 4.98
CA PHE A 3 -66.02 -27.64 6.42
C PHE A 3 -64.59 -27.32 6.88
N ALA A 4 -63.67 -27.10 5.94
CA ALA A 4 -62.36 -26.58 6.32
C ALA A 4 -62.52 -25.12 6.77
N ALA A 5 -63.51 -24.45 6.18
CA ALA A 5 -63.79 -23.08 6.51
C ALA A 5 -64.42 -23.04 7.88
N ALA A 6 -65.02 -24.15 8.26
CA ALA A 6 -65.62 -24.27 9.58
C ALA A 6 -64.52 -24.18 10.62
N ARG A 7 -63.36 -24.73 10.31
CA ARG A 7 -62.21 -24.55 11.19
C ARG A 7 -61.68 -23.13 11.11
N GLU A 8 -61.66 -22.54 9.90
CA GLU A 8 -61.11 -21.18 9.78
C GLU A 8 -61.87 -20.07 10.54
N SER A 9 -63.20 -20.06 10.45
CA SER A 9 -64.00 -19.04 11.16
C SER A 9 -63.82 -19.15 12.67
N GLU A 10 -63.85 -20.40 13.13
CA GLU A 10 -63.64 -20.70 14.55
C GLU A 10 -62.25 -20.22 14.99
N ARG A 11 -61.27 -20.30 14.09
CA ARG A 11 -59.94 -19.80 14.41
C ARG A 11 -59.97 -18.29 14.59
N GLN A 12 -60.64 -17.60 13.66
CA GLN A 12 -60.79 -16.15 13.74
C GLN A 12 -61.38 -15.73 15.08
N LEU A 13 -62.41 -16.45 15.52
CA LEU A 13 -63.04 -16.12 16.81
C LEU A 13 -62.18 -16.49 18.01
N ARG A 14 -61.52 -17.65 17.97
CA ARG A 14 -60.58 -18.06 19.00
C ARG A 14 -59.58 -16.92 19.28
N LEU A 15 -59.09 -16.35 18.18
CA LEU A 15 -58.09 -15.30 18.25
C LEU A 15 -58.70 -13.99 18.73
N ARG A 16 -59.87 -13.63 18.19
CA ARG A 16 -60.59 -12.45 18.66
C ARG A 16 -60.78 -12.47 20.18
N LEU A 17 -61.11 -13.66 20.69
CA LEU A 17 -61.27 -13.87 22.13
C LEU A 17 -59.94 -13.62 22.84
N CYS A 18 -58.85 -14.11 22.25
CA CYS A 18 -57.52 -13.85 22.81
C CYS A 18 -57.25 -12.35 22.92
N VAL A 19 -57.58 -11.60 21.86
CA VAL A 19 -57.35 -10.16 21.83
C VAL A 19 -58.19 -9.45 22.89
N LEU A 20 -59.47 -9.82 22.98
CA LEU A 20 -60.34 -9.23 23.98
C LEU A 20 -59.79 -9.46 25.39
N ASN A 21 -59.40 -10.70 25.68
CA ASN A 21 -58.76 -11.01 26.95
C ASN A 21 -57.50 -10.19 27.22
N GLU A 22 -56.68 -9.99 26.19
CA GLU A 22 -55.49 -9.15 26.37
C GLU A 22 -55.86 -7.71 26.72
N ILE A 23 -56.75 -7.12 25.93
CA ILE A 23 -57.20 -5.76 26.18
C ILE A 23 -57.68 -5.60 27.63
N LEU A 24 -58.50 -6.54 28.08
CA LEU A 24 -59.04 -6.47 29.43
C LEU A 24 -57.97 -6.64 30.51
N GLY A 25 -57.20 -7.73 30.41
CA GLY A 25 -56.15 -8.05 31.36
C GLY A 25 -55.09 -6.99 31.50
N THR A 26 -54.68 -6.42 30.36
CA THR A 26 -53.64 -5.40 30.36
C THR A 26 -54.20 -4.07 30.82
N GLU A 27 -55.49 -3.83 30.56
CA GLU A 27 -56.12 -2.67 31.17
C GLU A 27 -56.06 -2.80 32.68
N ARG A 28 -56.29 -4.01 33.17
CA ARG A 28 -56.25 -4.26 34.61
C ARG A 28 -54.85 -4.02 35.14
N ASP A 29 -53.85 -4.53 34.43
CA ASP A 29 -52.45 -4.33 34.80
C ASP A 29 -52.11 -2.85 34.87
N TYR A 30 -52.57 -2.10 33.87
CA TYR A 30 -52.25 -0.68 33.76
C TYR A 30 -52.86 0.10 34.92
N VAL A 31 -54.15 -0.12 35.17
CA VAL A 31 -54.81 0.51 36.32
C VAL A 31 -54.07 0.14 37.61
N GLY A 32 -53.66 -1.12 37.72
CA GLY A 32 -52.84 -1.58 38.82
C GLY A 32 -51.59 -0.74 39.01
N THR A 33 -50.86 -0.52 37.92
CA THR A 33 -49.65 0.30 37.94
C THR A 33 -49.92 1.73 38.39
N LEU A 34 -50.96 2.34 37.83
CA LEU A 34 -51.31 3.72 38.18
C LEU A 34 -51.63 3.82 39.67
N ARG A 35 -52.35 2.82 40.16
CA ARG A 35 -52.69 2.74 41.58
C ARG A 35 -51.44 2.55 42.43
N PHE A 36 -50.44 1.85 41.90
CA PHE A 36 -49.15 1.76 42.59
C PHE A 36 -48.48 3.12 42.71
N LEU A 37 -48.41 3.84 41.59
CA LEU A 37 -47.79 5.16 41.59
C LEU A 37 -48.48 6.09 42.59
N GLN A 38 -49.81 6.05 42.60
CA GLN A 38 -50.57 6.84 43.57
C GLN A 38 -50.28 6.44 45.01
N SER A 39 -50.42 5.15 45.30
CA SER A 39 -50.30 4.62 46.66
C SER A 39 -48.90 4.78 47.25
N ALA A 40 -47.90 4.27 46.56
CA ALA A 40 -46.55 4.22 47.08
C ALA A 40 -45.93 5.61 47.24
N PHE A 41 -46.33 6.53 46.37
CA PHE A 41 -45.72 7.86 46.35
C PHE A 41 -46.62 8.99 46.83
N LEU A 42 -47.70 9.23 46.11
CA LEU A 42 -48.54 10.41 46.34
C LEU A 42 -49.25 10.36 47.69
N HIS A 43 -49.98 9.27 47.94
CA HIS A 43 -50.63 9.08 49.23
C HIS A 43 -49.63 9.14 50.38
N ARG A 44 -48.45 8.57 50.15
CA ARG A 44 -47.41 8.54 51.17
C ARG A 44 -46.85 9.93 51.44
N ILE A 45 -46.66 10.71 50.39
CA ILE A 45 -46.16 12.07 50.52
C ILE A 45 -47.22 12.97 51.18
N ARG A 46 -48.50 12.73 50.91
CA ARG A 46 -49.53 13.58 51.48
C ARG A 46 -49.78 13.24 52.95
N GLN A 47 -49.75 11.96 53.27
CA GLN A 47 -49.90 11.51 54.65
C GLN A 47 -48.80 12.11 55.53
N ASN A 48 -47.60 12.25 54.98
CA ASN A 48 -46.54 12.98 55.67
C ASN A 48 -45.84 13.94 54.72
N VAL A 49 -46.39 15.14 54.57
CA VAL A 49 -45.79 16.15 53.71
C VAL A 49 -44.53 16.75 54.30
N ALA A 50 -44.47 16.84 55.62
CA ALA A 50 -43.32 17.40 56.31
C ALA A 50 -42.04 16.58 56.14
N ASP A 51 -42.17 15.26 56.16
CA ASP A 51 -41.02 14.38 56.00
C ASP A 51 -40.54 14.46 54.56
N SER A 52 -41.49 14.58 53.65
CA SER A 52 -41.22 14.69 52.22
C SER A 52 -40.39 15.94 51.99
N VAL A 53 -40.85 17.06 52.54
CA VAL A 53 -40.14 18.32 52.36
C VAL A 53 -38.78 18.30 53.03
N GLU A 54 -38.72 17.82 54.27
CA GLU A 54 -37.45 17.85 54.99
C GLU A 54 -36.49 16.78 54.45
N LYS A 55 -36.92 16.02 53.44
CA LYS A 55 -36.01 15.08 52.80
C LYS A 55 -35.57 15.57 51.41
N GLY A 56 -36.30 16.52 50.84
CA GLY A 56 -35.89 17.13 49.58
C GLY A 56 -36.96 17.26 48.50
N LEU A 57 -38.12 16.66 48.72
CA LEU A 57 -39.21 16.74 47.75
C LEU A 57 -40.21 17.85 48.04
N THR A 58 -40.00 18.97 47.36
CA THR A 58 -40.90 20.09 47.41
C THR A 58 -42.19 19.77 46.62
N GLU A 59 -43.27 20.51 46.90
CA GLU A 59 -44.53 20.33 46.16
C GLU A 59 -44.41 20.56 44.65
N GLU A 60 -43.60 21.55 44.26
CA GLU A 60 -43.33 21.78 42.85
C GLU A 60 -42.67 20.55 42.22
N ASN A 61 -41.72 19.96 42.94
CA ASN A 61 -41.04 18.76 42.50
C ASN A 61 -42.02 17.60 42.25
N VAL A 62 -42.84 17.29 43.25
CA VAL A 62 -43.82 16.21 43.12
C VAL A 62 -44.77 16.51 41.96
N LYS A 63 -45.18 17.77 41.84
CA LYS A 63 -46.08 18.22 40.78
C LYS A 63 -45.51 18.03 39.38
N VAL A 64 -44.23 18.33 39.20
CA VAL A 64 -43.57 18.19 37.91
C VAL A 64 -43.30 16.72 37.62
N LEU A 65 -42.93 16.00 38.68
CA LEU A 65 -42.60 14.58 38.57
C LEU A 65 -43.78 13.72 38.15
N PHE A 66 -44.89 13.85 38.87
CA PHE A 66 -46.02 12.97 38.65
C PHE A 66 -47.14 13.59 37.81
N SER A 67 -47.01 14.87 37.47
CA SER A 67 -47.98 15.56 36.63
C SER A 67 -49.42 15.27 37.03
N ASN A 68 -50.26 14.96 36.05
CA ASN A 68 -51.66 14.65 36.28
C ASN A 68 -51.95 13.15 36.21
N ILE A 69 -51.04 12.34 36.76
CA ILE A 69 -51.16 10.88 36.72
C ILE A 69 -52.46 10.40 37.37
N GLU A 70 -52.98 11.16 38.32
CA GLU A 70 -54.19 10.82 39.04
C GLU A 70 -55.47 11.05 38.23
N ASP A 71 -55.41 12.00 37.30
CA ASP A 71 -56.56 12.25 36.43
C ASP A 71 -56.65 11.10 35.44
N ILE A 72 -55.49 10.70 34.95
CA ILE A 72 -55.35 9.55 34.07
C ILE A 72 -55.93 8.33 34.79
N LEU A 73 -55.47 8.10 36.02
CA LEU A 73 -56.04 7.02 36.84
C LEU A 73 -57.56 7.08 36.93
N GLU A 74 -58.13 8.24 37.28
CA GLU A 74 -59.59 8.39 37.34
C GLU A 74 -60.25 7.90 36.04
N VAL A 75 -59.70 8.38 34.92
CA VAL A 75 -60.24 8.04 33.60
C VAL A 75 -60.16 6.55 33.35
N HIS A 76 -59.09 5.90 33.79
CA HIS A 76 -58.96 4.47 33.55
C HIS A 76 -59.73 3.59 34.54
N LYS A 77 -60.00 4.09 35.73
CA LYS A 77 -60.94 3.40 36.62
C LYS A 77 -62.28 3.33 35.91
N ASP A 78 -62.68 4.46 35.32
CA ASP A 78 -63.98 4.49 34.66
C ASP A 78 -63.98 3.65 33.38
N PHE A 79 -62.90 3.76 32.61
CA PHE A 79 -62.75 3.04 31.35
C PHE A 79 -62.77 1.53 31.60
N LEU A 80 -62.00 1.11 32.60
CA LEU A 80 -61.93 -0.30 32.98
C LEU A 80 -63.28 -0.81 33.45
N ALA A 81 -63.94 -0.05 34.34
CA ALA A 81 -65.29 -0.42 34.77
C ALA A 81 -66.19 -0.65 33.57
N ALA A 82 -66.07 0.23 32.58
CA ALA A 82 -66.84 0.11 31.36
C ALA A 82 -66.49 -1.17 30.61
N LEU A 83 -65.20 -1.50 30.57
CA LEU A 83 -64.75 -2.70 29.87
C LEU A 83 -65.30 -3.95 30.52
N GLU A 84 -65.19 -4.02 31.84
CA GLU A 84 -65.65 -5.15 32.62
C GLU A 84 -67.15 -5.32 32.38
N TYR A 85 -67.87 -4.20 32.43
CA TYR A 85 -69.31 -4.20 32.13
C TYR A 85 -69.62 -4.73 30.73
N CYS A 86 -68.83 -4.31 29.75
CA CYS A 86 -69.06 -4.69 28.37
C CYS A 86 -68.77 -6.19 28.19
N LEU A 87 -67.74 -6.68 28.88
CA LEU A 87 -67.35 -8.07 28.81
C LEU A 87 -67.84 -8.85 30.02
N HIS A 88 -69.15 -9.03 30.10
CA HIS A 88 -69.75 -9.72 31.21
C HIS A 88 -70.40 -11.02 30.75
N PRO A 89 -70.23 -12.10 31.52
CA PRO A 89 -69.49 -12.15 32.79
C PRO A 89 -68.02 -12.42 32.58
N GLU A 90 -67.64 -12.54 31.31
CA GLU A 90 -66.26 -12.76 30.90
C GLU A 90 -66.14 -12.37 29.43
N PRO A 91 -64.93 -12.24 28.92
CA PRO A 91 -64.85 -11.93 27.49
C PRO A 91 -65.35 -13.08 26.61
N GLN A 92 -66.20 -12.76 25.65
CA GLN A 92 -66.69 -13.77 24.71
C GLN A 92 -66.66 -13.17 23.31
N SER A 93 -66.56 -14.03 22.30
CA SER A 93 -66.26 -13.60 20.93
C SER A 93 -67.22 -12.57 20.34
N GLN A 94 -68.52 -12.78 20.55
CA GLN A 94 -69.54 -11.90 20.00
C GLN A 94 -69.62 -10.51 20.66
N HIS A 95 -68.92 -10.31 21.78
CA HIS A 95 -68.94 -9.03 22.49
C HIS A 95 -68.51 -7.87 21.61
N GLU A 96 -68.99 -6.67 21.93
CA GLU A 96 -68.66 -5.52 21.11
C GLU A 96 -67.95 -4.48 21.96
N LEU A 97 -66.65 -4.29 21.73
CA LEU A 97 -65.83 -3.34 22.50
C LEU A 97 -65.60 -1.96 21.88
N GLY A 98 -65.81 -1.87 20.57
CA GLY A 98 -65.63 -0.63 19.82
C GLY A 98 -66.22 0.56 20.53
N ASN A 99 -67.50 0.45 20.85
CA ASN A 99 -68.27 1.52 21.45
C ASN A 99 -67.69 2.06 22.74
N VAL A 100 -67.11 1.22 23.57
CA VAL A 100 -66.50 1.69 24.82
C VAL A 100 -65.40 2.71 24.54
N PHE A 101 -64.48 2.30 23.68
CA PHE A 101 -63.38 3.15 23.24
C PHE A 101 -63.97 4.43 22.71
N LEU A 102 -64.89 4.31 21.75
CA LEU A 102 -65.58 5.48 21.20
C LEU A 102 -66.15 6.42 22.27
N LYS A 103 -66.74 5.84 23.31
CA LYS A 103 -67.30 6.61 24.43
C LYS A 103 -66.21 7.41 25.15
N PHE A 104 -65.02 6.84 25.25
CA PHE A 104 -63.95 7.49 25.98
C PHE A 104 -62.97 8.27 25.10
N LYS A 105 -63.17 8.20 23.78
CA LYS A 105 -62.27 8.83 22.81
C LYS A 105 -61.90 10.26 23.23
N ASP A 106 -62.84 10.99 23.83
CA ASP A 106 -62.63 12.37 24.28
C ASP A 106 -62.05 12.51 25.69
N LYS A 107 -62.26 11.50 26.55
CA LYS A 107 -61.76 11.57 27.92
C LYS A 107 -60.24 11.45 28.00
N PHE A 108 -59.66 10.89 26.95
CA PHE A 108 -58.24 10.59 26.92
C PHE A 108 -57.35 11.82 26.74
N CYS A 109 -57.95 12.95 26.39
CA CYS A 109 -57.22 14.22 26.26
C CYS A 109 -56.32 14.55 27.46
N VAL A 110 -56.60 13.93 28.61
CA VAL A 110 -55.80 14.15 29.81
C VAL A 110 -54.36 13.71 29.62
N TYR A 111 -54.14 12.80 28.67
CA TYR A 111 -52.81 12.31 28.36
C TYR A 111 -51.96 13.41 27.76
N GLU A 112 -52.60 14.33 27.03
CA GLU A 112 -51.91 15.41 26.34
C GLU A 112 -51.08 16.23 27.33
N GLU A 113 -51.69 16.61 28.44
CA GLU A 113 -50.98 17.32 29.50
C GLU A 113 -49.79 16.52 30.02
N TYR A 114 -50.02 15.23 30.23
CA TYR A 114 -49.03 14.39 30.88
C TYR A 114 -47.78 14.21 30.04
N CYS A 115 -47.98 13.81 28.79
CA CYS A 115 -46.86 13.41 27.96
C CYS A 115 -45.97 14.60 27.65
N SER A 116 -46.61 15.74 27.36
CA SER A 116 -45.91 17.00 27.14
C SER A 116 -44.99 17.29 28.31
N ASN A 117 -45.46 16.95 29.52
CA ASN A 117 -44.70 17.21 30.72
C ASN A 117 -43.56 16.20 30.96
N HIS A 118 -43.73 14.98 30.47
CA HIS A 118 -42.83 13.88 30.86
C HIS A 118 -41.33 14.18 30.67
N GLU A 119 -40.96 14.80 29.54
CA GLU A 119 -39.58 15.20 29.33
C GLU A 119 -39.03 15.96 30.52
N LYS A 120 -39.75 17.00 30.94
CA LYS A 120 -39.38 17.79 32.09
C LYS A 120 -39.28 16.93 33.34
N ALA A 121 -40.17 15.95 33.45
CA ALA A 121 -40.22 15.13 34.65
C ALA A 121 -38.97 14.28 34.81
N LEU A 122 -38.60 13.53 33.78
CA LEU A 122 -37.49 12.59 33.92
C LEU A 122 -36.17 13.31 34.00
N ARG A 123 -36.07 14.45 33.35
CA ARG A 123 -34.85 15.23 33.45
C ARG A 123 -34.71 15.70 34.88
N LEU A 124 -35.82 16.13 35.47
CA LEU A 124 -35.80 16.58 36.85
C LEU A 124 -35.43 15.40 37.73
N LEU A 125 -35.94 14.23 37.37
CA LEU A 125 -35.69 13.05 38.18
C LEU A 125 -34.18 12.79 38.22
N VAL A 126 -33.50 13.07 37.11
CA VAL A 126 -32.06 12.84 37.04
C VAL A 126 -31.37 13.73 38.08
N GLU A 127 -31.87 14.95 38.23
CA GLU A 127 -31.34 15.88 39.23
C GLU A 127 -31.67 15.44 40.64
N LEU A 128 -32.84 14.84 40.82
CA LEU A 128 -33.29 14.46 42.16
C LEU A 128 -32.55 13.22 42.66
N ASN A 129 -32.15 12.37 41.72
CA ASN A 129 -31.36 11.20 42.04
C ASN A 129 -29.92 11.54 42.38
N LYS A 130 -29.53 12.78 42.12
CA LYS A 130 -28.19 13.22 42.51
C LYS A 130 -28.16 13.59 43.99
N ILE A 131 -29.26 14.16 44.49
CA ILE A 131 -29.39 14.43 45.93
C ILE A 131 -29.53 13.09 46.67
N PRO A 132 -28.67 12.85 47.68
CA PRO A 132 -28.65 11.54 48.34
C PRO A 132 -29.93 11.16 49.09
N THR A 133 -30.40 12.06 49.95
CA THR A 133 -31.57 11.75 50.77
C THR A 133 -32.84 11.65 49.93
N VAL A 134 -32.85 12.29 48.76
CA VAL A 134 -34.03 12.25 47.88
C VAL A 134 -34.09 10.90 47.16
N ARG A 135 -32.94 10.44 46.67
CA ARG A 135 -32.88 9.11 46.07
C ARG A 135 -33.29 8.07 47.10
N ALA A 136 -32.78 8.25 48.33
CA ALA A 136 -33.16 7.39 49.43
C ALA A 136 -34.68 7.34 49.59
N PHE A 137 -35.31 8.50 49.66
CA PHE A 137 -36.75 8.58 49.81
C PHE A 137 -37.48 7.86 48.69
N LEU A 138 -37.18 8.21 47.45
CA LEU A 138 -37.87 7.60 46.30
C LEU A 138 -37.72 6.07 46.30
N LEU A 139 -36.56 5.59 46.72
CA LEU A 139 -36.36 4.14 46.77
C LEU A 139 -37.16 3.50 47.90
N SER A 140 -37.31 4.24 49.00
CA SER A 140 -38.09 3.75 50.12
C SER A 140 -39.55 3.62 49.68
N CYS A 141 -40.03 4.61 48.95
CA CYS A 141 -41.38 4.59 48.40
C CYS A 141 -41.54 3.36 47.51
N MET A 142 -40.54 3.08 46.68
CA MET A 142 -40.59 1.88 45.84
C MET A 142 -40.70 0.61 46.67
N LEU A 143 -39.89 0.52 47.73
CA LEU A 143 -39.88 -0.68 48.59
C LEU A 143 -41.21 -0.91 49.30
N LEU A 144 -41.74 0.12 49.93
CA LEU A 144 -43.00 0.02 50.67
C LEU A 144 -44.17 -0.30 49.74
N GLY A 145 -44.01 0.04 48.46
CA GLY A 145 -45.01 -0.28 47.47
C GLY A 145 -45.06 -1.73 47.03
N GLY A 146 -44.07 -2.51 47.48
CA GLY A 146 -44.02 -3.93 47.18
C GLY A 146 -43.02 -4.27 46.09
N ARG A 147 -42.53 -3.23 45.43
CA ARG A 147 -41.47 -3.36 44.42
C ARG A 147 -40.07 -3.30 45.00
N LYS A 148 -39.13 -3.84 44.23
CA LYS A 148 -37.75 -3.98 44.64
C LYS A 148 -36.84 -2.96 43.95
N THR A 149 -35.55 -3.02 44.27
CA THR A 149 -34.58 -2.11 43.67
C THR A 149 -33.86 -2.76 42.49
N THR A 150 -34.05 -4.08 42.34
CA THR A 150 -33.53 -4.81 41.20
C THR A 150 -34.61 -4.98 40.13
N ASP A 151 -35.66 -4.18 40.25
CA ASP A 151 -36.74 -4.19 39.26
C ASP A 151 -36.60 -3.01 38.31
N ILE A 152 -37.63 -2.75 37.52
CA ILE A 152 -37.67 -1.55 36.70
C ILE A 152 -37.75 -0.35 37.63
N PRO A 153 -36.87 0.65 37.42
CA PRO A 153 -36.87 1.83 38.30
C PRO A 153 -38.08 2.72 38.05
N LEU A 154 -38.27 3.72 38.89
CA LEU A 154 -39.41 4.65 38.80
C LEU A 154 -39.61 5.23 37.41
N GLU A 155 -38.50 5.50 36.72
CA GLU A 155 -38.55 6.09 35.38
C GLU A 155 -39.46 5.32 34.43
N GLY A 156 -39.52 4.00 34.60
CA GLY A 156 -40.30 3.16 33.71
C GLY A 156 -41.77 3.22 34.01
N TYR A 157 -42.10 3.27 35.30
CA TYR A 157 -43.49 3.38 35.72
C TYR A 157 -44.02 4.73 35.27
N LEU A 158 -43.19 5.76 35.42
CA LEU A 158 -43.57 7.09 34.98
C LEU A 158 -43.71 7.12 33.46
N LEU A 159 -42.98 6.24 32.77
CA LEU A 159 -43.07 6.20 31.32
C LEU A 159 -44.31 5.44 30.85
N SER A 160 -44.76 4.49 31.67
CA SER A 160 -45.82 3.53 31.28
C SER A 160 -47.13 4.08 30.67
N PRO A 161 -47.56 5.30 31.05
CA PRO A 161 -48.79 5.75 30.38
C PRO A 161 -48.62 6.08 28.89
N ILE A 162 -47.51 6.71 28.53
CA ILE A 162 -47.20 7.03 27.14
C ILE A 162 -47.30 5.76 26.31
N GLN A 163 -46.60 4.73 26.79
CA GLN A 163 -46.57 3.42 26.18
C GLN A 163 -47.98 2.86 26.06
N ARG A 164 -48.75 3.00 27.14
CA ARG A 164 -50.07 2.38 27.20
C ARG A 164 -51.04 3.03 26.22
N ILE A 165 -51.13 4.36 26.24
CA ILE A 165 -52.01 5.07 25.32
C ILE A 165 -51.59 4.77 23.89
N CYS A 166 -50.31 4.47 23.68
CA CYS A 166 -49.88 4.11 22.34
C CYS A 166 -50.21 2.65 22.03
N LYS A 167 -50.55 1.85 23.04
CA LYS A 167 -50.88 0.44 22.81
C LYS A 167 -52.28 0.20 22.23
N TYR A 168 -53.26 1.04 22.58
CA TYR A 168 -54.64 0.84 22.09
C TYR A 168 -54.84 0.74 20.57
N PRO A 169 -54.19 1.60 19.75
CA PRO A 169 -54.37 1.43 18.31
C PRO A 169 -53.93 0.05 17.80
N LEU A 170 -52.92 -0.53 18.45
CA LEU A 170 -52.41 -1.84 18.09
C LEU A 170 -53.41 -2.94 18.46
N LEU A 171 -53.87 -2.89 19.71
CA LEU A 171 -54.83 -3.87 20.21
C LEU A 171 -56.09 -3.85 19.35
N LEU A 172 -56.51 -2.65 18.96
CA LEU A 172 -57.68 -2.47 18.11
C LEU A 172 -57.45 -2.85 16.65
N LYS A 173 -56.23 -2.70 16.15
CA LYS A 173 -55.93 -3.13 14.80
C LYS A 173 -56.02 -4.65 14.75
N GLU A 174 -55.54 -5.29 15.81
CA GLU A 174 -55.56 -6.74 15.88
C GLU A 174 -56.97 -7.27 16.09
N LEU A 175 -57.72 -6.57 16.93
CA LEU A 175 -59.12 -6.95 17.18
C LEU A 175 -59.94 -6.81 15.90
N ALA A 176 -59.71 -5.72 15.18
CA ALA A 176 -60.37 -5.50 13.90
C ALA A 176 -59.98 -6.59 12.91
N LYS A 177 -58.72 -6.99 12.95
CA LYS A 177 -58.22 -8.08 12.12
C LYS A 177 -59.01 -9.38 12.37
N ARG A 178 -59.52 -9.54 13.59
CA ARG A 178 -60.24 -10.74 13.97
C ARG A 178 -61.75 -10.57 13.95
N THR A 179 -62.20 -9.41 13.48
CA THR A 179 -63.63 -9.14 13.40
C THR A 179 -64.15 -9.21 11.96
N PRO A 180 -65.02 -10.20 11.68
CA PRO A 180 -65.63 -10.42 10.37
C PRO A 180 -66.44 -9.21 9.90
N GLY A 181 -66.65 -9.10 8.59
CA GLY A 181 -67.42 -8.02 8.01
C GLY A 181 -68.84 -7.90 8.55
N LYS A 182 -69.51 -9.04 8.70
CA LYS A 182 -70.90 -9.05 9.14
C LYS A 182 -71.05 -8.90 10.65
N HIS A 183 -69.94 -9.05 11.37
CA HIS A 183 -69.95 -8.94 12.83
C HIS A 183 -70.42 -7.54 13.24
N PRO A 184 -71.30 -7.47 14.24
CA PRO A 184 -71.89 -6.20 14.71
C PRO A 184 -70.86 -5.18 15.19
N ASP A 185 -69.78 -5.66 15.80
CA ASP A 185 -68.76 -4.77 16.35
C ASP A 185 -67.91 -4.07 15.29
N HIS A 186 -67.89 -4.63 14.08
CA HIS A 186 -66.97 -4.25 13.01
C HIS A 186 -66.84 -2.74 12.74
N PRO A 187 -67.96 -2.07 12.38
CA PRO A 187 -67.76 -0.64 12.08
C PRO A 187 -67.34 0.15 13.31
N ALA A 188 -67.82 -0.28 14.47
CA ALA A 188 -67.52 0.43 15.71
C ALA A 188 -66.05 0.22 16.07
N VAL A 189 -65.51 -0.96 15.75
CA VAL A 189 -64.10 -1.23 16.02
C VAL A 189 -63.21 -0.42 15.09
N GLN A 190 -63.55 -0.39 13.81
CA GLN A 190 -62.73 0.37 12.88
C GLN A 190 -62.75 1.85 13.27
N SER A 191 -63.94 2.33 13.64
CA SER A 191 -64.09 3.67 14.20
C SER A 191 -63.19 3.88 15.41
N ALA A 192 -63.18 2.89 16.31
CA ALA A 192 -62.36 2.96 17.52
C ALA A 192 -60.87 3.07 17.18
N LEU A 193 -60.45 2.30 16.17
CA LEU A 193 -59.08 2.33 15.68
C LEU A 193 -58.70 3.75 15.22
N GLN A 194 -59.48 4.29 14.30
CA GLN A 194 -59.25 5.65 13.80
C GLN A 194 -59.26 6.70 14.93
N ALA A 195 -60.16 6.51 15.89
CA ALA A 195 -60.32 7.45 16.99
C ALA A 195 -59.11 7.44 17.91
N MET A 196 -58.66 6.26 18.30
CA MET A 196 -57.52 6.17 19.21
C MET A 196 -56.24 6.61 18.53
N LYS A 197 -56.14 6.33 17.22
CA LYS A 197 -55.02 6.84 16.44
C LYS A 197 -55.02 8.37 16.50
N THR A 198 -56.19 8.98 16.32
CA THR A 198 -56.29 10.43 16.45
C THR A 198 -55.89 10.92 17.84
N VAL A 199 -56.32 10.21 18.88
CA VAL A 199 -55.92 10.56 20.24
C VAL A 199 -54.40 10.60 20.37
N CYS A 200 -53.74 9.57 19.85
CA CYS A 200 -52.29 9.46 19.97
C CYS A 200 -51.59 10.57 19.20
N SER A 201 -52.04 10.79 17.97
CA SER A 201 -51.52 11.85 17.11
C SER A 201 -51.66 13.20 17.79
N ASN A 202 -52.81 13.43 18.43
CA ASN A 202 -53.08 14.67 19.16
C ASN A 202 -52.10 14.90 20.31
N ILE A 203 -51.81 13.82 21.07
CA ILE A 203 -50.79 13.88 22.11
C ILE A 203 -49.44 14.29 21.51
N ASN A 204 -49.11 13.64 20.38
CA ASN A 204 -47.85 13.89 19.68
C ASN A 204 -47.70 15.35 19.32
N GLU A 205 -48.69 15.87 18.60
CA GLU A 205 -48.68 17.25 18.15
C GLU A 205 -48.68 18.23 19.31
N THR A 206 -49.41 17.90 20.36
CA THR A 206 -49.41 18.72 21.56
C THR A 206 -47.98 18.90 22.05
N LYS A 207 -47.26 17.79 22.20
CA LYS A 207 -45.87 17.85 22.64
C LYS A 207 -44.97 18.63 21.66
N ARG A 208 -45.20 18.44 20.36
CA ARG A 208 -44.42 19.15 19.34
C ARG A 208 -44.55 20.66 19.46
N GLN A 209 -45.78 21.13 19.48
CA GLN A 209 -46.02 22.56 19.44
C GLN A 209 -45.69 23.16 20.80
N MET A 210 -45.64 22.33 21.84
CA MET A 210 -45.16 22.84 23.12
C MET A 210 -43.63 22.95 23.08
N GLU A 211 -42.98 22.12 22.25
CA GLU A 211 -41.52 22.17 22.09
C GLU A 211 -41.08 23.43 21.34
N LYS A 212 -41.94 23.86 20.42
CA LYS A 212 -41.66 25.08 19.68
C LYS A 212 -41.44 26.27 20.62
N LEU A 213 -42.18 26.30 21.73
CA LEU A 213 -41.98 27.31 22.77
C LEU A 213 -40.56 27.23 23.35
N GLU A 214 -40.10 26.00 23.64
CA GLU A 214 -38.75 25.82 24.17
C GLU A 214 -37.74 26.40 23.19
N ALA A 215 -38.13 26.38 21.92
CA ALA A 215 -37.24 26.88 20.88
C ALA A 215 -37.30 28.41 20.85
N LEU A 216 -38.46 28.98 21.14
CA LEU A 216 -38.56 30.44 21.30
C LEU A 216 -37.68 30.95 22.44
N GLU A 217 -37.77 30.31 23.61
CA GLU A 217 -36.94 30.71 24.75
C GLU A 217 -35.45 30.56 24.42
N GLN A 218 -35.10 29.46 23.77
CA GLN A 218 -33.70 29.22 23.47
C GLN A 218 -33.16 30.20 22.43
N LEU A 219 -34.02 30.61 21.51
CA LEU A 219 -33.65 31.61 20.52
C LEU A 219 -33.41 32.96 21.20
N GLN A 220 -34.34 33.36 22.08
CA GLN A 220 -34.17 34.62 22.80
C GLN A 220 -32.87 34.62 23.61
N SER A 221 -32.53 33.47 24.19
CA SER A 221 -31.28 33.38 24.95
C SER A 221 -30.03 33.61 24.08
N HIS A 222 -30.08 33.18 22.83
CA HIS A 222 -28.97 33.35 21.89
C HIS A 222 -28.87 34.74 21.25
N ILE A 223 -29.76 35.65 21.62
CA ILE A 223 -29.73 37.01 21.06
C ILE A 223 -29.28 38.07 22.07
N GLU A 224 -28.18 38.77 21.77
CA GLU A 224 -27.59 39.74 22.69
C GLU A 224 -28.33 41.07 22.76
N GLY A 225 -28.52 41.56 23.98
CA GLY A 225 -29.16 42.85 24.20
C GLY A 225 -30.60 42.87 23.77
N TRP A 226 -31.40 41.97 24.35
CA TRP A 226 -32.80 41.86 23.99
C TRP A 226 -33.65 43.00 24.55
N GLU A 227 -34.39 43.67 23.66
CA GLU A 227 -35.31 44.72 24.07
C GLU A 227 -36.77 44.26 24.01
N GLY A 228 -37.56 44.68 24.99
CA GLY A 228 -39.00 44.41 24.99
C GLY A 228 -39.43 43.11 25.61
N SER A 229 -40.72 42.80 25.47
CA SER A 229 -41.31 41.59 26.03
C SER A 229 -40.72 40.30 25.47
N ASN A 230 -40.79 39.24 26.27
CA ASN A 230 -40.25 37.94 25.88
C ASN A 230 -41.04 37.29 24.75
N LEU A 231 -40.36 36.46 23.97
CA LEU A 231 -40.97 35.74 22.86
C LEU A 231 -42.05 34.77 23.35
N THR A 232 -41.75 34.06 24.44
CA THR A 232 -42.67 33.07 24.99
C THR A 232 -43.87 33.75 25.64
N ASP A 233 -43.77 35.07 25.83
CA ASP A 233 -44.87 35.84 26.39
C ASP A 233 -45.93 36.14 25.33
N ILE A 234 -45.50 36.41 24.10
CA ILE A 234 -46.43 36.87 23.07
C ILE A 234 -46.48 35.99 21.82
N CYS A 235 -45.63 34.98 21.74
CA CYS A 235 -45.60 34.12 20.55
C CYS A 235 -45.71 32.64 20.87
N THR A 236 -46.02 31.85 19.84
CA THR A 236 -46.15 30.40 20.00
C THR A 236 -45.13 29.63 19.16
N GLN A 237 -44.76 30.18 18.00
CA GLN A 237 -43.80 29.50 17.12
C GLN A 237 -43.11 30.46 16.15
N LEU A 238 -41.91 30.08 15.73
CA LEU A 238 -41.23 30.74 14.63
C LEU A 238 -41.73 30.20 13.29
N LEU A 239 -42.14 31.10 12.41
CA LEU A 239 -42.70 30.70 11.12
C LEU A 239 -41.67 30.72 10.00
N LEU A 240 -40.72 31.66 10.07
CA LEU A 240 -39.71 31.77 9.04
C LEU A 240 -38.50 32.59 9.50
N GLN A 241 -37.32 32.10 9.10
CA GLN A 241 -36.07 32.81 9.33
C GLN A 241 -35.15 32.74 8.10
N GLY A 242 -34.35 33.77 7.90
CA GLY A 242 -33.45 33.84 6.77
C GLY A 242 -32.68 35.15 6.76
N THR A 243 -31.64 35.23 5.92
CA THR A 243 -30.82 36.44 5.84
C THR A 243 -31.27 37.29 4.66
N LEU A 244 -31.63 38.54 4.95
CA LEU A 244 -32.19 39.44 3.94
C LEU A 244 -31.44 40.75 3.88
N LEU A 245 -31.64 41.50 2.80
CA LEU A 245 -31.00 42.81 2.69
C LEU A 245 -31.93 43.93 3.14
N LYS A 246 -31.58 44.57 4.25
CA LYS A 246 -32.41 45.63 4.83
C LYS A 246 -31.86 47.01 4.47
N ILE A 247 -32.72 47.83 3.87
CA ILE A 247 -32.40 49.18 3.46
C ILE A 247 -33.23 50.23 4.20
N SER A 248 -32.64 50.74 5.27
CA SER A 248 -33.12 51.93 5.96
C SER A 248 -32.85 53.22 5.18
N ALA A 249 -33.13 54.34 5.86
CA ALA A 249 -32.92 55.67 5.30
C ALA A 249 -31.50 55.87 4.81
N GLY A 250 -30.54 55.86 5.73
CA GLY A 250 -29.16 56.21 5.39
C GLY A 250 -28.03 55.23 5.66
N ASN A 251 -28.33 53.97 5.94
CA ASN A 251 -27.27 52.98 6.16
C ASN A 251 -27.69 51.56 5.76
N ILE A 252 -26.87 50.92 4.92
CA ILE A 252 -27.22 49.59 4.44
C ILE A 252 -26.39 48.42 5.01
N GLN A 253 -27.05 47.49 5.68
CA GLN A 253 -26.40 46.25 6.14
C GLN A 253 -27.30 45.05 5.90
N GLU A 254 -26.69 43.88 5.85
CA GLU A 254 -27.44 42.64 5.77
C GLU A 254 -27.80 42.21 7.18
N ARG A 255 -29.06 41.84 7.39
CA ARG A 255 -29.53 41.48 8.73
C ARG A 255 -30.35 40.20 8.70
N ALA A 256 -30.24 39.40 9.75
CA ALA A 256 -31.01 38.16 9.87
C ALA A 256 -32.43 38.43 10.40
N PHE A 257 -33.42 38.01 9.63
CA PHE A 257 -34.82 38.23 9.98
C PHE A 257 -35.47 36.98 10.58
N PHE A 258 -36.40 37.20 11.51
CA PHE A 258 -37.13 36.14 12.20
C PHE A 258 -38.61 36.52 12.27
N LEU A 259 -39.46 35.79 11.54
CA LEU A 259 -40.89 36.05 11.59
C LEU A 259 -41.63 35.13 12.57
N PHE A 260 -42.14 35.69 13.67
CA PHE A 260 -42.99 34.93 14.57
C PHE A 260 -44.45 35.31 14.36
N ASP A 261 -45.35 34.55 14.98
CA ASP A 261 -46.75 34.92 14.92
C ASP A 261 -46.91 36.05 15.92
N ASN A 262 -47.32 37.19 15.37
CA ASN A 262 -47.48 38.49 16.04
C ASN A 262 -46.21 39.35 16.00
N LEU A 263 -45.08 38.79 15.56
CA LEU A 263 -43.85 39.61 15.64
C LEU A 263 -42.90 39.43 14.46
N LEU A 264 -42.07 40.46 14.22
CA LEU A 264 -40.98 40.37 13.25
C LEU A 264 -39.71 40.94 13.90
N VAL A 265 -38.65 40.14 13.95
CA VAL A 265 -37.42 40.57 14.62
C VAL A 265 -36.25 40.55 13.64
N TYR A 266 -35.33 41.50 13.76
CA TYR A 266 -34.11 41.41 12.98
C TYR A 266 -32.87 41.69 13.82
N CYS A 267 -31.81 40.99 13.45
CA CYS A 267 -30.60 40.95 14.25
C CYS A 267 -29.36 41.01 13.40
N LYS A 268 -28.24 41.27 14.06
CA LYS A 268 -26.93 41.30 13.42
C LYS A 268 -26.21 39.98 13.73
N ARG A 269 -25.86 39.26 12.68
CA ARG A 269 -25.21 37.96 12.83
C ARG A 269 -23.81 38.10 13.40
N LYS A 270 -23.49 37.24 14.36
CA LYS A 270 -22.19 37.27 15.02
C LYS A 270 -21.20 36.40 14.25
N SER A 289 -24.26 33.17 22.16
CA SER A 289 -25.08 34.18 21.48
C SER A 289 -24.66 34.39 20.02
N LEU A 290 -25.47 33.85 19.12
CA LEU A 290 -25.22 33.89 17.69
C LEU A 290 -25.61 35.22 17.07
N TYR A 291 -26.50 35.97 17.72
CA TYR A 291 -27.04 37.18 17.11
C TYR A 291 -26.95 38.42 18.01
N ILE A 292 -27.10 39.59 17.40
CA ILE A 292 -27.23 40.83 18.15
C ILE A 292 -28.53 41.54 17.78
N PHE A 293 -29.35 41.86 18.78
CA PHE A 293 -30.63 42.53 18.57
C PHE A 293 -30.48 43.82 17.78
N ARG A 294 -31.39 44.04 16.84
CA ARG A 294 -31.39 45.29 16.07
C ARG A 294 -32.79 45.89 15.99
N GLY A 295 -33.83 45.05 16.00
CA GLY A 295 -35.17 45.62 16.00
C GLY A 295 -36.37 44.67 15.98
N ARG A 296 -37.51 45.17 16.45
CA ARG A 296 -38.73 44.38 16.46
C ARG A 296 -39.96 45.17 16.04
N ILE A 297 -40.79 44.56 15.20
CA ILE A 297 -42.07 45.11 14.77
C ILE A 297 -43.22 44.21 15.18
N ASN A 298 -44.21 44.75 15.88
CA ASN A 298 -45.46 44.03 16.11
C ASN A 298 -46.16 43.94 14.75
N THR A 299 -46.67 42.76 14.41
CA THR A 299 -47.11 42.53 13.04
C THR A 299 -48.45 43.15 12.67
N GLU A 300 -49.24 43.58 13.64
CA GLU A 300 -50.51 44.20 13.29
C GLU A 300 -50.30 45.69 13.04
N VAL A 301 -49.21 46.23 13.59
CA VAL A 301 -48.82 47.61 13.32
C VAL A 301 -47.75 47.63 12.26
N MET A 302 -47.87 46.68 11.32
CA MET A 302 -46.94 46.51 10.24
C MET A 302 -47.71 46.52 8.92
N GLU A 303 -47.13 47.11 7.89
CA GLU A 303 -47.75 47.05 6.57
C GLU A 303 -46.73 46.64 5.52
N VAL A 304 -47.20 45.93 4.51
CA VAL A 304 -46.32 45.45 3.45
C VAL A 304 -46.72 46.08 2.12
N GLU A 305 -45.84 46.88 1.55
CA GLU A 305 -46.08 47.40 0.21
C GLU A 305 -45.13 46.70 -0.75
N ASN A 306 -45.61 46.29 -1.92
CA ASN A 306 -44.72 45.65 -2.87
C ASN A 306 -43.94 46.68 -3.68
N VAL A 307 -42.75 46.28 -4.11
CA VAL A 307 -41.94 47.12 -4.98
C VAL A 307 -41.77 46.38 -6.29
N GLU A 308 -41.92 47.08 -7.40
CA GLU A 308 -41.77 46.43 -8.70
C GLU A 308 -40.30 46.50 -9.14
N ASP A 309 -39.88 45.47 -9.87
CA ASP A 309 -38.49 45.29 -10.24
C ASP A 309 -37.92 46.46 -11.03
N GLY A 310 -36.78 46.97 -10.57
CA GLY A 310 -36.10 48.07 -11.24
C GLY A 310 -36.46 49.44 -10.68
N THR A 311 -37.10 49.45 -9.51
CA THR A 311 -37.47 50.70 -8.85
C THR A 311 -36.32 51.23 -7.99
N ALA A 312 -36.07 52.53 -8.07
CA ALA A 312 -35.03 53.17 -7.26
C ALA A 312 -35.50 54.50 -6.66
N ASP A 313 -36.14 54.43 -5.49
CA ASP A 313 -36.65 55.62 -4.83
C ASP A 313 -35.91 55.96 -3.53
N TYR A 314 -36.40 56.99 -2.84
CA TYR A 314 -35.80 57.52 -1.60
C TYR A 314 -35.47 56.50 -0.50
N HIS A 315 -36.42 55.62 -0.18
CA HIS A 315 -36.22 54.65 0.89
C HIS A 315 -35.07 53.71 0.61
N SER A 316 -34.99 53.25 -0.64
CA SER A 316 -33.96 52.31 -1.08
C SER A 316 -32.60 53.00 -1.30
N ASN A 317 -32.50 54.27 -0.89
CA ASN A 317 -31.30 55.08 -1.10
C ASN A 317 -30.99 55.27 -2.58
N GLY A 318 -31.99 55.12 -3.44
CA GLY A 318 -31.77 55.25 -4.87
C GLY A 318 -31.07 54.04 -5.44
N TYR A 319 -31.31 52.87 -4.85
CA TYR A 319 -30.73 51.63 -5.33
C TYR A 319 -31.75 50.88 -6.17
N THR A 320 -31.26 50.12 -7.14
CA THR A 320 -32.12 49.32 -8.00
C THR A 320 -32.72 48.13 -7.24
N VAL A 321 -34.05 48.15 -7.08
CA VAL A 321 -34.72 47.11 -6.31
C VAL A 321 -35.24 46.01 -7.22
N THR A 322 -34.74 44.80 -6.99
CA THR A 322 -35.27 43.59 -7.62
C THR A 322 -35.46 42.55 -6.53
N ASN A 323 -36.57 41.81 -6.62
CA ASN A 323 -36.95 40.85 -5.58
C ASN A 323 -37.11 41.54 -4.23
N GLY A 324 -37.70 42.72 -4.23
CA GLY A 324 -37.78 43.52 -3.02
C GLY A 324 -39.17 43.91 -2.60
N TRP A 325 -39.31 44.31 -1.34
CA TRP A 325 -40.57 44.87 -0.86
C TRP A 325 -40.31 45.89 0.24
N LYS A 326 -41.31 46.71 0.53
CA LYS A 326 -41.21 47.71 1.58
C LYS A 326 -41.98 47.27 2.82
N ILE A 327 -41.35 47.47 3.97
CA ILE A 327 -41.93 47.19 5.26
C ILE A 327 -42.13 48.50 5.99
N HIS A 328 -43.40 48.81 6.22
CA HIS A 328 -43.81 49.97 6.97
C HIS A 328 -44.09 49.66 8.45
N ASN A 329 -43.15 50.05 9.30
CA ASN A 329 -43.36 50.14 10.73
C ASN A 329 -44.16 51.43 11.00
N THR A 330 -45.48 51.29 11.03
CA THR A 330 -46.37 52.42 11.20
C THR A 330 -46.29 53.02 12.60
N ALA A 331 -45.98 52.18 13.58
CA ALA A 331 -45.89 52.62 14.97
C ALA A 331 -44.66 53.48 15.22
N LYS A 332 -43.84 53.66 14.18
CA LYS A 332 -42.64 54.48 14.30
C LYS A 332 -42.40 55.35 13.06
N ASN A 333 -43.42 55.42 12.19
CA ASN A 333 -43.33 56.17 10.93
C ASN A 333 -42.19 55.72 10.02
N LYS A 334 -41.67 54.52 10.25
CA LYS A 334 -40.46 54.10 9.54
C LYS A 334 -40.73 53.15 8.38
N TRP A 335 -40.18 53.47 7.23
CA TRP A 335 -40.20 52.54 6.10
C TRP A 335 -38.81 51.93 5.96
N PHE A 336 -38.72 50.73 5.40
CA PHE A 336 -37.43 50.27 4.88
C PHE A 336 -37.63 49.14 3.88
N VAL A 337 -36.56 48.80 3.16
CA VAL A 337 -36.68 47.89 2.04
C VAL A 337 -36.02 46.55 2.35
N CYS A 338 -36.62 45.46 1.88
CA CYS A 338 -36.00 44.16 2.05
C CYS A 338 -35.82 43.54 0.68
N MET A 339 -34.63 43.00 0.44
CA MET A 339 -34.39 42.31 -0.82
C MET A 339 -33.80 40.93 -0.59
N ALA A 340 -34.37 39.99 -1.35
CA ALA A 340 -33.92 38.62 -1.36
C ALA A 340 -33.12 38.34 -2.63
N LYS A 341 -32.09 37.53 -2.49
CA LYS A 341 -31.18 37.20 -3.58
C LYS A 341 -31.88 36.62 -4.82
N THR A 342 -32.73 35.63 -4.60
CA THR A 342 -33.41 34.95 -5.70
C THR A 342 -34.86 35.38 -5.81
N ALA A 343 -35.44 35.17 -6.99
CA ALA A 343 -36.82 35.54 -7.27
C ALA A 343 -37.83 34.80 -6.40
N GLU A 344 -37.49 33.59 -5.98
CA GLU A 344 -38.45 32.75 -5.27
C GLU A 344 -38.43 33.00 -3.77
N GLU A 345 -37.25 33.34 -3.24
CA GLU A 345 -37.09 33.67 -1.82
C GLU A 345 -38.04 34.78 -1.42
N LYS A 346 -38.22 35.72 -2.35
CA LYS A 346 -39.19 36.79 -2.20
C LYS A 346 -40.59 36.29 -1.94
N GLN A 347 -41.07 35.43 -2.84
CA GLN A 347 -42.40 34.86 -2.72
C GLN A 347 -42.54 34.10 -1.40
N LYS A 348 -41.52 33.32 -1.07
CA LYS A 348 -41.50 32.61 0.20
C LYS A 348 -41.77 33.56 1.38
N TRP A 349 -41.05 34.68 1.43
CA TRP A 349 -41.24 35.64 2.51
C TRP A 349 -42.61 36.33 2.49
N LEU A 350 -43.05 36.70 1.29
CA LEU A 350 -44.30 37.42 1.15
C LEU A 350 -45.47 36.53 1.60
N ASP A 351 -45.51 35.31 1.09
CA ASP A 351 -46.55 34.37 1.50
C ASP A 351 -46.43 34.02 2.98
N ALA A 352 -45.22 34.04 3.52
CA ALA A 352 -45.08 33.78 4.95
C ALA A 352 -45.79 34.88 5.74
N ILE A 353 -45.63 36.11 5.29
CA ILE A 353 -46.24 37.24 5.99
C ILE A 353 -47.75 37.26 5.78
N ILE A 354 -48.20 36.88 4.59
CA ILE A 354 -49.63 36.80 4.29
C ILE A 354 -50.29 35.70 5.14
N ARG A 355 -49.57 34.60 5.32
CA ARG A 355 -49.98 33.51 6.20
C ARG A 355 -50.14 34.03 7.62
N GLU A 356 -49.11 34.73 8.09
CA GLU A 356 -49.10 35.26 9.45
C GLU A 356 -50.32 36.17 9.65
N ARG A 357 -50.59 37.04 8.68
CA ARG A 357 -51.73 37.95 8.81
C ARG A 357 -53.05 37.20 8.81
N GLU A 358 -53.30 36.42 7.77
CA GLU A 358 -54.54 35.66 7.67
C GLU A 358 -54.83 34.87 8.94
N GLN A 359 -53.81 34.25 9.52
CA GLN A 359 -54.02 33.45 10.72
C GLN A 359 -54.32 34.32 11.94
N ARG A 360 -53.59 35.43 12.08
CA ARG A 360 -53.82 36.34 13.21
C ARG A 360 -55.19 37.03 13.12
N GLU A 361 -55.59 37.40 11.92
CA GLU A 361 -56.91 37.97 11.65
C GLU A 361 -58.03 36.96 11.91
N SER A 362 -57.76 35.72 11.55
CA SER A 362 -58.73 34.63 11.75
C SER A 362 -58.90 34.30 13.21
N LEU A 363 -57.83 34.49 13.98
CA LEU A 363 -57.85 34.16 15.40
C LEU A 363 -58.82 35.08 16.13
N LYS A 364 -59.06 36.26 15.57
CA LYS A 364 -60.06 37.16 16.13
C LYS A 364 -61.47 36.76 15.70
N ALA B 6 -29.58 -2.24 36.85
CA ALA B 6 -30.29 -2.91 35.76
C ALA B 6 -29.92 -2.28 34.41
N ILE B 7 -29.37 -3.08 33.51
CA ILE B 7 -28.99 -2.61 32.18
C ILE B 7 -30.21 -2.21 31.38
N LYS B 8 -30.16 -1.06 30.72
CA LYS B 8 -31.29 -0.66 29.91
C LYS B 8 -31.07 -0.98 28.43
N CYS B 9 -31.89 -1.92 27.95
CA CYS B 9 -31.85 -2.36 26.57
C CYS B 9 -33.16 -1.99 25.88
N VAL B 10 -33.08 -1.02 24.98
CA VAL B 10 -34.29 -0.55 24.31
C VAL B 10 -34.41 -1.14 22.90
N VAL B 11 -35.60 -1.66 22.59
CA VAL B 11 -35.83 -2.27 21.28
C VAL B 11 -36.55 -1.31 20.34
N VAL B 12 -35.85 -0.88 19.31
CA VAL B 12 -36.37 0.07 18.34
C VAL B 12 -36.50 -0.58 16.97
N GLY B 13 -37.41 -0.11 16.13
CA GLY B 13 -37.62 -0.68 14.81
C GLY B 13 -39.04 -0.58 14.27
N ASP B 14 -39.20 -0.73 12.96
CA ASP B 14 -40.52 -0.71 12.33
C ASP B 14 -41.51 -1.69 12.98
N GLY B 15 -42.79 -1.34 12.91
CA GLY B 15 -43.85 -2.28 13.21
C GLY B 15 -43.77 -3.42 12.21
N ALA B 16 -44.05 -4.63 12.66
CA ALA B 16 -43.99 -5.86 11.86
C ALA B 16 -42.55 -6.31 11.66
N VAL B 17 -41.67 -5.86 12.54
CA VAL B 17 -40.38 -6.51 12.72
C VAL B 17 -40.56 -7.69 13.68
N GLY B 18 -41.54 -7.57 14.56
CA GLY B 18 -41.77 -8.55 15.60
C GLY B 18 -40.94 -8.31 16.84
N LYS B 19 -40.91 -7.05 17.28
CA LYS B 19 -40.19 -6.67 18.49
C LYS B 19 -40.82 -7.36 19.70
N THR B 20 -42.11 -7.07 19.91
CA THR B 20 -42.89 -7.67 21.00
C THR B 20 -42.75 -9.18 21.03
N CYS B 21 -42.94 -9.82 19.88
CA CYS B 21 -42.79 -11.27 19.77
C CYS B 21 -41.41 -11.73 20.21
N LEU B 22 -40.39 -11.07 19.67
CA LEU B 22 -39.00 -11.35 20.03
C LEU B 22 -38.73 -11.32 21.53
N LEU B 23 -39.18 -10.24 22.16
CA LEU B 23 -38.96 -10.04 23.58
C LEU B 23 -39.73 -11.05 24.43
N ILE B 24 -41.00 -11.26 24.09
CA ILE B 24 -41.82 -12.25 24.79
C ILE B 24 -41.20 -13.65 24.69
N SER B 25 -40.83 -14.04 23.47
CA SER B 25 -40.24 -15.34 23.21
C SER B 25 -38.94 -15.52 24.00
N TYR B 26 -38.12 -14.48 24.02
CA TYR B 26 -36.87 -14.53 24.76
C TYR B 26 -37.09 -14.66 26.26
N THR B 27 -37.94 -13.79 26.80
CA THR B 27 -38.10 -13.68 28.25
C THR B 27 -38.85 -14.88 28.85
N THR B 28 -39.79 -15.43 28.08
CA THR B 28 -40.59 -16.58 28.53
C THR B 28 -40.05 -17.95 28.11
N ASN B 29 -38.95 -17.94 27.36
CA ASN B 29 -38.26 -19.17 26.91
C ASN B 29 -39.07 -20.04 25.94
N ALA B 30 -40.17 -19.52 25.41
CA ALA B 30 -40.97 -20.29 24.46
C ALA B 30 -41.79 -19.37 23.56
N PHE B 31 -41.78 -19.66 22.26
CA PHE B 31 -42.59 -18.91 21.30
C PHE B 31 -44.07 -19.08 21.63
N PRO B 32 -44.77 -17.96 21.85
CA PRO B 32 -46.16 -17.92 22.33
C PRO B 32 -47.13 -18.76 21.50
N GLY B 33 -46.85 -18.98 20.22
CA GLY B 33 -47.65 -19.91 19.44
C GLY B 33 -48.74 -19.29 18.58
N GLU B 34 -49.95 -19.84 18.72
CA GLU B 34 -51.11 -19.42 17.95
C GLU B 34 -51.37 -17.93 18.00
N TYR B 35 -51.51 -17.41 19.22
CA TYR B 35 -51.71 -15.98 19.43
C TYR B 35 -50.45 -15.28 19.92
N ILE B 36 -49.99 -14.30 19.16
CA ILE B 36 -48.90 -13.45 19.60
C ILE B 36 -49.44 -12.21 20.30
N PRO B 37 -49.07 -12.04 21.58
CA PRO B 37 -49.54 -10.92 22.39
C PRO B 37 -49.04 -9.60 21.83
N THR B 38 -49.80 -8.55 22.10
CA THR B 38 -49.48 -7.21 21.60
C THR B 38 -48.69 -6.42 22.64
N VAL B 39 -48.95 -6.70 23.91
CA VAL B 39 -48.36 -5.93 24.99
C VAL B 39 -47.21 -6.66 25.68
N PHE B 40 -46.08 -5.99 25.80
CA PHE B 40 -44.95 -6.47 26.59
C PHE B 40 -44.59 -5.41 27.63
N ASP B 41 -44.97 -5.63 28.88
CA ASP B 41 -44.66 -4.69 29.94
C ASP B 41 -43.16 -4.56 30.12
N ASN B 42 -42.71 -3.39 30.56
CA ASN B 42 -41.29 -3.16 30.83
C ASN B 42 -40.76 -4.25 31.71
N TYR B 43 -39.77 -4.99 31.23
CA TYR B 43 -39.40 -6.21 31.93
C TYR B 43 -38.01 -6.13 32.55
N SER B 44 -37.82 -6.86 33.64
CA SER B 44 -36.49 -6.97 34.25
C SER B 44 -36.17 -8.44 34.50
N ALA B 45 -35.24 -8.98 33.72
CA ALA B 45 -34.86 -10.38 33.82
C ALA B 45 -33.51 -10.58 34.49
N ASN B 46 -33.30 -11.81 34.96
CA ASN B 46 -32.02 -12.25 35.49
C ASN B 46 -31.31 -13.10 34.46
N VAL B 47 -30.32 -12.53 33.77
CA VAL B 47 -29.64 -13.26 32.72
C VAL B 47 -28.23 -13.69 33.15
N MET B 48 -27.82 -14.90 32.79
CA MET B 48 -26.46 -15.33 33.09
C MET B 48 -25.57 -15.23 31.86
N VAL B 49 -24.63 -14.28 31.89
CA VAL B 49 -23.70 -14.10 30.79
C VAL B 49 -22.24 -14.30 31.22
N ASP B 50 -21.53 -15.20 30.54
CA ASP B 50 -20.13 -15.47 30.80
C ASP B 50 -19.85 -15.76 32.28
N GLY B 51 -20.63 -16.66 32.83
CA GLY B 51 -20.48 -17.10 34.20
C GLY B 51 -20.88 -16.06 35.24
N LYS B 52 -21.17 -14.84 34.80
CA LYS B 52 -21.63 -13.81 35.73
C LYS B 52 -23.08 -13.42 35.50
N PRO B 53 -23.84 -13.24 36.60
CA PRO B 53 -25.24 -12.83 36.59
C PRO B 53 -25.43 -11.33 36.40
N VAL B 54 -26.15 -10.97 35.34
CA VAL B 54 -26.50 -9.59 35.07
C VAL B 54 -28.01 -9.41 35.17
N ASN B 55 -28.43 -8.15 35.30
CA ASN B 55 -29.84 -7.82 35.46
C ASN B 55 -30.31 -7.04 34.24
N LEU B 56 -30.86 -7.76 33.27
CA LEU B 56 -31.28 -7.17 31.99
C LEU B 56 -32.68 -6.57 31.99
N GLY B 57 -32.77 -5.26 31.84
CA GLY B 57 -34.06 -4.59 31.73
C GLY B 57 -34.38 -4.29 30.27
N LEU B 58 -35.49 -4.85 29.80
CA LEU B 58 -35.87 -4.77 28.39
C LEU B 58 -37.08 -3.87 28.21
N TRP B 59 -36.98 -2.97 27.23
CA TRP B 59 -38.01 -1.98 27.00
C TRP B 59 -38.49 -2.07 25.55
N ASP B 60 -39.78 -2.36 25.36
CA ASP B 60 -40.37 -2.46 24.03
C ASP B 60 -40.95 -1.10 23.59
N THR B 61 -40.98 -0.86 22.28
CA THR B 61 -41.48 0.40 21.75
C THR B 61 -42.66 0.25 20.79
N ALA B 62 -43.28 -0.92 20.78
CA ALA B 62 -44.39 -1.19 19.86
C ALA B 62 -45.53 -0.19 20.02
N GLY B 63 -45.92 0.44 18.92
CA GLY B 63 -47.00 1.42 18.94
C GLY B 63 -46.53 2.85 18.74
N GLN B 64 -45.31 3.13 19.16
CA GLN B 64 -44.76 4.49 19.07
C GLN B 64 -44.12 4.78 17.71
N GLU B 65 -44.19 3.81 16.80
CA GLU B 65 -43.51 3.89 15.52
C GLU B 65 -43.91 5.08 14.64
N ASP B 66 -45.16 5.52 14.76
CA ASP B 66 -45.66 6.63 13.94
C ASP B 66 -45.69 7.99 14.64
N TYR B 67 -45.34 8.00 15.91
CA TYR B 67 -45.44 9.20 16.74
C TYR B 67 -44.06 9.69 17.15
N ASP B 68 -43.49 10.55 16.31
CA ASP B 68 -42.07 10.91 16.40
C ASP B 68 -41.68 11.69 17.65
N ARG B 69 -42.59 12.49 18.18
CA ARG B 69 -42.26 13.31 19.34
C ARG B 69 -42.44 12.53 20.65
N LEU B 70 -43.12 11.39 20.58
CA LEU B 70 -43.32 10.54 21.76
C LEU B 70 -42.18 9.56 21.96
N ARG B 71 -41.68 8.99 20.86
CA ARG B 71 -40.55 8.04 20.90
C ARG B 71 -39.37 8.43 21.79
N PRO B 72 -38.82 9.66 21.62
CA PRO B 72 -37.57 10.00 22.32
C PRO B 72 -37.65 9.90 23.83
N LEU B 73 -38.86 9.83 24.38
CA LEU B 73 -39.05 9.75 25.82
C LEU B 73 -38.51 8.44 26.40
N SER B 74 -38.36 7.43 25.54
CA SER B 74 -37.83 6.12 25.95
C SER B 74 -36.30 6.03 25.91
N TYR B 75 -35.66 7.00 25.28
CA TYR B 75 -34.22 6.91 25.01
C TYR B 75 -33.25 7.30 26.15
N PRO B 76 -33.55 8.36 26.94
CA PRO B 76 -32.63 8.71 28.04
C PRO B 76 -32.21 7.54 28.94
N GLN B 77 -30.91 7.46 29.22
CA GLN B 77 -30.30 6.47 30.12
C GLN B 77 -30.24 5.07 29.53
N THR B 78 -30.43 4.95 28.23
CA THR B 78 -30.32 3.64 27.59
C THR B 78 -28.87 3.18 27.59
N ASP B 79 -28.67 1.89 27.84
CA ASP B 79 -27.33 1.31 27.83
C ASP B 79 -27.03 0.67 26.48
N VAL B 80 -28.08 0.19 25.80
CA VAL B 80 -27.87 -0.41 24.48
C VAL B 80 -29.16 -0.48 23.69
N PHE B 81 -29.09 -0.08 22.43
CA PHE B 81 -30.24 -0.18 21.54
C PHE B 81 -30.14 -1.42 20.65
N LEU B 82 -31.28 -2.07 20.44
CA LEU B 82 -31.38 -3.08 19.41
C LEU B 82 -32.24 -2.49 18.31
N ILE B 83 -31.61 -2.14 17.19
CA ILE B 83 -32.37 -1.65 16.06
C ILE B 83 -32.72 -2.85 15.22
N CYS B 84 -34.01 -3.02 14.97
CA CYS B 84 -34.50 -4.25 14.41
C CYS B 84 -35.06 -4.07 13.02
N PHE B 85 -34.87 -5.07 12.17
CA PHE B 85 -35.51 -5.07 10.86
C PHE B 85 -35.84 -6.51 10.49
N SER B 86 -36.97 -6.69 9.82
CA SER B 86 -37.37 -8.00 9.35
C SER B 86 -36.61 -8.40 8.08
N LEU B 87 -35.91 -9.54 8.15
CA LEU B 87 -35.18 -10.09 7.02
C LEU B 87 -36.05 -10.38 5.80
N VAL B 88 -37.36 -10.30 5.96
CA VAL B 88 -38.27 -10.51 4.84
C VAL B 88 -39.08 -9.25 4.53
N SER B 89 -38.61 -8.11 5.03
CA SER B 89 -39.20 -6.82 4.72
C SER B 89 -38.12 -5.78 4.38
N PRO B 90 -37.81 -5.63 3.08
CA PRO B 90 -36.79 -4.69 2.63
C PRO B 90 -37.12 -3.24 2.99
N ALA B 91 -38.39 -2.91 3.13
CA ALA B 91 -38.80 -1.59 3.59
C ALA B 91 -38.26 -1.31 4.98
N SER B 92 -38.43 -2.28 5.88
CA SER B 92 -38.02 -2.13 7.27
C SER B 92 -36.50 -2.11 7.36
N PHE B 93 -35.86 -2.75 6.38
CA PHE B 93 -34.42 -2.71 6.25
C PHE B 93 -33.96 -1.30 5.89
N GLU B 94 -34.55 -0.76 4.82
CA GLU B 94 -34.29 0.61 4.41
C GLU B 94 -34.47 1.59 5.56
N ASN B 95 -35.52 1.41 6.35
CA ASN B 95 -35.79 2.31 7.46
C ASN B 95 -34.73 2.30 8.56
N VAL B 96 -33.85 1.30 8.52
CA VAL B 96 -32.67 1.30 9.41
C VAL B 96 -31.84 2.51 9.04
N ARG B 97 -31.67 2.71 7.74
CA ARG B 97 -30.95 3.86 7.22
C ARG B 97 -31.73 5.18 7.27
N ALA B 98 -32.96 5.14 6.77
CA ALA B 98 -33.79 6.33 6.69
C ALA B 98 -34.34 6.89 8.00
N LYS B 99 -34.69 6.02 8.94
CA LYS B 99 -35.47 6.51 10.08
C LYS B 99 -34.86 6.24 11.47
N TRP B 100 -34.44 5.01 11.74
CA TRP B 100 -34.10 4.65 13.10
C TRP B 100 -32.69 5.02 13.55
N TYR B 101 -31.68 4.66 12.77
CA TYR B 101 -30.29 4.98 13.12
C TYR B 101 -30.06 6.48 13.38
N PRO B 102 -30.43 7.36 12.43
CA PRO B 102 -30.18 8.78 12.72
C PRO B 102 -30.89 9.33 13.96
N GLU B 103 -32.07 8.81 14.26
CA GLU B 103 -32.86 9.28 15.39
C GLU B 103 -32.18 8.85 16.69
N VAL B 104 -31.87 7.55 16.75
CA VAL B 104 -31.23 6.97 17.94
C VAL B 104 -29.89 7.65 18.18
N ARG B 105 -29.16 7.88 17.10
CA ARG B 105 -27.87 8.55 17.19
C ARG B 105 -28.04 10.01 17.59
N HIS B 106 -29.16 10.63 17.21
CA HIS B 106 -29.38 12.01 17.57
C HIS B 106 -29.56 12.13 19.07
N HIS B 107 -30.45 11.33 19.65
CA HIS B 107 -30.64 11.43 21.09
C HIS B 107 -29.56 10.73 21.91
N CYS B 108 -28.95 9.67 21.36
CA CYS B 108 -27.92 8.94 22.08
C CYS B 108 -26.69 8.68 21.21
N PRO B 109 -25.78 9.68 21.16
CA PRO B 109 -24.63 9.60 20.25
C PRO B 109 -23.57 8.61 20.70
N ASN B 110 -23.60 8.20 21.97
CA ASN B 110 -22.55 7.34 22.51
C ASN B 110 -23.02 5.92 22.82
N THR B 111 -24.34 5.74 22.83
CA THR B 111 -24.93 4.46 23.19
C THR B 111 -24.77 3.41 22.10
N PRO B 112 -24.26 2.22 22.46
CA PRO B 112 -24.03 1.17 21.46
C PRO B 112 -25.32 0.68 20.78
N ILE B 113 -25.18 0.35 19.50
CA ILE B 113 -26.28 -0.09 18.67
C ILE B 113 -26.00 -1.47 18.08
N ILE B 114 -26.91 -2.40 18.30
CA ILE B 114 -26.82 -3.69 17.62
C ILE B 114 -27.90 -3.82 16.55
N LEU B 115 -27.47 -4.14 15.32
CA LEU B 115 -28.41 -4.35 14.24
C LEU B 115 -28.91 -5.79 14.29
N VAL B 116 -30.22 -5.94 14.50
CA VAL B 116 -30.83 -7.25 14.63
C VAL B 116 -31.81 -7.52 13.50
N GLY B 117 -31.52 -8.56 12.72
CA GLY B 117 -32.45 -9.07 11.73
C GLY B 117 -33.36 -10.12 12.33
N THR B 118 -34.66 -9.90 12.21
CA THR B 118 -35.64 -10.81 12.78
C THR B 118 -36.28 -11.65 11.67
N LYS B 119 -37.15 -12.56 12.08
CA LYS B 119 -37.87 -13.45 11.18
C LYS B 119 -36.94 -14.23 10.24
N LEU B 120 -35.82 -14.66 10.80
CA LEU B 120 -34.82 -15.45 10.08
C LEU B 120 -35.44 -16.72 9.51
N ASP B 121 -36.42 -17.28 10.23
CA ASP B 121 -37.07 -18.52 9.82
C ASP B 121 -37.77 -18.40 8.48
N LEU B 122 -38.01 -17.16 8.04
CA LEU B 122 -38.74 -16.90 6.81
C LEU B 122 -37.88 -16.55 5.60
N ARG B 123 -36.59 -16.23 5.81
CA ARG B 123 -35.71 -15.80 4.72
C ARG B 123 -35.63 -16.81 3.57
N ASP B 124 -35.81 -18.09 3.88
CA ASP B 124 -35.76 -19.12 2.87
C ASP B 124 -37.07 -19.90 2.85
N ASP B 125 -38.08 -19.34 3.50
CA ASP B 125 -39.41 -19.92 3.44
C ASP B 125 -39.95 -19.68 2.05
N LYS B 126 -40.20 -20.78 1.36
CA LYS B 126 -40.57 -20.76 -0.05
C LYS B 126 -41.78 -19.86 -0.32
N ASP B 127 -42.83 -20.02 0.47
CA ASP B 127 -44.05 -19.23 0.27
C ASP B 127 -43.75 -17.74 0.39
N THR B 128 -43.05 -17.36 1.45
CA THR B 128 -42.66 -15.97 1.67
C THR B 128 -41.84 -15.44 0.50
N ILE B 129 -40.78 -16.15 0.12
CA ILE B 129 -39.96 -15.76 -1.03
C ILE B 129 -40.78 -15.56 -2.31
N GLU B 130 -41.75 -16.42 -2.56
CA GLU B 130 -42.52 -16.30 -3.78
C GLU B 130 -43.41 -15.05 -3.69
N LYS B 131 -43.96 -14.84 -2.50
CA LYS B 131 -44.82 -13.69 -2.25
C LYS B 131 -44.08 -12.38 -2.39
N LEU B 132 -42.84 -12.37 -1.93
CA LEU B 132 -41.96 -11.22 -2.07
C LEU B 132 -41.61 -10.98 -3.53
N LYS B 133 -41.36 -12.07 -4.25
CA LYS B 133 -41.03 -11.97 -5.67
C LYS B 133 -42.21 -11.42 -6.46
N GLU B 134 -43.43 -11.59 -5.93
CA GLU B 134 -44.59 -11.00 -6.58
C GLU B 134 -44.48 -9.49 -6.71
N LYS B 135 -43.88 -8.84 -5.72
CA LYS B 135 -43.70 -7.39 -5.74
C LYS B 135 -42.27 -7.00 -6.11
N LYS B 136 -41.63 -7.81 -6.95
CA LYS B 136 -40.26 -7.56 -7.41
C LYS B 136 -39.28 -7.33 -6.25
N LEU B 137 -39.45 -8.11 -5.18
CA LEU B 137 -38.62 -7.98 -3.99
C LEU B 137 -37.98 -9.30 -3.57
N THR B 138 -36.91 -9.21 -2.79
CA THR B 138 -36.23 -10.38 -2.23
C THR B 138 -35.81 -10.13 -0.79
N PRO B 139 -35.77 -11.19 0.02
CA PRO B 139 -35.35 -11.08 1.43
C PRO B 139 -33.92 -10.56 1.60
N ILE B 140 -33.67 -9.88 2.71
CA ILE B 140 -32.34 -9.37 3.03
C ILE B 140 -31.36 -10.50 3.36
N THR B 141 -30.28 -10.57 2.59
CA THR B 141 -29.25 -11.58 2.83
C THR B 141 -28.26 -11.10 3.91
N TYR B 142 -27.53 -12.05 4.50
CA TYR B 142 -26.58 -11.73 5.56
C TYR B 142 -25.54 -10.65 5.21
N PRO B 143 -24.89 -10.74 4.03
CA PRO B 143 -23.93 -9.68 3.69
C PRO B 143 -24.55 -8.28 3.60
N GLN B 144 -25.75 -8.19 3.04
CA GLN B 144 -26.46 -6.93 2.94
C GLN B 144 -26.61 -6.32 4.33
N GLY B 145 -27.02 -7.15 5.28
CA GLY B 145 -27.24 -6.72 6.66
C GLY B 145 -25.96 -6.37 7.38
N LEU B 146 -24.88 -7.07 7.08
CA LEU B 146 -23.58 -6.74 7.66
C LEU B 146 -23.09 -5.40 7.13
N ALA B 147 -23.34 -5.14 5.85
CA ALA B 147 -23.07 -3.85 5.23
C ALA B 147 -23.82 -2.75 5.96
N MET B 148 -25.12 -2.96 6.14
CA MET B 148 -25.96 -2.01 6.88
C MET B 148 -25.41 -1.77 8.28
N ALA B 149 -25.00 -2.84 8.95
CA ALA B 149 -24.46 -2.75 10.29
C ALA B 149 -23.18 -1.92 10.37
N LYS B 150 -22.26 -2.13 9.43
CA LYS B 150 -21.04 -1.35 9.35
C LYS B 150 -21.33 0.12 9.04
N GLU B 151 -22.26 0.37 8.11
CA GLU B 151 -22.62 1.73 7.72
C GLU B 151 -23.04 2.64 8.87
N ILE B 152 -23.88 2.12 9.75
CA ILE B 152 -24.38 2.90 10.88
C ILE B 152 -23.45 2.75 12.08
N GLY B 153 -22.36 2.03 11.87
CA GLY B 153 -21.36 1.81 12.91
C GLY B 153 -21.96 1.07 14.09
N ALA B 154 -22.60 -0.06 13.79
CA ALA B 154 -23.16 -0.90 14.83
C ALA B 154 -22.09 -1.78 15.47
N VAL B 155 -22.21 -2.00 16.76
CA VAL B 155 -21.28 -2.85 17.49
C VAL B 155 -21.38 -4.29 17.00
N LYS B 156 -22.56 -4.69 16.51
CA LYS B 156 -22.70 -6.04 16.01
C LYS B 156 -23.88 -6.18 15.05
N TYR B 157 -23.80 -7.19 14.21
CA TYR B 157 -24.90 -7.59 13.36
C TYR B 157 -25.30 -9.01 13.72
N LEU B 158 -26.55 -9.19 14.12
CA LEU B 158 -27.01 -10.52 14.51
C LEU B 158 -28.39 -10.83 13.93
N GLU B 159 -28.53 -12.07 13.48
CA GLU B 159 -29.79 -12.56 12.97
C GLU B 159 -30.42 -13.52 13.97
N CYS B 160 -31.74 -13.64 13.92
CA CYS B 160 -32.43 -14.52 14.84
C CYS B 160 -33.87 -14.81 14.45
N SER B 161 -34.45 -15.81 15.09
CA SER B 161 -35.86 -16.16 14.87
C SER B 161 -36.55 -16.34 16.22
N ALA B 162 -37.60 -15.55 16.45
CA ALA B 162 -38.38 -15.67 17.68
C ALA B 162 -39.12 -17.00 17.72
N LEU B 163 -39.46 -17.51 16.54
CA LEU B 163 -40.17 -18.79 16.43
C LEU B 163 -39.27 -19.96 16.82
N THR B 164 -38.19 -20.15 16.07
CA THR B 164 -37.29 -21.28 16.30
C THR B 164 -36.24 -21.03 17.39
N GLN B 165 -36.23 -19.81 17.94
CA GLN B 165 -35.28 -19.39 18.97
C GLN B 165 -33.83 -19.38 18.48
N ARG B 166 -33.65 -19.68 17.20
CA ARG B 166 -32.32 -19.67 16.57
C ARG B 166 -31.61 -18.33 16.67
N GLY B 167 -30.49 -18.29 17.39
CA GLY B 167 -29.70 -17.09 17.50
C GLY B 167 -30.30 -16.00 18.36
N LEU B 168 -31.38 -16.35 19.07
CA LEU B 168 -32.11 -15.38 19.89
C LEU B 168 -31.39 -15.00 21.19
N LYS B 169 -30.86 -15.99 21.89
CA LYS B 169 -30.13 -15.80 23.15
C LYS B 169 -28.91 -14.90 22.95
N THR B 170 -28.26 -15.09 21.82
CA THR B 170 -27.03 -14.41 21.49
C THR B 170 -27.25 -12.91 21.32
N VAL B 171 -28.42 -12.53 20.84
CA VAL B 171 -28.75 -11.12 20.68
C VAL B 171 -28.70 -10.36 22.02
N PHE B 172 -29.25 -10.96 23.06
CA PHE B 172 -29.38 -10.27 24.32
C PHE B 172 -28.14 -10.48 25.15
N ASP B 173 -27.42 -11.55 24.86
CA ASP B 173 -26.13 -11.77 25.50
C ASP B 173 -25.16 -10.73 24.96
N GLU B 174 -25.25 -10.49 23.65
CA GLU B 174 -24.38 -9.54 23.00
C GLU B 174 -24.74 -8.12 23.40
N ALA B 175 -26.01 -7.88 23.74
CA ALA B 175 -26.40 -6.59 24.28
C ALA B 175 -25.72 -6.37 25.62
N ILE B 176 -25.86 -7.35 26.48
CA ILE B 176 -25.25 -7.31 27.81
C ILE B 176 -23.74 -7.14 27.74
N ARG B 177 -23.12 -7.84 26.79
CA ARG B 177 -21.68 -7.77 26.60
C ARG B 177 -21.28 -6.40 26.04
N ALA B 178 -22.12 -5.84 25.18
CA ALA B 178 -21.86 -4.53 24.61
C ALA B 178 -22.00 -3.42 25.64
N VAL B 179 -22.74 -3.67 26.72
CA VAL B 179 -22.87 -2.69 27.78
C VAL B 179 -21.73 -2.79 28.79
N LEU B 180 -21.52 -3.98 29.34
CA LEU B 180 -20.53 -4.14 30.40
C LEU B 180 -19.13 -3.77 29.91
N CYS B 181 -18.87 -4.01 28.63
CA CYS B 181 -17.56 -3.69 28.06
C CYS B 181 -17.71 -2.79 26.85
N ALA C 4 -19.45 -41.24 1.74
CA ALA C 4 -18.05 -41.28 2.13
C ALA C 4 -17.54 -39.92 2.59
N ALA C 5 -18.09 -38.86 2.01
CA ALA C 5 -17.73 -37.49 2.37
C ALA C 5 -18.32 -37.07 3.70
N ALA C 6 -19.42 -37.71 4.06
CA ALA C 6 -20.08 -37.42 5.33
C ALA C 6 -19.13 -37.74 6.46
N ARG C 7 -18.30 -38.74 6.20
CA ARG C 7 -17.28 -39.18 7.14
C ARG C 7 -16.29 -38.03 7.30
N GLU C 8 -16.01 -37.33 6.20
CA GLU C 8 -15.13 -36.17 6.24
C GLU C 8 -15.75 -35.13 7.18
N SER C 9 -17.07 -34.96 7.08
CA SER C 9 -17.76 -34.02 7.96
C SER C 9 -17.58 -34.43 9.44
N GLU C 10 -17.69 -35.72 9.70
CA GLU C 10 -17.51 -36.26 11.04
C GLU C 10 -16.10 -35.94 11.56
N ARG C 11 -15.14 -35.99 10.64
CA ARG C 11 -13.76 -35.66 10.98
C ARG C 11 -13.69 -34.18 11.36
N GLN C 12 -14.38 -33.36 10.59
CA GLN C 12 -14.46 -31.93 10.87
C GLN C 12 -14.93 -31.66 12.30
N LEU C 13 -15.96 -32.38 12.77
CA LEU C 13 -16.38 -32.15 14.15
C LEU C 13 -15.38 -32.65 15.17
N ARG C 14 -14.83 -33.84 14.93
CA ARG C 14 -13.78 -34.40 15.78
C ARG C 14 -12.63 -33.39 16.03
N LEU C 15 -12.21 -32.74 14.94
CA LEU C 15 -11.10 -31.81 14.98
C LEU C 15 -11.48 -30.48 15.61
N ARG C 16 -12.62 -29.93 15.23
CA ARG C 16 -13.13 -28.72 15.87
C ARG C 16 -13.19 -28.86 17.39
N LEU C 17 -13.64 -30.04 17.83
CA LEU C 17 -13.66 -30.36 19.25
C LEU C 17 -12.26 -30.37 19.83
N CYS C 18 -11.32 -30.95 19.09
CA CYS C 18 -9.93 -30.90 19.53
C CYS C 18 -9.45 -29.46 19.76
N VAL C 19 -9.83 -28.57 18.85
CA VAL C 19 -9.44 -27.16 18.93
C VAL C 19 -10.05 -26.47 20.15
N LEU C 20 -11.35 -26.66 20.35
CA LEU C 20 -12.05 -26.07 21.48
C LEU C 20 -11.41 -26.50 22.80
N ASN C 21 -11.21 -27.81 22.90
CA ASN C 21 -10.55 -28.44 24.04
C ASN C 21 -9.16 -27.87 24.30
N GLU C 22 -8.39 -27.67 23.24
CA GLU C 22 -7.07 -27.09 23.37
C GLU C 22 -7.13 -25.67 23.91
N ILE C 23 -7.97 -24.84 23.31
CA ILE C 23 -8.14 -23.46 23.76
C ILE C 23 -8.44 -23.41 25.26
N LEU C 24 -9.38 -24.25 25.69
CA LEU C 24 -9.76 -24.28 27.11
C LEU C 24 -8.64 -24.75 28.02
N GLY C 25 -8.07 -25.92 27.70
CA GLY C 25 -7.00 -26.50 28.49
C GLY C 25 -5.79 -25.60 28.63
N THR C 26 -5.43 -24.92 27.54
CA THR C 26 -4.26 -24.05 27.54
C THR C 26 -4.57 -22.74 28.24
N GLU C 27 -5.82 -22.27 28.17
CA GLU C 27 -6.18 -21.14 29.00
C GLU C 27 -6.05 -21.47 30.48
N ARG C 28 -6.45 -22.69 30.84
CA ARG C 28 -6.33 -23.14 32.23
C ARG C 28 -4.88 -23.19 32.65
N ASP C 29 -4.04 -23.76 31.78
CA ASP C 29 -2.60 -23.81 32.03
C ASP C 29 -2.01 -22.42 32.20
N TYR C 30 -2.43 -21.50 31.33
CA TYR C 30 -1.89 -20.15 31.30
C TYR C 30 -2.23 -19.38 32.57
N VAL C 31 -3.51 -19.40 32.92
CA VAL C 31 -3.97 -18.80 34.16
C VAL C 31 -3.21 -19.45 35.32
N GLY C 32 -2.99 -20.76 35.22
CA GLY C 32 -2.16 -21.48 36.18
C GLY C 32 -0.79 -20.87 36.35
N THR C 33 -0.10 -20.59 35.24
CA THR C 33 1.21 -19.96 35.27
C THR C 33 1.17 -18.57 35.91
N LEU C 34 0.19 -17.77 35.50
CA LEU C 34 0.06 -16.42 36.03
C LEU C 34 -0.14 -16.46 37.54
N ARG C 35 -0.97 -17.41 37.98
CA ARG C 35 -1.25 -17.61 39.39
C ARG C 35 -0.03 -18.13 40.16
N PHE C 36 0.79 -18.92 39.49
CA PHE C 36 2.06 -19.36 40.07
C PHE C 36 2.97 -18.17 40.32
N LEU C 37 3.11 -17.33 39.30
CA LEU C 37 3.93 -16.14 39.40
C LEU C 37 3.41 -15.24 40.52
N GLN C 38 2.09 -15.11 40.63
CA GLN C 38 1.48 -14.32 41.70
C GLN C 38 1.77 -14.89 43.08
N SER C 39 1.46 -16.17 43.29
CA SER C 39 1.59 -16.80 44.60
C SER C 39 3.03 -16.93 45.07
N ALA C 40 3.86 -17.57 44.26
CA ALA C 40 5.23 -17.91 44.65
C ALA C 40 6.11 -16.68 44.84
N PHE C 41 5.83 -15.62 44.08
CA PHE C 41 6.67 -14.41 44.10
C PHE C 41 5.99 -13.21 44.74
N LEU C 42 4.91 -12.77 44.11
CA LEU C 42 4.29 -11.51 44.45
C LEU C 42 3.72 -11.54 45.86
N HIS C 43 2.84 -12.51 46.12
CA HIS C 43 2.28 -12.70 47.46
C HIS C 43 3.34 -12.90 48.53
N ARG C 44 4.36 -13.69 48.19
CA ARG C 44 5.45 -13.99 49.11
C ARG C 44 6.33 -12.77 49.40
N ILE C 45 6.60 -11.98 48.37
CA ILE C 45 7.38 -10.75 48.53
C ILE C 45 6.61 -9.72 49.34
N ARG C 46 5.30 -9.69 49.15
CA ARG C 46 4.46 -8.71 49.85
C ARG C 46 4.18 -9.09 51.30
N GLN C 47 4.07 -10.39 51.58
CA GLN C 47 3.86 -10.84 52.97
C GLN C 47 4.92 -10.30 53.93
N ASN C 48 6.18 -10.27 53.48
CA ASN C 48 7.24 -9.61 54.24
C ASN C 48 8.16 -8.78 53.36
N VAL C 49 7.79 -7.52 53.18
CA VAL C 49 8.54 -6.58 52.36
C VAL C 49 9.87 -6.15 52.98
N ALA C 50 9.96 -6.14 54.30
CA ALA C 50 11.21 -5.77 54.97
C ALA C 50 12.30 -6.75 54.62
N ASP C 51 11.92 -8.02 54.51
CA ASP C 51 12.83 -9.08 54.15
C ASP C 51 13.22 -8.92 52.68
N SER C 52 12.26 -8.46 51.88
CA SER C 52 12.45 -8.23 50.46
C SER C 52 13.53 -7.17 50.22
N VAL C 53 13.38 -6.02 50.86
CA VAL C 53 14.31 -4.92 50.69
C VAL C 53 15.64 -5.34 51.28
N GLU C 54 15.61 -5.96 52.46
CA GLU C 54 16.84 -6.35 53.12
C GLU C 54 17.50 -7.53 52.40
N LYS C 55 16.89 -8.04 51.34
CA LYS C 55 17.57 -9.08 50.58
C LYS C 55 18.09 -8.59 49.23
N GLY C 56 17.56 -7.46 48.77
CA GLY C 56 18.09 -6.84 47.56
C GLY C 56 17.01 -6.46 46.57
N LEU C 57 15.78 -6.85 46.85
CA LEU C 57 14.65 -6.55 45.97
C LEU C 57 13.88 -5.31 46.42
N THR C 58 14.20 -4.16 45.83
CA THR C 58 13.44 -2.93 46.09
C THR C 58 12.09 -2.98 45.39
N GLU C 59 11.16 -2.13 45.83
CA GLU C 59 9.84 -2.07 45.21
C GLU C 59 9.96 -1.78 43.72
N GLU C 60 10.94 -0.94 43.41
CA GLU C 60 11.30 -0.64 42.03
C GLU C 60 11.67 -1.91 41.27
N ASN C 61 12.42 -2.79 41.93
CA ASN C 61 12.84 -4.05 41.34
C ASN C 61 11.65 -4.89 40.87
N VAL C 62 10.73 -5.17 41.78
CA VAL C 62 9.52 -5.93 41.49
C VAL C 62 8.62 -5.21 40.46
N LYS C 63 8.51 -3.89 40.61
CA LYS C 63 7.68 -3.07 39.72
C LYS C 63 8.16 -3.20 38.29
N VAL C 64 9.47 -3.20 38.10
CA VAL C 64 10.05 -3.35 36.77
C VAL C 64 10.04 -4.79 36.26
N LEU C 65 10.34 -5.74 37.16
CA LEU C 65 10.45 -7.15 36.78
C LEU C 65 9.13 -7.78 36.34
N PHE C 66 8.10 -7.65 37.16
CA PHE C 66 6.84 -8.34 36.91
C PHE C 66 5.79 -7.44 36.25
N SER C 67 6.13 -6.17 36.08
CA SER C 67 5.26 -5.20 35.41
C SER C 67 3.81 -5.28 35.89
N ASN C 68 2.87 -5.28 34.94
CA ASN C 68 1.45 -5.35 35.26
C ASN C 68 0.86 -6.75 35.03
N ILE C 69 1.64 -7.77 35.35
CA ILE C 69 1.24 -9.16 35.14
C ILE C 69 -0.07 -9.52 35.89
N GLU C 70 -0.34 -8.83 37.00
CA GLU C 70 -1.55 -9.10 37.77
C GLU C 70 -2.80 -8.55 37.09
N ASP C 71 -2.64 -7.50 36.29
CA ASP C 71 -3.77 -6.96 35.54
C ASP C 71 -4.14 -7.92 34.41
N ILE C 72 -3.10 -8.46 33.79
CA ILE C 72 -3.25 -9.49 32.77
C ILE C 72 -3.99 -10.65 33.40
N LEU C 73 -3.50 -11.08 34.56
CA LEU C 73 -4.15 -12.12 35.34
C LEU C 73 -5.65 -11.81 35.54
N GLU C 74 -5.97 -10.60 36.00
CA GLU C 74 -7.37 -10.18 36.13
C GLU C 74 -8.18 -10.38 34.86
N VAL C 75 -7.64 -9.97 33.72
CA VAL C 75 -8.37 -10.14 32.46
C VAL C 75 -8.58 -11.62 32.12
N HIS C 76 -7.59 -12.45 32.42
CA HIS C 76 -7.65 -13.86 32.07
C HIS C 76 -8.45 -14.74 33.03
N LYS C 77 -8.59 -14.31 34.28
CA LYS C 77 -9.52 -14.97 35.20
C LYS C 77 -10.92 -14.90 34.58
N ASP C 78 -11.28 -13.73 34.09
CA ASP C 78 -12.59 -13.48 33.49
C ASP C 78 -12.73 -14.14 32.13
N PHE C 79 -11.66 -14.09 31.34
CA PHE C 79 -11.67 -14.71 30.02
C PHE C 79 -11.90 -16.20 30.18
N LEU C 80 -11.18 -16.80 31.12
CA LEU C 80 -11.32 -18.21 31.43
C LEU C 80 -12.72 -18.52 31.93
N ALA C 81 -13.22 -17.71 32.86
CA ALA C 81 -14.59 -17.84 33.35
C ALA C 81 -15.60 -17.91 32.20
N ALA C 82 -15.39 -17.02 31.23
CA ALA C 82 -16.23 -16.94 30.04
C ALA C 82 -16.08 -18.21 29.20
N LEU C 83 -14.86 -18.72 29.09
CA LEU C 83 -14.62 -19.94 28.33
C LEU C 83 -15.31 -21.15 28.95
N GLU C 84 -15.13 -21.32 30.25
CA GLU C 84 -15.75 -22.43 30.99
C GLU C 84 -17.26 -22.38 30.95
N TYR C 85 -17.84 -21.21 31.22
CA TYR C 85 -19.29 -21.09 31.16
C TYR C 85 -19.79 -21.39 29.75
N CYS C 86 -19.06 -20.89 28.75
CA CYS C 86 -19.46 -21.07 27.35
C CYS C 86 -19.40 -22.53 26.92
N LEU C 87 -18.38 -23.25 27.38
CA LEU C 87 -18.24 -24.66 27.04
C LEU C 87 -18.71 -25.53 28.19
N HIS C 88 -20.02 -25.48 28.46
CA HIS C 88 -20.62 -26.24 29.53
C HIS C 88 -21.63 -27.22 28.94
N PRO C 89 -21.68 -28.45 29.47
CA PRO C 89 -20.90 -28.91 30.63
C PRO C 89 -19.53 -29.46 30.24
N GLU C 90 -19.24 -29.44 28.94
CA GLU C 90 -17.94 -29.82 28.40
C GLU C 90 -17.88 -29.15 27.04
N PRO C 91 -16.68 -29.07 26.43
CA PRO C 91 -16.70 -28.53 25.08
C PRO C 91 -17.43 -29.48 24.14
N GLN C 92 -18.35 -28.96 23.34
CA GLN C 92 -19.04 -29.78 22.35
C GLN C 92 -19.15 -29.00 21.04
N SER C 93 -19.30 -29.72 19.95
CA SER C 93 -19.17 -29.17 18.60
C SER C 93 -20.04 -27.95 18.27
N GLN C 94 -21.30 -27.97 18.68
CA GLN C 94 -22.21 -26.87 18.33
C GLN C 94 -21.89 -25.53 19.01
N HIS C 95 -21.01 -25.55 20.02
CA HIS C 95 -20.65 -24.34 20.76
C HIS C 95 -20.11 -23.17 19.93
N GLU C 96 -20.31 -21.96 20.45
CA GLU C 96 -19.85 -20.74 19.78
C GLU C 96 -18.86 -19.96 20.65
N LEU C 97 -17.61 -19.95 20.22
CA LEU C 97 -16.52 -19.27 20.94
C LEU C 97 -16.10 -17.88 20.42
N GLY C 98 -16.47 -17.54 19.20
CA GLY C 98 -16.08 -16.27 18.59
C GLY C 98 -16.29 -15.03 19.47
N ASN C 99 -17.54 -14.83 19.86
CA ASN C 99 -17.94 -13.68 20.67
C ASN C 99 -17.22 -13.61 22.01
N VAL C 100 -16.93 -14.76 22.58
CA VAL C 100 -16.22 -14.83 23.84
C VAL C 100 -14.89 -14.06 23.72
N PHE C 101 -14.11 -14.37 22.68
CA PHE C 101 -12.91 -13.60 22.34
C PHE C 101 -13.22 -12.14 22.05
N LEU C 102 -14.13 -11.91 21.10
CA LEU C 102 -14.53 -10.54 20.70
C LEU C 102 -14.85 -9.60 21.87
N LYS C 103 -15.45 -10.13 22.92
CA LYS C 103 -15.77 -9.35 24.12
C LYS C 103 -14.54 -8.72 24.77
N PHE C 104 -13.43 -9.44 24.70
CA PHE C 104 -12.22 -9.04 25.39
C PHE C 104 -11.22 -8.33 24.49
N LYS C 105 -11.55 -8.24 23.20
CA LYS C 105 -10.72 -7.58 22.19
C LYS C 105 -10.11 -6.26 22.69
N ASP C 106 -10.89 -5.50 23.45
CA ASP C 106 -10.44 -4.22 24.00
C ASP C 106 -9.76 -4.38 25.36
N LYS C 107 -10.08 -5.47 26.07
CA LYS C 107 -9.51 -5.72 27.38
C LYS C 107 -8.04 -6.12 27.33
N PHE C 108 -7.62 -6.64 26.19
CA PHE C 108 -6.26 -7.16 26.01
C PHE C 108 -5.19 -6.07 25.88
N CYS C 109 -5.61 -4.82 25.71
CA CYS C 109 -4.68 -3.69 25.63
C CYS C 109 -3.63 -3.67 26.75
N VAL C 110 -3.92 -4.35 27.86
CA VAL C 110 -3.02 -4.42 29.01
C VAL C 110 -1.71 -5.09 28.66
N TYR C 111 -1.73 -5.90 27.61
CA TYR C 111 -0.53 -6.57 27.16
C TYR C 111 0.48 -5.60 26.59
N GLU C 112 0.01 -4.51 26.00
CA GLU C 112 0.94 -3.58 25.37
C GLU C 112 1.97 -3.12 26.39
N GLU C 113 1.50 -2.60 27.52
CA GLU C 113 2.42 -2.17 28.58
C GLU C 113 3.37 -3.29 29.00
N TYR C 114 2.85 -4.52 29.12
CA TYR C 114 3.71 -5.59 29.61
C TYR C 114 4.80 -5.83 28.60
N CYS C 115 4.42 -5.97 27.34
CA CYS C 115 5.40 -6.42 26.36
C CYS C 115 6.45 -5.37 26.14
N SER C 116 5.99 -4.12 26.07
CA SER C 116 6.88 -2.98 25.93
C SER C 116 7.94 -3.02 27.01
N ASN C 117 7.51 -3.42 28.21
CA ASN C 117 8.42 -3.43 29.34
C ASN C 117 9.39 -4.59 29.38
N HIS C 118 9.00 -5.71 28.77
CA HIS C 118 9.70 -6.95 29.06
C HIS C 118 11.22 -6.91 28.91
N GLU C 119 11.71 -6.28 27.85
CA GLU C 119 13.16 -6.14 27.67
C GLU C 119 13.84 -5.65 28.94
N LYS C 120 13.41 -4.49 29.41
CA LYS C 120 14.02 -3.91 30.61
C LYS C 120 13.96 -4.88 31.78
N ALA C 121 12.86 -5.61 31.86
CA ALA C 121 12.64 -6.49 33.00
C ALA C 121 13.74 -7.54 33.02
N LEU C 122 13.97 -8.16 31.88
CA LEU C 122 14.93 -9.26 31.84
C LEU C 122 16.31 -8.64 31.96
N ARG C 123 16.43 -7.39 31.50
CA ARG C 123 17.71 -6.69 31.66
C ARG C 123 18.03 -6.51 33.13
N LEU C 124 17.04 -6.15 33.94
CA LEU C 124 17.31 -6.08 35.36
C LEU C 124 17.45 -7.51 35.96
N LEU C 125 16.74 -8.50 35.44
CA LEU C 125 16.82 -9.84 36.05
C LEU C 125 18.25 -10.40 35.96
N VAL C 126 18.92 -10.12 34.85
CA VAL C 126 20.30 -10.57 34.65
C VAL C 126 21.18 -9.96 35.73
N GLU C 127 20.90 -8.72 36.11
CA GLU C 127 21.67 -8.04 37.15
C GLU C 127 21.36 -8.61 38.53
N LEU C 128 20.12 -9.03 38.76
CA LEU C 128 19.75 -9.49 40.10
C LEU C 128 20.31 -10.86 40.40
N ASN C 129 20.53 -11.66 39.36
CA ASN C 129 21.15 -12.97 39.51
C ASN C 129 22.64 -12.84 39.84
N LYS C 130 23.16 -11.62 39.74
CA LYS C 130 24.53 -11.34 40.12
C LYS C 130 24.70 -11.22 41.62
N ILE C 131 23.74 -10.58 42.27
CA ILE C 131 23.70 -10.52 43.73
C ILE C 131 23.32 -11.89 44.27
N PRO C 132 24.14 -12.46 45.15
CA PRO C 132 23.99 -13.85 45.62
C PRO C 132 22.71 -14.12 46.41
N THR C 133 22.41 -13.29 47.40
CA THR C 133 21.24 -13.51 48.25
C THR C 133 19.94 -13.34 47.48
N VAL C 134 19.99 -12.60 46.39
CA VAL C 134 18.81 -12.35 45.57
C VAL C 134 18.51 -13.54 44.68
N ARG C 135 19.55 -14.06 44.03
CA ARG C 135 19.39 -15.24 43.19
C ARG C 135 18.93 -16.38 44.10
N ALA C 136 19.54 -16.48 45.28
CA ALA C 136 19.11 -17.45 46.28
C ALA C 136 17.62 -17.31 46.60
N PHE C 137 17.19 -16.09 46.92
CA PHE C 137 15.78 -15.83 47.24
C PHE C 137 14.84 -16.24 46.10
N LEU C 138 15.09 -15.74 44.90
CA LEU C 138 14.24 -16.05 43.76
C LEU C 138 14.20 -17.56 43.51
N LEU C 139 15.31 -18.24 43.82
CA LEU C 139 15.33 -19.69 43.67
C LEU C 139 14.46 -20.33 44.74
N SER C 140 14.40 -19.70 45.92
CA SER C 140 13.52 -20.17 46.99
C SER C 140 12.06 -20.01 46.55
N CYS C 141 11.75 -18.87 45.91
CA CYS C 141 10.42 -18.60 45.36
C CYS C 141 10.01 -19.63 44.31
N MET C 142 10.93 -19.93 43.40
CA MET C 142 10.67 -20.93 42.38
C MET C 142 10.41 -22.28 42.99
N LEU C 143 11.24 -22.62 43.98
CA LEU C 143 11.17 -23.90 44.67
C LEU C 143 9.84 -24.07 45.39
N LEU C 144 9.44 -23.06 46.17
CA LEU C 144 8.21 -23.11 46.94
C LEU C 144 7.00 -23.18 46.01
N GLY C 145 7.16 -22.68 44.80
CA GLY C 145 6.09 -22.79 43.83
C GLY C 145 6.01 -24.19 43.23
N GLY C 146 7.01 -25.01 43.52
CA GLY C 146 6.97 -26.39 43.07
C GLY C 146 7.83 -26.68 41.86
N ARG C 147 8.38 -25.64 41.25
CA ARG C 147 9.22 -25.81 40.08
C ARG C 147 10.64 -26.15 40.52
N LYS C 148 11.43 -26.77 39.65
CA LYS C 148 12.78 -27.14 40.07
C LYS C 148 13.75 -26.14 39.50
N THR C 149 15.02 -26.35 39.81
CA THR C 149 16.06 -25.44 39.40
C THR C 149 16.69 -25.93 38.10
N THR C 150 16.39 -27.17 37.74
CA THR C 150 16.80 -27.72 36.46
C THR C 150 15.65 -27.66 35.44
N ASP C 151 14.65 -26.85 35.73
CA ASP C 151 13.54 -26.64 34.80
C ASP C 151 13.68 -25.34 34.05
N ILE C 152 12.60 -24.94 33.40
CA ILE C 152 12.57 -23.63 32.77
C ILE C 152 12.66 -22.59 33.88
N PRO C 153 13.64 -21.69 33.77
CA PRO C 153 13.90 -20.64 34.75
C PRO C 153 12.86 -19.53 34.70
N LEU C 154 12.93 -18.62 35.67
CA LEU C 154 12.00 -17.50 35.78
C LEU C 154 11.81 -16.74 34.48
N GLU C 155 12.89 -16.59 33.71
CA GLU C 155 12.84 -15.89 32.43
C GLU C 155 11.77 -16.41 31.47
N GLY C 156 11.48 -17.71 31.52
CA GLY C 156 10.51 -18.29 30.62
C GLY C 156 9.11 -17.98 31.08
N TYR C 157 8.91 -18.03 32.39
CA TYR C 157 7.61 -17.72 32.97
C TYR C 157 7.28 -16.26 32.73
N LEU C 158 8.27 -15.39 32.94
CA LEU C 158 8.09 -13.98 32.68
C LEU C 158 7.87 -13.76 31.20
N LEU C 159 8.39 -14.65 30.36
CA LEU C 159 8.22 -14.48 28.92
C LEU C 159 6.83 -14.92 28.47
N SER C 160 6.24 -15.86 29.22
CA SER C 160 5.00 -16.55 28.81
C SER C 160 3.79 -15.69 28.37
N PRO C 161 3.64 -14.45 28.88
CA PRO C 161 2.48 -13.73 28.33
C PRO C 161 2.68 -13.34 26.86
N ILE C 162 3.89 -12.87 26.55
CA ILE C 162 4.27 -12.51 25.18
C ILE C 162 3.97 -13.67 24.24
N GLN C 163 4.49 -14.84 24.62
CA GLN C 163 4.28 -16.07 23.88
C GLN C 163 2.80 -16.42 23.73
N ARG C 164 2.05 -16.25 24.82
CA ARG C 164 0.66 -16.67 24.87
C ARG C 164 -0.26 -15.84 23.97
N ILE C 165 -0.13 -14.52 24.05
CA ILE C 165 -1.01 -13.64 23.27
C ILE C 165 -0.87 -13.89 21.77
N CYS C 166 0.29 -14.37 21.35
CA CYS C 166 0.57 -14.62 19.95
C CYS C 166 0.03 -15.97 19.52
N LYS C 167 -0.34 -16.81 20.50
CA LYS C 167 -0.89 -18.13 20.20
C LYS C 167 -2.35 -18.07 19.78
N TYR C 168 -3.08 -17.10 20.34
CA TYR C 168 -4.53 -16.98 20.08
C TYR C 168 -4.94 -16.84 18.60
N PRO C 169 -4.22 -16.01 17.81
CA PRO C 169 -4.59 -15.95 16.39
C PRO C 169 -4.48 -17.30 15.70
N LEU C 170 -3.53 -18.12 16.13
CA LEU C 170 -3.32 -19.44 15.56
C LEU C 170 -4.49 -20.35 15.92
N LEU C 171 -4.81 -20.40 17.22
CA LEU C 171 -5.91 -21.20 17.73
C LEU C 171 -7.23 -20.84 17.06
N LEU C 172 -7.45 -19.54 16.88
CA LEU C 172 -8.66 -19.06 16.23
C LEU C 172 -8.65 -19.38 14.74
N LYS C 173 -7.46 -19.41 14.16
CA LYS C 173 -7.35 -19.79 12.75
C LYS C 173 -7.72 -21.24 12.54
N GLU C 174 -7.28 -22.09 13.47
CA GLU C 174 -7.56 -23.52 13.36
C GLU C 174 -9.03 -23.77 13.66
N LEU C 175 -9.56 -23.04 14.63
CA LEU C 175 -10.98 -23.15 14.98
C LEU C 175 -11.85 -22.76 13.79
N ALA C 176 -11.46 -21.67 13.12
CA ALA C 176 -12.16 -21.23 11.93
C ALA C 176 -12.08 -22.30 10.84
N LYS C 177 -10.89 -22.90 10.71
CA LYS C 177 -10.69 -23.99 9.74
C LYS C 177 -11.64 -25.16 9.96
N ARG C 178 -12.03 -25.38 11.21
CA ARG C 178 -12.87 -26.52 11.54
C ARG C 178 -14.32 -26.11 11.72
N THR C 179 -14.59 -24.84 11.43
CA THR C 179 -15.94 -24.32 11.53
C THR C 179 -16.55 -24.11 10.15
N PRO C 180 -17.58 -24.89 9.82
CA PRO C 180 -18.33 -24.82 8.56
C PRO C 180 -18.97 -23.44 8.36
N GLY C 181 -19.26 -23.09 7.11
CA GLY C 181 -19.90 -21.83 6.79
C GLY C 181 -21.23 -21.63 7.50
N LYS C 182 -22.03 -22.69 7.55
CA LYS C 182 -23.37 -22.60 8.14
C LYS C 182 -23.37 -22.68 9.65
N HIS C 183 -22.25 -23.06 10.24
CA HIS C 183 -22.14 -23.13 11.70
C HIS C 183 -22.38 -21.74 12.27
N PRO C 184 -23.17 -21.66 13.34
CA PRO C 184 -23.55 -20.38 13.98
C PRO C 184 -22.34 -19.55 14.43
N ASP C 185 -21.27 -20.23 14.84
CA ASP C 185 -20.06 -19.57 15.33
C ASP C 185 -19.21 -18.89 14.24
N HIS C 186 -19.42 -19.29 12.98
CA HIS C 186 -18.53 -18.96 11.86
C HIS C 186 -18.09 -17.49 11.71
N PRO C 187 -19.05 -16.56 11.51
CA PRO C 187 -18.59 -15.19 11.25
C PRO C 187 -17.88 -14.60 12.46
N ALA C 188 -18.32 -15.03 13.64
CA ALA C 188 -17.76 -14.55 14.89
C ALA C 188 -16.35 -15.09 15.09
N VAL C 189 -16.10 -16.29 14.60
CA VAL C 189 -14.76 -16.85 14.72
C VAL C 189 -13.82 -16.07 13.83
N GLN C 190 -14.25 -15.80 12.60
CA GLN C 190 -13.38 -15.06 11.70
C GLN C 190 -13.12 -13.62 12.22
N SER C 191 -14.18 -12.98 12.71
CA SER C 191 -14.06 -11.68 13.36
C SER C 191 -13.05 -11.70 14.52
N ALA C 192 -13.16 -12.72 15.37
CA ALA C 192 -12.26 -12.86 16.50
C ALA C 192 -10.80 -13.03 16.05
N LEU C 193 -10.62 -13.78 14.96
CA LEU C 193 -9.30 -13.97 14.38
C LEU C 193 -8.70 -12.62 14.01
N GLN C 194 -9.42 -11.85 13.20
CA GLN C 194 -8.95 -10.50 12.85
C GLN C 194 -8.71 -9.63 14.07
N ALA C 195 -9.54 -9.82 15.09
CA ALA C 195 -9.46 -9.02 16.30
C ALA C 195 -8.17 -9.27 17.04
N MET C 196 -7.83 -10.53 17.25
CA MET C 196 -6.64 -10.91 17.97
C MET C 196 -5.37 -10.59 17.19
N LYS C 197 -5.46 -10.74 15.88
CA LYS C 197 -4.37 -10.32 15.01
C LYS C 197 -4.11 -8.83 15.25
N THR C 198 -5.19 -8.04 15.29
CA THR C 198 -5.08 -6.61 15.60
C THR C 198 -4.49 -6.35 16.99
N VAL C 199 -4.92 -7.11 17.99
CA VAL C 199 -4.37 -6.97 19.34
C VAL C 199 -2.86 -7.11 19.32
N CYS C 200 -2.39 -8.16 18.64
CA CYS C 200 -0.97 -8.47 18.59
C CYS C 200 -0.18 -7.40 17.84
N SER C 201 -0.69 -7.00 16.69
CA SER C 201 -0.06 -5.94 15.92
C SER C 201 0.06 -4.64 16.71
N ASN C 202 -1.02 -4.29 17.42
CA ASN C 202 -1.02 -3.11 18.28
C ASN C 202 0.04 -3.18 19.37
N ILE C 203 0.17 -4.36 19.97
CA ILE C 203 1.21 -4.58 20.98
C ILE C 203 2.60 -4.36 20.40
N ASN C 204 2.80 -4.93 19.22
CA ASN C 204 4.04 -4.85 18.48
C ASN C 204 4.40 -3.39 18.26
N GLU C 205 3.44 -2.64 17.70
CA GLU C 205 3.63 -1.24 17.40
C GLU C 205 3.93 -0.41 18.65
N THR C 206 3.26 -0.75 19.75
CA THR C 206 3.52 -0.11 21.04
C THR C 206 5.00 -0.24 21.41
N LYS C 207 5.52 -1.47 21.35
CA LYS C 207 6.93 -1.68 21.65
C LYS C 207 7.84 -0.90 20.71
N ARG C 208 7.47 -0.88 19.43
CA ARG C 208 8.24 -0.17 18.40
C ARG C 208 8.34 1.32 18.68
N GLN C 209 7.21 1.97 18.91
CA GLN C 209 7.21 3.42 19.02
C GLN C 209 7.76 3.86 20.39
N MET C 210 7.70 2.97 21.38
CA MET C 210 8.34 3.31 22.64
C MET C 210 9.85 3.19 22.45
N GLU C 211 10.24 2.33 21.52
CA GLU C 211 11.66 2.19 21.21
C GLU C 211 12.09 3.45 20.49
N LYS C 212 11.20 4.00 19.67
CA LYS C 212 11.49 5.27 19.01
C LYS C 212 11.72 6.35 20.04
N LEU C 213 10.95 6.35 21.13
CA LEU C 213 11.22 7.31 22.20
C LEU C 213 12.62 7.11 22.78
N GLU C 214 12.98 5.86 23.09
CA GLU C 214 14.31 5.60 23.67
C GLU C 214 15.42 6.07 22.73
N ALA C 215 15.13 6.04 21.44
CA ALA C 215 16.12 6.40 20.44
C ALA C 215 16.23 7.90 20.32
N LEU C 216 15.10 8.58 20.48
CA LEU C 216 15.12 10.04 20.52
C LEU C 216 15.98 10.54 21.67
N GLU C 217 15.77 9.97 22.87
CA GLU C 217 16.59 10.38 24.01
C GLU C 217 18.07 10.10 23.74
N GLN C 218 18.35 8.95 23.14
CA GLN C 218 19.73 8.57 22.90
C GLN C 218 20.38 9.50 21.88
N LEU C 219 19.58 10.01 20.94
CA LEU C 219 20.08 11.02 20.00
C LEU C 219 20.36 12.33 20.71
N GLN C 220 19.43 12.75 21.57
CA GLN C 220 19.60 13.99 22.34
C GLN C 220 20.89 14.03 23.13
N SER C 221 21.27 12.89 23.70
CA SER C 221 22.53 12.85 24.45
C SER C 221 23.74 13.18 23.57
N HIS C 222 23.66 12.84 22.29
CA HIS C 222 24.76 13.07 21.36
C HIS C 222 24.88 14.52 20.89
N ILE C 223 23.97 15.38 21.35
CA ILE C 223 24.03 16.80 21.02
C ILE C 223 24.43 17.64 22.24
N GLU C 224 25.56 18.32 22.12
CA GLU C 224 26.16 19.07 23.22
C GLU C 224 25.48 20.41 23.49
N GLY C 225 25.28 20.69 24.77
CA GLY C 225 24.69 21.93 25.22
C GLY C 225 23.23 22.05 24.82
N TRP C 226 22.43 21.08 25.24
CA TRP C 226 21.03 21.05 24.88
C TRP C 226 20.23 22.12 25.61
N GLU C 227 19.51 22.93 24.84
CA GLU C 227 18.65 23.97 25.40
C GLU C 227 17.18 23.57 25.33
N GLY C 228 16.43 23.88 26.39
CA GLY C 228 15.00 23.65 26.39
C GLY C 228 14.58 22.26 26.86
N SER C 229 13.30 21.97 26.71
CA SER C 229 12.72 20.68 27.09
C SER C 229 13.32 19.51 26.33
N ASN C 230 13.23 18.32 26.93
CA ASN C 230 13.77 17.09 26.35
C ASN C 230 13.02 16.65 25.10
N LEU C 231 13.71 15.90 24.24
CA LEU C 231 13.11 15.35 23.02
C LEU C 231 11.98 14.39 23.32
N THR C 232 12.20 13.53 24.31
CA THR C 232 11.20 12.53 24.69
C THR C 232 9.99 13.14 25.38
N ASP C 233 10.10 14.40 25.78
CA ASP C 233 8.99 15.08 26.45
C ASP C 233 7.92 15.56 25.48
N ILE C 234 8.35 16.05 24.33
CA ILE C 234 7.44 16.73 23.40
C ILE C 234 7.38 16.11 22.00
N CYS C 235 8.21 15.10 21.75
CA CYS C 235 8.23 14.45 20.44
C CYS C 235 8.04 12.95 20.54
N THR C 236 7.69 12.31 19.43
CA THR C 236 7.48 10.87 19.40
C THR C 236 8.42 10.15 18.43
N GLN C 237 8.81 10.83 17.36
CA GLN C 237 9.68 10.22 16.36
C GLN C 237 10.45 11.24 15.53
N LEU C 238 11.58 10.80 14.97
CA LEU C 238 12.29 11.56 13.95
C LEU C 238 11.65 11.35 12.59
N LEU C 239 11.31 12.45 11.91
CA LEU C 239 10.69 12.39 10.60
C LEU C 239 11.72 12.52 9.49
N LEU C 240 12.73 13.36 9.73
CA LEU C 240 13.77 13.59 8.74
C LEU C 240 14.98 14.28 9.35
N GLN C 241 16.17 13.86 8.94
CA GLN C 241 17.39 14.54 9.32
C GLN C 241 18.27 14.68 8.09
N GLY C 242 19.07 15.73 8.06
CA GLY C 242 19.96 15.97 6.94
C GLY C 242 20.74 17.25 7.10
N THR C 243 21.76 17.40 6.24
CA THR C 243 22.60 18.58 6.29
C THR C 243 22.14 19.60 5.24
N LEU C 244 21.82 20.81 5.70
CA LEU C 244 21.29 21.83 4.81
C LEU C 244 22.13 23.09 4.93
N LEU C 245 22.05 23.99 3.95
CA LEU C 245 22.79 25.23 4.05
C LEU C 245 21.87 26.33 4.57
N LYS C 246 22.16 26.81 5.77
CA LYS C 246 21.36 27.82 6.44
C LYS C 246 21.95 29.22 6.33
N ILE C 247 21.12 30.13 5.83
CA ILE C 247 21.49 31.52 5.64
C ILE C 247 20.63 32.45 6.49
N SER C 248 21.18 32.81 7.66
CA SER C 248 20.66 33.90 8.48
C SER C 248 21.02 35.25 7.86
N ALA C 249 20.80 36.31 8.62
CA ALA C 249 21.07 37.67 8.17
C ALA C 249 22.49 37.86 7.64
N GLY C 250 23.49 37.70 8.50
CA GLY C 250 24.85 38.06 8.16
C GLY C 250 25.97 37.02 8.21
N ASN C 251 25.63 35.74 8.24
CA ASN C 251 26.65 34.70 8.28
C ASN C 251 26.21 33.44 7.55
N ILE C 252 27.06 32.94 6.66
CA ILE C 252 26.67 31.76 5.91
C ILE C 252 27.38 30.54 6.47
N GLN C 253 26.60 29.59 7.00
CA GLN C 253 27.16 28.35 7.54
C GLN C 253 26.31 27.14 7.19
N GLU C 254 26.94 25.96 7.16
CA GLU C 254 26.20 24.71 7.00
C GLU C 254 25.78 24.13 8.34
N ARG C 255 24.53 23.68 8.43
CA ARG C 255 23.96 23.10 9.66
C ARG C 255 23.21 21.81 9.41
N ALA C 256 23.34 20.89 10.35
CA ALA C 256 22.60 19.64 10.32
C ALA C 256 21.24 19.82 10.96
N PHE C 257 20.19 19.54 10.20
CA PHE C 257 18.81 19.73 10.64
C PHE C 257 18.15 18.41 11.07
N PHE C 258 17.26 18.51 12.05
CA PHE C 258 16.50 17.37 12.56
C PHE C 258 15.03 17.76 12.70
N LEU C 259 14.18 17.22 11.84
CA LEU C 259 12.74 17.49 11.94
C LEU C 259 12.01 16.41 12.72
N PHE C 260 11.54 16.78 13.91
CA PHE C 260 10.69 15.89 14.70
C PHE C 260 9.26 16.37 14.65
N ASP C 261 8.35 15.56 15.21
CA ASP C 261 6.98 15.96 15.29
C ASP C 261 6.87 16.95 16.44
N ASN C 262 6.45 18.16 16.08
CA ASN C 262 6.33 19.33 16.95
C ASN C 262 7.62 20.13 17.01
N LEU C 263 8.71 19.62 16.44
CA LEU C 263 9.98 20.32 16.61
C LEU C 263 10.91 20.34 15.40
N LEU C 264 11.76 21.36 15.32
CA LEU C 264 12.83 21.43 14.35
C LEU C 264 14.12 21.86 15.04
N VAL C 265 15.19 21.09 14.87
CA VAL C 265 16.45 21.40 15.54
C VAL C 265 17.55 21.63 14.50
N TYR C 266 18.46 22.55 14.75
CA TYR C 266 19.63 22.67 13.90
C TYR C 266 20.90 22.78 14.71
N CYS C 267 21.93 22.13 14.18
CA CYS C 267 23.16 21.95 14.95
C CYS C 267 24.42 22.07 14.11
N LYS C 268 25.54 22.26 14.81
CA LYS C 268 26.85 22.32 14.20
C LYS C 268 27.59 21.01 14.41
N ARG C 269 27.86 20.30 13.32
CA ARG C 269 28.54 19.00 13.40
C ARG C 269 30.02 19.17 13.73
N LYS C 270 30.53 18.30 14.58
CA LYS C 270 31.91 18.38 15.03
C LYS C 270 32.86 17.65 14.08
N SER C 289 30.01 12.71 22.18
CA SER C 289 29.41 13.96 21.75
C SER C 289 29.58 14.15 20.24
N LEU C 290 28.54 13.87 19.45
CA LEU C 290 28.64 14.04 18.00
C LEU C 290 28.32 15.44 17.48
N TYR C 291 27.44 16.16 18.17
CA TYR C 291 26.95 17.44 17.66
C TYR C 291 26.97 18.57 18.69
N ILE C 292 26.84 19.79 18.18
CA ILE C 292 26.72 20.97 19.03
C ILE C 292 25.42 21.73 18.72
N PHE C 293 24.63 21.97 19.77
CA PHE C 293 23.37 22.70 19.65
C PHE C 293 23.57 24.08 19.02
N ARG C 294 22.63 24.46 18.16
CA ARG C 294 22.65 25.78 17.54
C ARG C 294 21.26 26.42 17.65
N GLY C 295 20.22 25.60 17.61
CA GLY C 295 18.88 26.16 17.77
C GLY C 295 17.70 25.22 17.65
N ARG C 296 16.56 25.64 18.20
CA ARG C 296 15.32 24.88 18.10
C ARG C 296 14.08 25.76 17.83
N ILE C 297 13.25 25.34 16.88
CA ILE C 297 11.98 25.99 16.57
C ILE C 297 10.80 25.05 16.76
N ASN C 298 9.83 25.48 17.55
CA ASN C 298 8.56 24.77 17.65
C ASN C 298 7.80 24.90 16.34
N THR C 299 7.21 23.81 15.86
CA THR C 299 6.66 23.75 14.51
C THR C 299 5.31 24.45 14.36
N GLU C 300 4.63 24.79 15.46
CA GLU C 300 3.34 25.46 15.34
C GLU C 300 3.57 26.96 15.19
N VAL C 301 4.73 27.41 15.66
CA VAL C 301 5.17 28.79 15.47
C VAL C 301 6.22 28.89 14.36
N MET C 302 6.07 28.06 13.34
CA MET C 302 6.98 28.06 12.22
C MET C 302 6.18 28.22 10.95
N GLU C 303 6.72 28.96 9.98
CA GLU C 303 6.02 29.12 8.72
C GLU C 303 6.94 28.88 7.53
N VAL C 304 6.38 28.35 6.44
CA VAL C 304 7.19 28.00 5.28
C VAL C 304 6.81 28.83 4.05
N GLU C 305 7.79 29.57 3.55
CA GLU C 305 7.66 30.31 2.31
C GLU C 305 8.47 29.60 1.23
N ASN C 306 7.90 29.50 0.03
CA ASN C 306 8.60 28.89 -1.08
C ASN C 306 9.55 29.89 -1.70
N VAL C 307 10.65 29.40 -2.26
CA VAL C 307 11.58 30.27 -2.97
C VAL C 307 11.73 29.92 -4.44
N GLU C 308 11.73 30.94 -5.28
CA GLU C 308 11.92 30.77 -6.70
C GLU C 308 13.40 30.83 -7.03
N ASP C 309 13.81 30.02 -7.99
CA ASP C 309 15.20 29.91 -8.39
C ASP C 309 15.80 31.19 -8.94
N GLY C 310 16.94 31.59 -8.41
CA GLY C 310 17.66 32.76 -8.89
C GLY C 310 17.36 34.06 -8.19
N THR C 311 16.67 33.99 -7.06
CA THR C 311 16.38 35.19 -6.28
C THR C 311 17.55 35.49 -5.34
N ALA C 312 17.90 36.77 -5.23
CA ALA C 312 18.96 37.18 -4.32
C ALA C 312 18.50 38.42 -3.57
N ASP C 313 17.78 38.22 -2.47
CA ASP C 313 17.24 39.34 -1.72
C ASP C 313 17.93 39.49 -0.37
N TYR C 314 17.39 40.42 0.42
CA TYR C 314 17.88 40.78 1.73
C TYR C 314 18.10 39.54 2.60
N HIS C 315 17.12 38.64 2.59
CA HIS C 315 17.17 37.42 3.37
C HIS C 315 18.32 36.47 2.99
N SER C 316 18.51 36.30 1.68
CA SER C 316 19.54 35.42 1.14
C SER C 316 20.95 36.02 1.17
N ASN C 317 21.09 37.17 1.82
CA ASN C 317 22.36 37.90 1.87
C ASN C 317 22.85 38.28 0.47
N GLY C 318 21.91 38.35 -0.46
CA GLY C 318 22.19 38.67 -1.85
C GLY C 318 22.78 37.51 -2.64
N TYR C 319 22.43 36.29 -2.24
CA TYR C 319 22.87 35.09 -2.96
C TYR C 319 21.79 34.46 -3.83
N THR C 320 22.23 33.87 -4.95
CA THR C 320 21.35 33.15 -5.87
C THR C 320 20.91 31.82 -5.26
N VAL C 321 19.62 31.69 -4.98
CA VAL C 321 19.08 30.47 -4.35
C VAL C 321 18.51 29.48 -5.34
N THR C 322 19.00 28.24 -5.28
CA THR C 322 18.41 27.15 -6.04
C THR C 322 18.10 25.99 -5.10
N ASN C 323 16.92 25.38 -5.30
CA ASN C 323 16.43 24.32 -4.41
C ASN C 323 16.28 24.78 -2.97
N GLY C 324 15.75 25.98 -2.77
CA GLY C 324 15.71 26.57 -1.44
C GLY C 324 14.33 26.95 -0.95
N TRP C 325 14.21 27.20 0.35
CA TRP C 325 12.97 27.73 0.91
C TRP C 325 13.25 28.63 2.11
N LYS C 326 12.27 29.47 2.45
CA LYS C 326 12.37 30.41 3.55
C LYS C 326 11.57 29.97 4.77
N ILE C 327 12.16 30.13 5.95
CA ILE C 327 11.44 29.81 7.17
C ILE C 327 11.26 31.03 8.08
N HIS C 328 9.98 31.31 8.37
CA HIS C 328 9.60 32.34 9.32
C HIS C 328 9.46 31.78 10.72
N ASN C 329 10.47 32.06 11.54
CA ASN C 329 10.40 31.93 12.98
C ASN C 329 9.67 33.16 13.53
N THR C 330 8.34 33.03 13.64
CA THR C 330 7.48 34.11 14.10
C THR C 330 7.67 34.44 15.57
N ALA C 331 8.02 33.43 16.37
CA ALA C 331 8.18 33.61 17.81
C ALA C 331 9.43 34.41 18.16
N LYS C 332 10.24 34.75 17.16
CA LYS C 332 11.44 35.52 17.38
C LYS C 332 11.72 36.53 16.27
N ASN C 333 10.73 36.74 15.39
CA ASN C 333 10.87 37.62 14.23
C ASN C 333 12.02 37.26 13.30
N LYS C 334 12.55 36.05 13.40
CA LYS C 334 13.73 35.71 12.62
C LYS C 334 13.34 34.91 11.39
N TRP C 335 13.80 35.36 10.24
CA TRP C 335 13.65 34.61 9.01
C TRP C 335 14.99 33.98 8.68
N PHE C 336 14.98 32.87 7.95
CA PHE C 336 16.24 32.46 7.31
C PHE C 336 16.02 31.54 6.12
N VAL C 337 17.10 31.30 5.37
CA VAL C 337 17.00 30.58 4.12
C VAL C 337 17.63 29.20 4.27
N CYS C 338 17.02 28.21 3.64
CA CYS C 338 17.55 26.85 3.65
C CYS C 338 17.76 26.39 2.22
N MET C 339 18.92 25.80 1.94
CA MET C 339 19.17 25.26 0.61
C MET C 339 19.66 23.82 0.65
N ALA C 340 19.03 23.01 -0.20
CA ALA C 340 19.39 21.62 -0.41
C ALA C 340 20.12 21.45 -1.74
N LYS C 341 21.12 20.57 -1.77
CA LYS C 341 21.93 20.36 -2.97
C LYS C 341 21.15 19.97 -4.24
N THR C 342 20.30 18.96 -4.13
CA THR C 342 19.57 18.45 -5.28
C THR C 342 18.10 18.88 -5.29
N ALA C 343 17.49 18.79 -6.47
CA ALA C 343 16.09 19.17 -6.66
C ALA C 343 15.11 18.35 -5.84
N GLU C 344 15.43 17.09 -5.57
CA GLU C 344 14.48 16.21 -4.89
C GLU C 344 14.55 16.30 -3.37
N GLU C 345 15.74 16.54 -2.83
CA GLU C 345 15.90 16.72 -1.39
C GLU C 345 15.04 17.87 -0.87
N LYS C 346 14.93 18.90 -1.71
CA LYS C 346 14.02 20.02 -1.45
C LYS C 346 12.62 19.50 -1.24
N GLN C 347 12.19 18.67 -2.19
CA GLN C 347 10.88 18.06 -2.12
C GLN C 347 10.72 17.29 -0.82
N LYS C 348 11.70 16.45 -0.50
CA LYS C 348 11.68 15.68 0.75
C LYS C 348 11.46 16.55 2.00
N TRP C 349 12.22 17.63 2.11
CA TRP C 349 12.12 18.48 3.28
C TRP C 349 10.78 19.21 3.34
N LEU C 350 10.35 19.72 2.18
CA LEU C 350 9.10 20.48 2.11
C LEU C 350 7.91 19.60 2.43
N ASP C 351 7.87 18.42 1.80
CA ASP C 351 6.80 17.45 2.04
C ASP C 351 6.82 16.98 3.48
N ALA C 352 8.00 16.88 4.08
CA ALA C 352 8.09 16.50 5.48
C ALA C 352 7.46 17.55 6.40
N ILE C 353 7.72 18.82 6.09
CA ILE C 353 7.19 19.90 6.94
C ILE C 353 5.68 20.06 6.76
N ILE C 354 5.23 19.89 5.51
CA ILE C 354 3.81 19.95 5.21
C ILE C 354 3.08 18.78 5.87
N ARG C 355 3.72 17.62 5.86
CA ARG C 355 3.15 16.45 6.51
C ARG C 355 3.02 16.63 8.02
N GLU C 356 4.07 17.15 8.66
CA GLU C 356 4.06 17.38 10.09
C GLU C 356 2.88 18.30 10.40
N ARG C 357 2.72 19.29 9.52
CA ARG C 357 1.66 20.27 9.69
C ARG C 357 0.29 19.58 9.66
N GLU C 358 0.02 18.86 8.57
CA GLU C 358 -1.23 18.11 8.45
C GLU C 358 -1.49 17.19 9.63
N GLN C 359 -0.46 16.52 10.14
CA GLN C 359 -0.68 15.59 11.25
C GLN C 359 -0.99 16.27 12.58
N ARG C 360 -0.31 17.36 12.90
CA ARG C 360 -0.57 18.05 14.16
C ARG C 360 -1.96 18.68 14.12
N GLU C 361 -2.27 19.30 12.99
CA GLU C 361 -3.58 19.91 12.81
C GLU C 361 -4.68 18.85 12.79
N SER C 362 -4.37 17.67 12.25
CA SER C 362 -5.31 16.58 12.21
C SER C 362 -5.56 16.00 13.59
N LEU C 363 -4.54 15.98 14.44
CA LEU C 363 -4.70 15.45 15.78
C LEU C 363 -5.50 16.43 16.64
N LYS C 364 -5.43 17.70 16.30
CA LYS C 364 -6.23 18.67 17.04
C LYS C 364 -7.69 18.72 16.59
N LEU C 365 -7.92 18.47 15.30
CA LEU C 365 -9.28 18.39 14.77
C LEU C 365 -9.59 16.99 14.26
N GLN D 5 22.65 -27.81 34.40
CA GLN D 5 21.47 -26.96 34.29
C GLN D 5 20.77 -27.14 32.94
N ALA D 6 19.78 -26.30 32.68
CA ALA D 6 18.93 -26.38 31.49
C ALA D 6 19.46 -25.62 30.26
N ILE D 7 19.71 -26.33 29.16
CA ILE D 7 20.11 -25.72 27.88
C ILE D 7 18.96 -24.95 27.24
N LYS D 8 19.24 -23.75 26.74
CA LYS D 8 18.22 -23.02 26.02
C LYS D 8 18.40 -23.21 24.51
N CYS D 9 17.43 -23.92 23.94
CA CYS D 9 17.38 -24.19 22.50
C CYS D 9 16.14 -23.52 21.93
N VAL D 10 16.31 -22.46 21.16
CA VAL D 10 15.14 -21.77 20.63
C VAL D 10 14.88 -22.13 19.19
N VAL D 11 13.63 -22.45 18.88
CA VAL D 11 13.26 -22.87 17.52
C VAL D 11 12.62 -21.72 16.76
N VAL D 12 13.34 -21.24 15.75
CA VAL D 12 12.85 -20.15 14.92
C VAL D 12 12.64 -20.61 13.48
N GLY D 13 11.77 -19.92 12.75
CA GLY D 13 11.49 -20.26 11.38
C GLY D 13 10.08 -19.85 11.01
N ASP D 14 9.81 -19.78 9.70
CA ASP D 14 8.49 -19.42 9.20
C ASP D 14 7.39 -20.30 9.79
N GLY D 15 6.19 -19.75 9.90
CA GLY D 15 5.02 -20.54 10.18
C GLY D 15 4.80 -21.54 9.06
N ALA D 16 4.36 -22.74 9.41
CA ALA D 16 4.14 -23.85 8.49
C ALA D 16 5.45 -24.49 8.06
N VAL D 17 6.50 -24.30 8.86
CA VAL D 17 7.66 -25.16 8.78
C VAL D 17 7.33 -26.40 9.62
N GLY D 18 6.45 -26.19 10.59
CA GLY D 18 6.09 -27.22 11.54
C GLY D 18 7.01 -27.30 12.74
N LYS D 19 7.33 -26.14 13.32
CA LYS D 19 8.16 -26.06 14.52
C LYS D 19 7.43 -26.73 15.68
N THR D 20 6.25 -26.21 16.01
CA THR D 20 5.42 -26.74 17.09
C THR D 20 5.21 -28.24 16.99
N CYS D 21 4.82 -28.68 15.80
CA CYS D 21 4.61 -30.10 15.51
C CYS D 21 5.88 -30.90 15.78
N LEU D 22 7.00 -30.42 15.25
CA LEU D 22 8.30 -31.04 15.47
C LEU D 22 8.64 -31.22 16.96
N LEU D 23 8.42 -30.16 17.73
CA LEU D 23 8.73 -30.21 19.16
C LEU D 23 7.81 -31.18 19.90
N ILE D 24 6.51 -31.09 19.63
CA ILE D 24 5.53 -32.00 20.22
C ILE D 24 5.84 -33.46 19.88
N SER D 25 6.08 -33.73 18.61
CA SER D 25 6.38 -35.08 18.14
C SER D 25 7.63 -35.63 18.82
N TYR D 26 8.67 -34.80 18.93
CA TYR D 26 9.90 -35.23 19.60
C TYR D 26 9.72 -35.48 21.10
N THR D 27 9.17 -34.49 21.81
CA THR D 27 9.10 -34.52 23.27
C THR D 27 8.06 -35.51 23.80
N THR D 28 6.98 -35.71 23.05
CA THR D 28 5.93 -36.64 23.46
C THR D 28 6.23 -38.03 22.89
N ASN D 29 7.34 -38.11 22.16
CA ASN D 29 7.87 -39.35 21.61
C ASN D 29 6.97 -40.02 20.56
N ALA D 30 5.96 -39.29 20.09
CA ALA D 30 5.05 -39.84 19.08
C ALA D 30 4.36 -38.74 18.29
N PHE D 31 4.26 -38.93 16.97
CA PHE D 31 3.54 -37.98 16.13
C PHE D 31 2.11 -37.85 16.61
N PRO D 32 1.68 -36.61 16.91
CA PRO D 32 0.38 -36.32 17.52
C PRO D 32 -0.82 -36.94 16.78
N GLY D 33 -0.68 -37.16 15.48
CA GLY D 33 -1.69 -37.91 14.75
C GLY D 33 -2.70 -37.04 14.03
N GLU D 34 -3.97 -37.38 14.19
CA GLU D 34 -5.07 -36.67 13.54
C GLU D 34 -5.07 -35.18 13.82
N TYR D 35 -5.07 -34.82 15.10
CA TYR D 35 -5.04 -33.43 15.49
C TYR D 35 -3.64 -33.01 15.91
N ILE D 36 -3.09 -32.03 15.21
CA ILE D 36 -1.81 -31.46 15.59
C ILE D 36 -2.03 -30.22 16.46
N PRO D 37 -1.54 -30.28 17.72
CA PRO D 37 -1.73 -29.20 18.69
C PRO D 37 -1.05 -27.90 18.29
N THR D 38 -1.58 -26.78 18.79
CA THR D 38 -1.07 -25.46 18.46
C THR D 38 -0.06 -24.93 19.49
N VAL D 39 -0.27 -25.30 20.76
CA VAL D 39 0.53 -24.76 21.84
C VAL D 39 1.60 -25.71 22.36
N PHE D 40 2.83 -25.23 22.41
CA PHE D 40 3.92 -25.95 23.05
C PHE D 40 4.49 -25.06 24.14
N ASP D 41 4.10 -25.35 25.38
CA ASP D 41 4.60 -24.61 26.53
C ASP D 41 6.10 -24.86 26.67
N ASN D 42 6.81 -23.88 27.23
CA ASN D 42 8.26 -24.02 27.43
C ASN D 42 8.58 -25.32 28.17
N TYR D 43 9.34 -26.20 27.53
CA TYR D 43 9.53 -27.54 28.08
C TYR D 43 10.98 -27.77 28.49
N SER D 44 11.18 -28.63 29.48
CA SER D 44 12.52 -29.00 29.88
C SER D 44 12.59 -30.52 29.89
N ALA D 45 13.32 -31.08 28.94
CA ALA D 45 13.34 -32.52 28.82
C ALA D 45 14.59 -33.13 29.42
N ASN D 46 14.46 -34.42 29.71
CA ASN D 46 15.55 -35.23 30.20
C ASN D 46 16.08 -36.06 29.06
N VAL D 47 17.19 -35.65 28.46
CA VAL D 47 17.72 -36.39 27.33
C VAL D 47 18.97 -37.16 27.72
N MET D 48 19.10 -38.37 27.20
CA MET D 48 20.30 -39.16 27.44
C MET D 48 21.22 -39.03 26.25
N VAL D 49 22.35 -38.36 26.47
CA VAL D 49 23.33 -38.19 25.40
C VAL D 49 24.56 -38.94 25.85
N ASP D 50 25.08 -39.79 24.98
CA ASP D 50 26.18 -40.69 25.32
C ASP D 50 25.66 -41.57 26.45
N GLY D 51 26.14 -41.37 27.67
CA GLY D 51 25.65 -42.11 28.82
C GLY D 51 25.17 -41.19 29.91
N LYS D 52 25.29 -39.89 29.66
CA LYS D 52 24.95 -38.87 30.65
C LYS D 52 23.65 -38.10 30.39
N PRO D 53 22.94 -37.76 31.48
CA PRO D 53 21.70 -36.99 31.48
C PRO D 53 21.92 -35.50 31.29
N VAL D 54 21.31 -34.98 30.23
CA VAL D 54 21.34 -33.56 29.96
C VAL D 54 19.92 -33.03 30.06
N ASN D 55 19.83 -31.72 30.22
CA ASN D 55 18.56 -31.03 30.39
C ASN D 55 18.24 -30.14 29.20
N LEU D 56 17.54 -30.68 28.22
CA LEU D 56 17.25 -29.90 27.02
C LEU D 56 16.01 -29.03 27.21
N GLY D 57 16.19 -27.73 27.29
CA GLY D 57 15.07 -26.83 27.43
C GLY D 57 14.68 -26.23 26.10
N LEU D 58 13.45 -26.51 25.71
CA LEU D 58 12.95 -26.17 24.40
C LEU D 58 11.92 -25.04 24.47
N TRP D 59 12.13 -24.06 23.59
CA TRP D 59 11.36 -22.84 23.53
C TRP D 59 10.78 -22.65 22.13
N ASP D 60 9.46 -22.59 22.02
CA ASP D 60 8.80 -22.41 20.75
C ASP D 60 8.57 -20.93 20.43
N THR D 61 8.54 -20.57 19.15
CA THR D 61 8.29 -19.19 18.75
C THR D 61 7.10 -19.06 17.79
N ALA D 62 6.33 -20.13 17.68
CA ALA D 62 5.15 -20.16 16.81
C ALA D 62 4.13 -19.09 17.15
N GLY D 63 3.74 -18.31 16.15
CA GLY D 63 2.78 -17.23 16.32
C GLY D 63 3.44 -15.87 16.22
N GLN D 64 4.73 -15.83 16.55
CA GLN D 64 5.50 -14.60 16.56
C GLN D 64 6.12 -14.25 15.20
N GLU D 65 5.88 -15.07 14.19
CA GLU D 65 6.52 -14.90 12.88
C GLU D 65 6.23 -13.55 12.21
N ASP D 66 5.06 -12.98 12.47
CA ASP D 66 4.67 -11.73 11.83
C ASP D 66 4.91 -10.51 12.73
N TYR D 67 5.37 -10.73 13.95
CA TYR D 67 5.55 -9.65 14.91
C TYR D 67 7.02 -9.44 15.25
N ASP D 68 7.65 -8.57 14.48
CA ASP D 68 9.09 -8.40 14.45
C ASP D 68 9.70 -7.85 15.73
N ARG D 69 8.96 -6.99 16.42
CA ARG D 69 9.50 -6.40 17.65
C ARG D 69 9.27 -7.30 18.85
N LEU D 70 8.39 -8.28 18.70
CA LEU D 70 8.10 -9.19 19.79
C LEU D 70 9.05 -10.40 19.77
N ARG D 71 9.36 -10.89 18.58
CA ARG D 71 10.29 -12.01 18.40
C ARG D 71 11.59 -11.94 19.21
N PRO D 72 12.34 -10.82 19.14
CA PRO D 72 13.67 -10.82 19.77
C PRO D 72 13.68 -11.07 21.27
N LEU D 73 12.55 -10.92 21.95
CA LEU D 73 12.50 -11.10 23.40
C LEU D 73 12.74 -12.55 23.84
N SER D 74 12.57 -13.48 22.91
CA SER D 74 12.80 -14.90 23.19
C SER D 74 14.28 -15.27 23.03
N TYR D 75 15.06 -14.38 22.44
CA TYR D 75 16.44 -14.69 22.06
C TYR D 75 17.54 -14.58 23.13
N PRO D 76 17.49 -13.56 24.02
CA PRO D 76 18.54 -13.48 25.05
C PRO D 76 18.81 -14.78 25.80
N GLN D 77 20.10 -15.11 25.96
CA GLN D 77 20.57 -16.26 26.74
C GLN D 77 20.40 -17.60 26.03
N THR D 78 20.16 -17.57 24.73
CA THR D 78 20.03 -18.81 23.96
C THR D 78 21.36 -19.54 23.86
N ASP D 79 21.31 -20.87 24.00
CA ASP D 79 22.50 -21.69 23.88
C ASP D 79 22.61 -22.23 22.47
N VAL D 80 21.46 -22.42 21.81
CA VAL D 80 21.50 -22.87 20.44
C VAL D 80 20.19 -22.61 19.73
N PHE D 81 20.28 -22.08 18.51
CA PHE D 81 19.10 -21.86 17.69
C PHE D 81 18.90 -23.01 16.70
N LEU D 82 17.64 -23.38 16.50
CA LEU D 82 17.30 -24.25 15.38
C LEU D 82 16.53 -23.41 14.38
N ILE D 83 17.16 -23.08 13.26
CA ILE D 83 16.46 -22.34 12.22
C ILE D 83 15.87 -23.35 11.26
N CYS D 84 14.55 -23.28 11.08
CA CYS D 84 13.84 -24.34 10.38
C CYS D 84 13.24 -23.88 9.05
N PHE D 85 13.21 -24.80 8.09
CA PHE D 85 12.53 -24.56 6.82
C PHE D 85 11.92 -25.85 6.28
N SER D 86 10.75 -25.72 5.64
CA SER D 86 10.09 -26.89 5.06
C SER D 86 10.78 -27.30 3.74
N LEU D 87 11.23 -28.55 3.69
CA LEU D 87 11.90 -29.09 2.50
C LEU D 87 11.02 -29.09 1.26
N VAL D 88 9.72 -28.81 1.43
CA VAL D 88 8.81 -28.72 0.30
C VAL D 88 8.21 -27.31 0.22
N SER D 89 8.86 -26.37 0.90
CA SER D 89 8.49 -24.96 0.81
C SER D 89 9.73 -24.10 0.59
N PRO D 90 10.04 -23.83 -0.68
CA PRO D 90 11.21 -23.03 -1.10
C PRO D 90 11.18 -21.59 -0.58
N ALA D 91 9.98 -21.06 -0.34
CA ALA D 91 9.84 -19.72 0.22
C ALA D 91 10.47 -19.62 1.59
N SER D 92 10.21 -20.60 2.45
CA SER D 92 10.74 -20.57 3.81
C SER D 92 12.25 -20.83 3.78
N PHE D 93 12.68 -21.55 2.75
CA PHE D 93 14.10 -21.80 2.54
C PHE D 93 14.73 -20.46 2.31
N GLU D 94 14.20 -19.72 1.35
CA GLU D 94 14.65 -18.36 1.11
C GLU D 94 14.63 -17.52 2.39
N ASN D 95 13.56 -17.61 3.19
CA ASN D 95 13.48 -16.83 4.43
C ASN D 95 14.49 -17.23 5.50
N VAL D 96 15.16 -18.37 5.32
CA VAL D 96 16.27 -18.70 6.19
C VAL D 96 17.41 -17.69 6.01
N ARG D 97 17.78 -17.42 4.75
CA ARG D 97 18.80 -16.44 4.44
C ARG D 97 18.28 -14.99 4.52
N ALA D 98 17.09 -14.77 3.97
CA ALA D 98 16.49 -13.45 3.92
C ALA D 98 16.04 -12.88 5.27
N LYS D 99 15.54 -13.74 6.14
CA LYS D 99 14.88 -13.24 7.35
C LYS D 99 15.48 -13.73 8.67
N TRP D 100 15.66 -15.04 8.80
CA TRP D 100 15.93 -15.62 10.11
C TRP D 100 17.40 -15.53 10.52
N TYR D 101 18.30 -15.95 9.64
CA TYR D 101 19.74 -15.85 9.88
C TYR D 101 20.19 -14.43 10.23
N PRO D 102 19.85 -13.42 9.41
CA PRO D 102 20.33 -12.08 9.80
C PRO D 102 19.81 -11.59 11.15
N GLU D 103 18.58 -11.96 11.52
CA GLU D 103 17.97 -11.50 12.75
C GLU D 103 18.60 -12.17 13.96
N VAL D 104 18.68 -13.50 13.89
CA VAL D 104 19.26 -14.29 14.97
C VAL D 104 20.71 -13.87 15.15
N ARG D 105 21.42 -13.67 14.04
CA ARG D 105 22.80 -13.23 14.11
C ARG D 105 22.90 -11.82 14.66
N HIS D 106 21.88 -11.01 14.42
CA HIS D 106 21.88 -9.64 14.91
C HIS D 106 21.79 -9.64 16.43
N HIS D 107 20.81 -10.34 16.99
CA HIS D 107 20.64 -10.35 18.44
C HIS D 107 21.60 -11.30 19.16
N CYS D 108 22.01 -12.37 18.49
CA CYS D 108 22.91 -13.36 19.07
C CYS D 108 24.04 -13.67 18.08
N PRO D 109 25.09 -12.83 18.09
CA PRO D 109 26.19 -12.92 17.13
C PRO D 109 27.10 -14.12 17.37
N ASN D 110 27.07 -14.68 18.57
CA ASN D 110 27.96 -15.76 18.94
C ASN D 110 27.28 -17.12 19.14
N THR D 111 25.96 -17.12 19.24
CA THR D 111 25.19 -18.34 19.51
C THR D 111 25.10 -19.26 18.28
N PRO D 112 25.40 -20.55 18.47
CA PRO D 112 25.40 -21.53 17.37
C PRO D 112 24.03 -21.76 16.73
N ILE D 113 24.07 -22.02 15.42
CA ILE D 113 22.88 -22.22 14.61
C ILE D 113 22.90 -23.58 13.95
N ILE D 114 21.82 -24.34 14.14
CA ILE D 114 21.60 -25.56 13.38
C ILE D 114 20.51 -25.37 12.35
N LEU D 115 20.83 -25.68 11.10
CA LEU D 115 19.84 -25.59 10.03
C LEU D 115 19.03 -26.88 9.96
N VAL D 116 17.73 -26.77 10.19
CA VAL D 116 16.85 -27.92 10.20
C VAL D 116 15.83 -27.88 9.07
N GLY D 117 15.91 -28.87 8.19
CA GLY D 117 14.90 -29.06 7.17
C GLY D 117 13.82 -30.00 7.69
N THR D 118 12.58 -29.55 7.64
CA THR D 118 11.47 -30.35 8.17
C THR D 118 10.68 -30.97 7.03
N LYS D 119 9.64 -31.74 7.39
CA LYS D 119 8.76 -32.41 6.44
C LYS D 119 9.53 -33.23 5.39
N LEU D 120 10.57 -33.91 5.85
CA LEU D 120 11.39 -34.78 5.01
C LEU D 120 10.53 -35.82 4.29
N ASP D 121 9.49 -36.28 4.98
CA ASP D 121 8.59 -37.32 4.45
C ASP D 121 7.84 -36.87 3.19
N LEU D 122 7.81 -35.56 2.94
CA LEU D 122 7.07 -35.01 1.81
C LEU D 122 7.93 -34.66 0.61
N ARG D 123 9.25 -34.63 0.79
CA ARG D 123 10.17 -34.24 -0.28
C ARG D 123 9.98 -35.09 -1.53
N ASP D 124 9.50 -36.32 -1.33
CA ASP D 124 9.32 -37.25 -2.43
C ASP D 124 7.87 -37.67 -2.57
N ASP D 125 6.98 -36.93 -1.93
CA ASP D 125 5.53 -37.11 -2.10
C ASP D 125 5.09 -36.58 -3.46
N LYS D 126 4.52 -37.47 -4.26
CA LYS D 126 4.16 -37.23 -5.65
C LYS D 126 3.31 -35.98 -5.85
N ASP D 127 2.25 -35.87 -5.04
CA ASP D 127 1.29 -34.79 -5.15
C ASP D 127 1.97 -33.43 -4.94
N THR D 128 2.73 -33.35 -3.85
CA THR D 128 3.48 -32.14 -3.51
C THR D 128 4.41 -31.72 -4.63
N ILE D 129 5.25 -32.65 -5.10
CA ILE D 129 6.19 -32.39 -6.19
C ILE D 129 5.50 -31.85 -7.44
N GLU D 130 4.33 -32.41 -7.77
CA GLU D 130 3.63 -31.96 -8.96
C GLU D 130 3.11 -30.54 -8.78
N LYS D 131 2.53 -30.30 -7.61
CA LYS D 131 1.93 -29.01 -7.32
C LYS D 131 2.99 -27.92 -7.22
N LEU D 132 4.15 -28.25 -6.68
CA LEU D 132 5.27 -27.31 -6.65
C LEU D 132 5.77 -27.03 -8.06
N LYS D 133 5.85 -28.07 -8.89
CA LYS D 133 6.30 -27.88 -10.26
C LYS D 133 5.33 -26.98 -11.04
N GLU D 134 4.10 -26.89 -10.56
CA GLU D 134 3.13 -26.02 -11.20
C GLU D 134 3.60 -24.55 -11.28
N LYS D 135 4.31 -24.07 -10.26
CA LYS D 135 4.89 -22.73 -10.30
C LYS D 135 6.41 -22.80 -10.50
N LYS D 136 6.86 -23.77 -11.30
CA LYS D 136 8.29 -23.96 -11.59
C LYS D 136 9.15 -24.13 -10.35
N LEU D 137 8.68 -24.91 -9.38
CA LEU D 137 9.45 -25.12 -8.16
C LEU D 137 9.69 -26.62 -7.91
N THR D 138 10.72 -26.90 -7.11
CA THR D 138 11.08 -28.25 -6.72
C THR D 138 11.48 -28.24 -5.25
N PRO D 139 11.26 -29.37 -4.54
CA PRO D 139 11.64 -29.44 -3.13
C PRO D 139 13.13 -29.23 -2.91
N ILE D 140 13.50 -28.68 -1.76
CA ILE D 140 14.90 -28.46 -1.43
C ILE D 140 15.63 -29.79 -1.21
N THR D 141 16.66 -30.02 -2.00
CA THR D 141 17.49 -31.21 -1.90
C THR D 141 18.55 -31.05 -0.83
N TYR D 142 19.07 -32.19 -0.36
CA TYR D 142 20.12 -32.18 0.67
C TYR D 142 21.32 -31.30 0.29
N PRO D 143 21.83 -31.41 -0.96
CA PRO D 143 22.93 -30.49 -1.30
C PRO D 143 22.56 -29.01 -1.21
N GLN D 144 21.36 -28.62 -1.65
CA GLN D 144 20.91 -27.24 -1.55
C GLN D 144 20.91 -26.72 -0.11
N GLY D 145 20.33 -27.51 0.79
CA GLY D 145 20.23 -27.13 2.19
C GLY D 145 21.58 -27.13 2.87
N LEU D 146 22.44 -28.05 2.46
CA LEU D 146 23.80 -28.11 2.99
C LEU D 146 24.58 -26.87 2.55
N ALA D 147 24.33 -26.46 1.31
CA ALA D 147 24.88 -25.23 0.77
C ALA D 147 24.45 -24.06 1.63
N MET D 148 23.15 -23.95 1.89
CA MET D 148 22.68 -22.87 2.76
C MET D 148 23.30 -22.90 4.14
N ALA D 149 23.39 -24.09 4.72
CA ALA D 149 23.94 -24.25 6.06
C ALA D 149 25.37 -23.76 6.11
N LYS D 150 26.14 -24.07 5.07
CA LYS D 150 27.49 -23.55 4.99
C LYS D 150 27.49 -22.03 4.85
N GLU D 151 26.62 -21.51 3.99
CA GLU D 151 26.55 -20.07 3.74
C GLU D 151 26.24 -19.25 4.99
N ILE D 152 25.28 -19.69 5.80
CA ILE D 152 24.90 -18.95 7.00
C ILE D 152 25.75 -19.37 8.20
N GLY D 153 26.71 -20.25 7.95
CA GLY D 153 27.61 -20.72 8.99
C GLY D 153 26.93 -21.48 10.10
N ALA D 154 26.13 -22.48 9.72
CA ALA D 154 25.48 -23.33 10.69
C ALA D 154 26.46 -24.37 11.22
N VAL D 155 26.37 -24.70 12.50
CA VAL D 155 27.25 -25.70 13.09
C VAL D 155 26.95 -27.06 12.47
N LYS D 156 25.70 -27.23 12.03
CA LYS D 156 25.31 -28.46 11.36
C LYS D 156 24.03 -28.27 10.53
N TYR D 157 23.87 -29.14 9.53
CA TYR D 157 22.65 -29.20 8.74
C TYR D 157 22.01 -30.58 8.85
N LEU D 158 20.76 -30.60 9.30
CA LEU D 158 20.05 -31.87 9.45
C LEU D 158 18.62 -31.82 8.93
N GLU D 159 18.23 -32.91 8.29
CA GLU D 159 16.86 -33.09 7.81
C GLU D 159 16.09 -34.09 8.68
N CYS D 160 14.78 -33.92 8.74
CA CYS D 160 13.93 -34.78 9.56
C CYS D 160 12.44 -34.67 9.21
N SER D 161 11.67 -35.61 9.72
CA SER D 161 10.22 -35.61 9.55
C SER D 161 9.55 -35.87 10.90
N ALA D 162 8.68 -34.96 11.31
CA ALA D 162 7.94 -35.09 12.56
C ALA D 162 7.01 -36.29 12.49
N LEU D 163 6.57 -36.62 11.28
CA LEU D 163 5.68 -37.75 11.04
C LEU D 163 6.34 -39.10 11.30
N THR D 164 7.33 -39.44 10.49
CA THR D 164 7.99 -40.73 10.57
C THR D 164 9.10 -40.78 11.62
N GLN D 165 9.37 -39.63 12.26
CA GLN D 165 10.41 -39.51 13.28
C GLN D 165 11.82 -39.74 12.73
N ARG D 166 11.90 -39.95 11.42
CA ARG D 166 13.17 -40.20 10.74
C ARG D 166 14.13 -39.04 10.97
N GLY D 167 15.21 -39.29 11.70
CA GLY D 167 16.21 -38.28 11.96
C GLY D 167 15.79 -37.20 12.96
N LEU D 168 14.65 -37.41 13.62
CA LEU D 168 14.09 -36.43 14.55
C LEU D 168 14.90 -36.34 15.84
N LYS D 169 15.28 -37.50 16.38
CA LYS D 169 16.13 -37.59 17.57
C LYS D 169 17.46 -36.85 17.41
N THR D 170 18.03 -37.02 16.22
CA THR D 170 19.36 -36.54 15.91
C THR D 170 19.41 -35.01 15.88
N VAL D 171 18.31 -34.38 15.50
CA VAL D 171 18.26 -32.92 15.48
C VAL D 171 18.55 -32.34 16.86
N PHE D 172 17.98 -32.95 17.89
CA PHE D 172 18.07 -32.39 19.22
C PHE D 172 19.32 -32.92 19.92
N ASP D 173 19.83 -34.06 19.44
CA ASP D 173 21.11 -34.55 19.93
C ASP D 173 22.20 -33.61 19.45
N GLU D 174 22.10 -33.23 18.18
CA GLU D 174 23.08 -32.36 17.59
C GLU D 174 22.93 -30.96 18.19
N ALA D 175 21.73 -30.62 18.67
CA ALA D 175 21.60 -29.36 19.41
C ALA D 175 22.45 -29.42 20.68
N ILE D 176 22.26 -30.48 21.45
CA ILE D 176 22.97 -30.66 22.71
C ILE D 176 24.49 -30.67 22.51
N ARG D 177 24.92 -31.34 21.44
CA ARG D 177 26.35 -31.39 21.11
C ARG D 177 26.87 -30.04 20.62
N ALA D 178 26.02 -29.30 19.91
CA ALA D 178 26.42 -27.99 19.44
C ALA D 178 26.55 -27.04 20.62
N VAL D 179 25.92 -27.35 21.73
CA VAL D 179 26.12 -26.52 22.92
C VAL D 179 27.39 -26.95 23.63
N LEU D 180 27.47 -28.24 23.96
CA LEU D 180 28.60 -28.77 24.72
C LEU D 180 29.95 -28.61 23.99
N CYS D 181 29.90 -28.52 22.66
CA CYS D 181 31.13 -28.48 21.86
C CYS D 181 31.30 -27.22 21.00
N PRO D 182 31.62 -26.08 21.63
CA PRO D 182 31.77 -24.86 20.82
C PRO D 182 33.22 -24.64 20.37
N GLY E 1 -10.54 -37.26 -22.43
CA GLY E 1 -11.34 -36.81 -23.56
C GLY E 1 -12.78 -36.57 -23.16
N GLU E 2 -13.34 -37.57 -22.50
CA GLU E 2 -14.68 -37.46 -21.93
C GLU E 2 -14.55 -36.86 -20.54
N PHE E 3 -13.35 -37.01 -19.98
CA PHE E 3 -13.05 -36.54 -18.63
C PHE E 3 -12.38 -35.18 -18.63
N ALA E 4 -11.65 -34.89 -19.70
CA ALA E 4 -11.05 -33.57 -19.88
C ALA E 4 -12.11 -32.54 -20.27
N ALA E 5 -13.09 -32.97 -21.06
CA ALA E 5 -14.14 -32.05 -21.47
C ALA E 5 -15.13 -31.83 -20.34
N ALA E 6 -15.29 -32.84 -19.49
CA ALA E 6 -16.14 -32.72 -18.33
C ALA E 6 -15.52 -31.75 -17.32
N ARG E 7 -14.21 -31.84 -17.18
CA ARG E 7 -13.47 -30.96 -16.28
C ARG E 7 -13.49 -29.54 -16.83
N GLU E 8 -13.38 -29.41 -18.15
CA GLU E 8 -13.45 -28.10 -18.77
C GLU E 8 -14.81 -27.44 -18.57
N SER E 9 -15.88 -28.20 -18.74
CA SER E 9 -17.24 -27.68 -18.53
C SER E 9 -17.45 -27.25 -17.08
N GLU E 10 -17.02 -28.11 -16.16
CA GLU E 10 -17.14 -27.82 -14.74
C GLU E 10 -16.34 -26.56 -14.36
N ARG E 11 -15.20 -26.39 -15.00
CA ARG E 11 -14.35 -25.24 -14.77
C ARG E 11 -15.05 -23.97 -15.25
N GLN E 12 -15.62 -24.06 -16.45
CA GLN E 12 -16.38 -22.95 -17.03
C GLN E 12 -17.49 -22.49 -16.08
N LEU E 13 -18.19 -23.44 -15.46
CA LEU E 13 -19.28 -23.07 -14.55
C LEU E 13 -18.74 -22.43 -13.27
N ARG E 14 -17.70 -23.04 -12.72
CA ARG E 14 -16.99 -22.52 -11.54
C ARG E 14 -16.62 -21.05 -11.75
N LEU E 15 -16.11 -20.76 -12.93
CA LEU E 15 -15.64 -19.43 -13.28
C LEU E 15 -16.79 -18.45 -13.48
N ARG E 16 -17.82 -18.86 -14.23
CA ARG E 16 -19.01 -18.00 -14.36
C ARG E 16 -19.57 -17.58 -13.01
N LEU E 17 -19.61 -18.51 -12.07
CA LEU E 17 -20.05 -18.17 -10.72
C LEU E 17 -19.11 -17.14 -10.11
N CYS E 18 -17.80 -17.34 -10.31
CA CYS E 18 -16.82 -16.36 -9.83
C CYS E 18 -17.09 -14.94 -10.38
N VAL E 19 -17.38 -14.84 -11.67
CA VAL E 19 -17.63 -13.56 -12.32
C VAL E 19 -18.89 -12.87 -11.80
N LEU E 20 -19.99 -13.62 -11.71
CA LEU E 20 -21.24 -13.06 -11.17
C LEU E 20 -21.02 -12.53 -9.77
N ASN E 21 -20.35 -13.34 -8.96
CA ASN E 21 -19.97 -12.94 -7.61
C ASN E 21 -19.17 -11.64 -7.59
N GLU E 22 -18.22 -11.50 -8.52
CA GLU E 22 -17.45 -10.28 -8.60
C GLU E 22 -18.31 -9.06 -8.95
N ILE E 23 -19.13 -9.18 -9.99
CA ILE E 23 -20.04 -8.11 -10.38
C ILE E 23 -20.88 -7.62 -9.19
N LEU E 24 -21.46 -8.57 -8.46
CA LEU E 24 -22.29 -8.21 -7.32
C LEU E 24 -21.52 -7.60 -6.15
N GLY E 25 -20.47 -8.28 -5.70
CA GLY E 25 -19.67 -7.78 -4.59
C GLY E 25 -19.11 -6.40 -4.83
N THR E 26 -18.65 -6.17 -6.05
CA THR E 26 -18.04 -4.88 -6.38
C THR E 26 -19.12 -3.82 -6.58
N GLU E 27 -20.30 -4.22 -7.05
CA GLU E 27 -21.42 -3.29 -7.05
C GLU E 27 -21.82 -2.85 -5.64
N ARG E 28 -21.78 -3.79 -4.69
CA ARG E 28 -22.08 -3.48 -3.29
C ARG E 28 -21.02 -2.51 -2.75
N ASP E 29 -19.76 -2.81 -3.07
CA ASP E 29 -18.65 -1.96 -2.66
C ASP E 29 -18.80 -0.53 -3.20
N TYR E 30 -19.14 -0.44 -4.49
CA TYR E 30 -19.24 0.84 -5.19
C TYR E 30 -20.38 1.70 -4.66
N VAL E 31 -21.56 1.12 -4.58
CA VAL E 31 -22.71 1.82 -3.99
C VAL E 31 -22.36 2.25 -2.58
N GLY E 32 -21.69 1.38 -1.84
CA GLY E 32 -21.18 1.72 -0.52
C GLY E 32 -20.34 2.98 -0.50
N THR E 33 -19.37 3.06 -1.43
CA THR E 33 -18.52 4.24 -1.55
C THR E 33 -19.33 5.51 -1.85
N LEU E 34 -20.25 5.41 -2.80
CA LEU E 34 -21.06 6.55 -3.17
C LEU E 34 -21.89 7.04 -1.99
N ARG E 35 -22.44 6.10 -1.20
CA ARG E 35 -23.16 6.50 0.00
C ARG E 35 -22.24 7.13 1.02
N PHE E 36 -21.00 6.67 1.08
CA PHE E 36 -20.07 7.28 2.01
C PHE E 36 -19.84 8.74 1.61
N LEU E 37 -19.62 8.97 0.32
CA LEU E 37 -19.45 10.35 -0.16
C LEU E 37 -20.67 11.23 0.15
N GLN E 38 -21.86 10.68 -0.05
CA GLN E 38 -23.07 11.43 0.27
C GLN E 38 -23.18 11.76 1.77
N SER E 39 -23.05 10.73 2.61
CA SER E 39 -23.20 10.88 4.06
C SER E 39 -22.09 11.73 4.72
N ALA E 40 -20.84 11.32 4.52
CA ALA E 40 -19.70 11.91 5.22
C ALA E 40 -19.39 13.36 4.82
N PHE E 41 -19.69 13.72 3.58
CA PHE E 41 -19.36 15.06 3.09
C PHE E 41 -20.59 15.94 2.83
N LEU E 42 -21.43 15.52 1.90
CA LEU E 42 -22.53 16.36 1.42
C LEU E 42 -23.58 16.62 2.51
N HIS E 43 -24.12 15.54 3.07
CA HIS E 43 -25.06 15.64 4.19
C HIS E 43 -24.42 16.41 5.34
N ARG E 44 -23.12 16.23 5.52
CA ARG E 44 -22.38 16.93 6.56
C ARG E 44 -22.35 18.44 6.32
N ILE E 45 -22.15 18.83 5.07
CA ILE E 45 -22.14 20.24 4.70
C ILE E 45 -23.55 20.85 4.82
N ARG E 46 -24.58 20.05 4.52
CA ARG E 46 -25.96 20.55 4.56
C ARG E 46 -26.55 20.64 5.96
N GLN E 47 -26.21 19.69 6.81
CA GLN E 47 -26.65 19.68 8.20
C GLN E 47 -26.25 20.98 8.91
N ASN E 48 -25.09 21.50 8.53
CA ASN E 48 -24.62 22.80 9.01
C ASN E 48 -24.07 23.66 7.86
N VAL E 49 -24.94 24.46 7.26
CA VAL E 49 -24.59 25.34 6.14
C VAL E 49 -23.65 26.48 6.54
N ALA E 50 -23.71 26.89 7.80
CA ALA E 50 -22.84 27.95 8.29
C ALA E 50 -21.41 27.50 8.18
N ASP E 51 -21.21 26.21 8.47
CA ASP E 51 -19.92 25.58 8.36
C ASP E 51 -19.56 25.48 6.88
N SER E 52 -20.57 25.31 6.04
CA SER E 52 -20.31 25.23 4.61
C SER E 52 -19.64 26.50 4.15
N VAL E 53 -20.34 27.63 4.26
CA VAL E 53 -19.71 28.85 3.73
C VAL E 53 -18.58 29.45 4.58
N GLU E 54 -18.79 29.62 5.89
CA GLU E 54 -17.84 30.38 6.70
C GLU E 54 -16.50 29.68 6.98
N LYS E 55 -16.32 28.46 6.46
CA LYS E 55 -15.04 27.78 6.59
C LYS E 55 -14.28 27.76 5.26
N GLY E 56 -15.01 27.98 4.16
CA GLY E 56 -14.40 28.12 2.86
C GLY E 56 -15.03 27.34 1.71
N LEU E 57 -15.97 26.46 2.03
CA LEU E 57 -16.65 25.67 1.01
C LEU E 57 -17.97 26.30 0.60
N THR E 58 -17.92 27.08 -0.48
CA THR E 58 -19.10 27.72 -1.03
C THR E 58 -20.01 26.70 -1.73
N GLU E 59 -21.29 27.04 -1.86
CA GLU E 59 -22.23 26.18 -2.57
C GLU E 59 -21.79 25.97 -4.01
N GLU E 60 -21.21 27.01 -4.60
CA GLU E 60 -20.60 26.91 -5.92
C GLU E 60 -19.50 25.84 -5.92
N ASN E 61 -18.65 25.91 -4.91
CA ASN E 61 -17.57 24.96 -4.72
C ASN E 61 -18.09 23.53 -4.61
N VAL E 62 -19.03 23.32 -3.69
CA VAL E 62 -19.60 22.00 -3.48
C VAL E 62 -20.30 21.45 -4.72
N LYS E 63 -21.07 22.30 -5.37
CA LYS E 63 -21.80 21.93 -6.58
C LYS E 63 -20.87 21.49 -7.70
N VAL E 64 -19.78 22.21 -7.91
CA VAL E 64 -18.86 21.82 -8.98
C VAL E 64 -17.98 20.62 -8.57
N LEU E 65 -17.58 20.59 -7.31
CA LEU E 65 -16.70 19.53 -6.81
C LEU E 65 -17.38 18.17 -6.87
N PHE E 66 -18.58 18.08 -6.29
CA PHE E 66 -19.24 16.78 -6.16
C PHE E 66 -20.19 16.54 -7.32
N SER E 67 -20.31 17.55 -8.18
CA SER E 67 -21.11 17.47 -9.40
C SER E 67 -22.50 16.86 -9.16
N ASN E 68 -22.92 15.95 -10.03
CA ASN E 68 -24.21 15.30 -9.88
C ASN E 68 -24.08 13.86 -9.36
N ILE E 69 -23.13 13.66 -8.45
CA ILE E 69 -22.82 12.33 -7.91
C ILE E 69 -24.02 11.66 -7.24
N GLU E 70 -24.96 12.47 -6.75
CA GLU E 70 -26.10 11.94 -6.04
C GLU E 70 -27.07 11.29 -7.01
N ASP E 71 -27.04 11.77 -8.26
CA ASP E 71 -27.90 11.21 -9.29
C ASP E 71 -27.37 9.82 -9.59
N ILE E 72 -26.05 9.72 -9.72
CA ILE E 72 -25.36 8.45 -9.96
C ILE E 72 -25.67 7.45 -8.85
N LEU E 73 -25.48 7.91 -7.61
CA LEU E 73 -25.81 7.09 -6.44
C LEU E 73 -27.22 6.52 -6.58
N GLU E 74 -28.19 7.37 -6.88
CA GLU E 74 -29.56 6.88 -7.12
C GLU E 74 -29.65 5.79 -8.22
N VAL E 75 -29.02 6.04 -9.37
CA VAL E 75 -29.11 5.08 -10.48
C VAL E 75 -28.54 3.73 -10.07
N HIS E 76 -27.49 3.77 -9.26
CA HIS E 76 -26.83 2.54 -8.82
C HIS E 76 -27.56 1.89 -7.65
N LYS E 77 -28.32 2.67 -6.91
CA LYS E 77 -29.23 2.10 -5.91
C LYS E 77 -30.21 1.17 -6.61
N ASP E 78 -30.81 1.69 -7.69
CA ASP E 78 -31.81 0.89 -8.39
C ASP E 78 -31.14 -0.26 -9.14
N PHE E 79 -29.99 0.02 -9.74
CA PHE E 79 -29.23 -0.98 -10.48
C PHE E 79 -28.77 -2.15 -9.61
N LEU E 80 -28.21 -1.82 -8.46
CA LEU E 80 -27.75 -2.82 -7.51
C LEU E 80 -28.94 -3.65 -7.07
N ALA E 81 -30.03 -2.99 -6.67
CA ALA E 81 -31.26 -3.71 -6.31
C ALA E 81 -31.67 -4.71 -7.39
N ALA E 82 -31.58 -4.29 -8.64
CA ALA E 82 -31.95 -5.18 -9.75
C ALA E 82 -31.03 -6.39 -9.80
N LEU E 83 -29.74 -6.17 -9.59
CA LEU E 83 -28.77 -7.26 -9.62
C LEU E 83 -29.07 -8.26 -8.52
N GLU E 84 -29.34 -7.73 -7.33
CA GLU E 84 -29.65 -8.55 -6.17
C GLU E 84 -30.89 -9.40 -6.42
N TYR E 85 -31.92 -8.78 -7.00
CA TYR E 85 -33.12 -9.53 -7.33
C TYR E 85 -32.77 -10.67 -8.28
N CYS E 86 -31.92 -10.41 -9.26
CA CYS E 86 -31.57 -11.45 -10.22
C CYS E 86 -30.72 -12.58 -9.60
N LEU E 87 -29.76 -12.23 -8.73
CA LEU E 87 -28.91 -13.26 -8.14
C LEU E 87 -29.31 -13.62 -6.70
N HIS E 88 -30.48 -14.24 -6.56
CA HIS E 88 -31.01 -14.63 -5.24
C HIS E 88 -31.21 -16.13 -5.12
N PRO E 89 -30.87 -16.71 -3.95
CA PRO E 89 -30.35 -16.05 -2.74
C PRO E 89 -28.83 -15.90 -2.78
N GLU E 90 -28.25 -16.38 -3.87
CA GLU E 90 -26.83 -16.28 -4.12
C GLU E 90 -26.63 -16.51 -5.61
N PRO E 91 -25.46 -16.13 -6.15
CA PRO E 91 -25.27 -16.41 -7.58
C PRO E 91 -25.23 -17.90 -7.89
N GLN E 92 -25.98 -18.30 -8.91
CA GLN E 92 -26.07 -19.68 -9.33
C GLN E 92 -25.97 -19.78 -10.83
N SER E 93 -25.59 -20.94 -11.35
CA SER E 93 -25.27 -21.10 -12.77
C SER E 93 -26.39 -20.68 -13.73
N GLN E 94 -27.64 -21.05 -13.42
CA GLN E 94 -28.75 -20.74 -14.31
C GLN E 94 -29.17 -19.26 -14.34
N HIS E 95 -28.67 -18.45 -13.40
CA HIS E 95 -29.01 -17.03 -13.33
C HIS E 95 -28.63 -16.21 -14.56
N GLU E 96 -29.40 -15.15 -14.81
CA GLU E 96 -29.22 -14.29 -15.98
C GLU E 96 -29.04 -12.78 -15.68
N LEU E 97 -27.85 -12.24 -15.94
CA LEU E 97 -27.60 -10.81 -15.71
C LEU E 97 -27.71 -9.85 -16.91
N GLY E 98 -27.65 -10.38 -18.12
CA GLY E 98 -27.68 -9.57 -19.33
C GLY E 98 -28.72 -8.46 -19.38
N ASN E 99 -29.98 -8.87 -19.24
CA ASN E 99 -31.12 -7.98 -19.36
C ASN E 99 -31.10 -6.83 -18.34
N VAL E 100 -30.55 -7.09 -17.16
CA VAL E 100 -30.41 -6.10 -16.09
C VAL E 100 -29.62 -4.91 -16.61
N PHE E 101 -28.43 -5.24 -17.09
CA PHE E 101 -27.53 -4.29 -17.72
C PHE E 101 -28.21 -3.55 -18.85
N LEU E 102 -28.73 -4.32 -19.81
CA LEU E 102 -29.45 -3.72 -20.94
C LEU E 102 -30.49 -2.71 -20.48
N LYS E 103 -31.22 -3.07 -19.43
CA LYS E 103 -32.27 -2.23 -18.87
C LYS E 103 -31.69 -0.93 -18.32
N PHE E 104 -30.49 -0.95 -17.77
CA PHE E 104 -29.95 0.31 -17.22
C PHE E 104 -29.02 1.08 -18.17
N LYS E 105 -28.69 0.48 -19.31
CA LYS E 105 -27.78 1.12 -20.30
C LYS E 105 -28.03 2.60 -20.62
N ASP E 106 -29.29 3.01 -20.72
CA ASP E 106 -29.63 4.39 -21.05
C ASP E 106 -29.65 5.27 -19.79
N LYS E 107 -29.84 4.63 -18.66
CA LYS E 107 -29.89 5.33 -17.38
C LYS E 107 -28.51 5.81 -16.95
N PHE E 108 -27.47 5.17 -17.49
CA PHE E 108 -26.08 5.47 -17.14
C PHE E 108 -25.57 6.78 -17.73
N CYS E 109 -26.33 7.35 -18.67
CA CYS E 109 -25.98 8.63 -19.29
C CYS E 109 -25.63 9.75 -18.29
N VAL E 110 -26.08 9.59 -17.05
CA VAL E 110 -25.83 10.56 -16.00
C VAL E 110 -24.35 10.74 -15.74
N TYR E 111 -23.57 9.75 -16.12
CA TYR E 111 -22.13 9.82 -15.95
C TYR E 111 -21.46 10.88 -16.79
N GLU E 112 -22.04 11.17 -17.96
CA GLU E 112 -21.41 12.11 -18.87
C GLU E 112 -21.16 13.43 -18.17
N GLU E 113 -22.24 13.94 -17.59
CA GLU E 113 -22.23 15.19 -16.86
C GLU E 113 -21.15 15.18 -15.78
N TYR E 114 -21.03 14.06 -15.06
CA TYR E 114 -20.05 13.96 -14.00
C TYR E 114 -18.63 13.93 -14.56
N CYS E 115 -18.41 13.08 -15.55
CA CYS E 115 -17.04 12.74 -15.96
C CYS E 115 -16.35 13.93 -16.60
N SER E 116 -17.09 14.63 -17.44
CA SER E 116 -16.63 15.87 -18.04
C SER E 116 -16.26 16.93 -17.01
N ASN E 117 -17.01 16.96 -15.92
CA ASN E 117 -16.84 18.02 -14.93
C ASN E 117 -15.63 17.77 -14.03
N HIS E 118 -15.32 16.49 -13.81
CA HIS E 118 -14.31 16.06 -12.81
C HIS E 118 -13.00 16.80 -12.91
N GLU E 119 -12.57 17.08 -14.13
CA GLU E 119 -11.34 17.82 -14.34
C GLU E 119 -11.29 19.04 -13.43
N LYS E 120 -12.26 19.94 -13.58
CA LYS E 120 -12.30 21.15 -12.75
C LYS E 120 -12.37 20.78 -11.30
N ALA E 121 -13.09 19.70 -11.04
CA ALA E 121 -13.38 19.30 -9.67
C ALA E 121 -12.08 19.04 -8.95
N LEU E 122 -11.15 18.32 -9.58
CA LEU E 122 -9.92 18.05 -8.87
C LEU E 122 -9.00 19.26 -8.95
N ARG E 123 -9.10 20.05 -10.02
CA ARG E 123 -8.24 21.23 -10.12
C ARG E 123 -8.59 22.22 -9.02
N LEU E 124 -9.89 22.42 -8.81
CA LEU E 124 -10.37 23.29 -7.76
C LEU E 124 -9.93 22.71 -6.43
N LEU E 125 -9.97 21.38 -6.35
CA LEU E 125 -9.63 20.71 -5.11
C LEU E 125 -8.17 21.01 -4.79
N VAL E 126 -7.36 21.13 -5.83
CA VAL E 126 -5.93 21.44 -5.63
C VAL E 126 -5.78 22.80 -4.99
N GLU E 127 -6.61 23.75 -5.41
CA GLU E 127 -6.60 25.08 -4.84
C GLU E 127 -7.18 25.06 -3.43
N LEU E 128 -8.12 24.16 -3.18
CA LEU E 128 -8.76 24.13 -1.87
C LEU E 128 -7.83 23.54 -0.82
N ASN E 129 -6.94 22.65 -1.26
CA ASN E 129 -5.93 22.06 -0.37
C ASN E 129 -4.81 23.02 0.02
N LYS E 130 -4.75 24.18 -0.61
CA LYS E 130 -3.77 25.20 -0.21
C LYS E 130 -4.29 25.96 1.00
N ILE E 131 -5.60 26.21 1.02
CA ILE E 131 -6.24 26.82 2.18
C ILE E 131 -6.23 25.83 3.34
N PRO E 132 -5.63 26.22 4.47
CA PRO E 132 -5.45 25.31 5.61
C PRO E 132 -6.75 24.86 6.28
N THR E 133 -7.64 25.80 6.59
CA THR E 133 -8.87 25.47 7.30
C THR E 133 -9.86 24.62 6.48
N VAL E 134 -9.82 24.73 5.16
CA VAL E 134 -10.76 24.01 4.31
C VAL E 134 -10.33 22.57 4.17
N ARG E 135 -9.03 22.41 3.99
CA ARG E 135 -8.41 21.10 3.95
C ARG E 135 -8.61 20.37 5.25
N ALA E 136 -8.43 21.14 6.32
CA ALA E 136 -8.65 20.67 7.65
C ALA E 136 -10.06 20.11 7.69
N PHE E 137 -11.02 20.88 7.19
CA PHE E 137 -12.40 20.42 7.12
C PHE E 137 -12.56 19.10 6.35
N LEU E 138 -12.02 19.04 5.13
CA LEU E 138 -12.15 17.86 4.28
C LEU E 138 -11.59 16.60 4.95
N LEU E 139 -10.49 16.78 5.68
CA LEU E 139 -9.88 15.68 6.39
C LEU E 139 -10.76 15.31 7.56
N SER E 140 -11.40 16.32 8.14
CA SER E 140 -12.32 16.09 9.24
C SER E 140 -13.52 15.27 8.81
N CYS E 141 -14.07 15.59 7.64
CA CYS E 141 -15.15 14.78 7.07
C CYS E 141 -14.69 13.35 6.83
N MET E 142 -13.47 13.17 6.29
CA MET E 142 -12.99 11.80 6.09
C MET E 142 -12.91 11.04 7.41
N LEU E 143 -12.34 11.68 8.44
CA LEU E 143 -12.19 11.04 9.74
C LEU E 143 -13.52 10.74 10.44
N LEU E 144 -14.37 11.75 10.56
CA LEU E 144 -15.66 11.64 11.24
C LEU E 144 -16.64 10.72 10.52
N GLY E 145 -16.48 10.59 9.21
CA GLY E 145 -17.31 9.69 8.44
C GLY E 145 -16.92 8.24 8.63
N GLY E 146 -15.79 8.02 9.29
CA GLY E 146 -15.33 6.69 9.59
C GLY E 146 -14.21 6.25 8.68
N ASP E 151 -6.21 6.31 4.99
CA ASP E 151 -6.91 5.67 3.88
C ASP E 151 -6.62 6.32 2.53
N ILE E 152 -7.39 5.90 1.53
CA ILE E 152 -7.37 6.52 0.20
C ILE E 152 -7.88 7.95 0.30
N PRO E 153 -7.15 8.91 -0.30
CA PRO E 153 -7.60 10.30 -0.15
C PRO E 153 -8.88 10.58 -0.94
N LEU E 154 -9.52 11.72 -0.68
CA LEU E 154 -10.77 12.12 -1.36
C LEU E 154 -10.70 12.06 -2.87
N GLU E 155 -9.57 12.46 -3.42
CA GLU E 155 -9.38 12.52 -4.86
C GLU E 155 -9.75 11.20 -5.49
N GLY E 156 -9.52 10.13 -4.74
CA GLY E 156 -9.79 8.79 -5.20
C GLY E 156 -11.26 8.45 -5.11
N TYR E 157 -11.94 8.91 -4.05
CA TYR E 157 -13.37 8.61 -3.95
C TYR E 157 -14.09 9.32 -5.09
N LEU E 158 -13.67 10.56 -5.36
CA LEU E 158 -14.23 11.31 -6.47
C LEU E 158 -13.90 10.70 -7.81
N LEU E 159 -12.77 10.01 -7.88
CA LEU E 159 -12.39 9.43 -9.15
C LEU E 159 -13.14 8.11 -9.37
N SER E 160 -13.56 7.48 -8.28
CA SER E 160 -14.14 6.12 -8.33
C SER E 160 -15.30 5.90 -9.34
N PRO E 161 -16.10 6.93 -9.66
CA PRO E 161 -17.09 6.63 -10.69
C PRO E 161 -16.45 6.44 -12.07
N ILE E 162 -15.49 7.30 -12.39
CA ILE E 162 -14.74 7.24 -13.65
C ILE E 162 -14.21 5.82 -13.83
N GLN E 163 -13.53 5.36 -12.79
CA GLN E 163 -12.96 4.02 -12.70
C GLN E 163 -14.02 2.92 -12.84
N ARG E 164 -15.13 3.09 -12.13
CA ARG E 164 -16.14 2.04 -12.06
C ARG E 164 -16.87 1.80 -13.37
N ILE E 165 -17.35 2.87 -13.99
CA ILE E 165 -18.14 2.77 -15.22
C ILE E 165 -17.36 2.05 -16.32
N CYS E 166 -16.04 2.11 -16.26
CA CYS E 166 -15.19 1.46 -17.25
C CYS E 166 -14.93 -0.02 -16.98
N LYS E 167 -15.26 -0.48 -15.77
CA LYS E 167 -15.02 -1.87 -15.40
C LYS E 167 -16.05 -2.83 -15.97
N TYR E 168 -17.27 -2.34 -16.14
CA TYR E 168 -18.37 -3.15 -16.64
C TYR E 168 -18.12 -3.85 -17.99
N PRO E 169 -17.51 -3.17 -18.99
CA PRO E 169 -17.23 -3.91 -20.22
C PRO E 169 -16.32 -5.11 -19.99
N LEU E 170 -15.40 -4.99 -19.05
CA LEU E 170 -14.47 -6.05 -18.73
C LEU E 170 -15.19 -7.23 -18.09
N LEU E 171 -15.96 -6.92 -17.04
CA LEU E 171 -16.73 -7.91 -16.31
C LEU E 171 -17.70 -8.67 -17.22
N LEU E 172 -18.33 -7.93 -18.12
CA LEU E 172 -19.28 -8.53 -19.03
C LEU E 172 -18.57 -9.39 -20.08
N LYS E 173 -17.36 -8.97 -20.46
CA LYS E 173 -16.56 -9.74 -21.42
C LYS E 173 -16.12 -11.08 -20.80
N GLU E 174 -15.77 -11.05 -19.53
CA GLU E 174 -15.37 -12.26 -18.81
C GLU E 174 -16.59 -13.15 -18.59
N LEU E 175 -17.72 -12.52 -18.28
CA LEU E 175 -18.97 -13.22 -18.04
C LEU E 175 -19.40 -13.96 -19.30
N ALA E 176 -19.31 -13.28 -20.44
CA ALA E 176 -19.60 -13.87 -21.74
C ALA E 176 -18.64 -15.01 -22.02
N LYS E 177 -17.37 -14.80 -21.67
CA LYS E 177 -16.36 -15.83 -21.81
C LYS E 177 -16.72 -17.10 -21.05
N ARG E 178 -17.45 -16.94 -19.94
CA ARG E 178 -17.82 -18.11 -19.14
C ARG E 178 -19.27 -18.56 -19.37
N THR E 179 -19.96 -17.95 -20.32
CA THR E 179 -21.35 -18.31 -20.63
C THR E 179 -21.48 -19.13 -21.91
N PRO E 180 -21.90 -20.40 -21.79
CA PRO E 180 -22.09 -21.29 -22.94
C PRO E 180 -23.09 -20.75 -23.96
N GLY E 181 -22.95 -21.19 -25.21
CA GLY E 181 -23.84 -20.77 -26.28
C GLY E 181 -25.31 -21.06 -26.05
N LYS E 182 -25.61 -22.23 -25.51
CA LYS E 182 -26.99 -22.67 -25.33
C LYS E 182 -27.63 -22.06 -24.09
N HIS E 183 -26.80 -21.48 -23.22
CA HIS E 183 -27.28 -20.83 -22.00
C HIS E 183 -28.17 -19.64 -22.36
N PRO E 184 -29.30 -19.49 -21.64
CA PRO E 184 -30.28 -18.43 -21.89
C PRO E 184 -29.73 -17.00 -21.79
N ASP E 185 -28.77 -16.78 -20.88
CA ASP E 185 -28.20 -15.45 -20.66
C ASP E 185 -27.28 -14.94 -21.76
N HIS E 186 -26.74 -15.85 -22.57
CA HIS E 186 -25.67 -15.52 -23.54
C HIS E 186 -25.92 -14.29 -24.44
N PRO E 187 -27.01 -14.29 -25.22
CA PRO E 187 -27.18 -13.15 -26.14
C PRO E 187 -27.38 -11.84 -25.38
N ALA E 188 -27.98 -11.97 -24.21
CA ALA E 188 -28.28 -10.82 -23.37
C ALA E 188 -26.96 -10.25 -22.87
N VAL E 189 -25.98 -11.13 -22.65
CA VAL E 189 -24.64 -10.71 -22.24
C VAL E 189 -23.84 -10.06 -23.36
N GLN E 190 -23.84 -10.64 -24.55
CA GLN E 190 -23.09 -10.01 -25.65
C GLN E 190 -23.67 -8.62 -25.95
N SER E 191 -25.00 -8.56 -26.01
CA SER E 191 -25.72 -7.31 -26.17
C SER E 191 -25.36 -6.31 -25.07
N ALA E 192 -25.40 -6.75 -23.82
CA ALA E 192 -25.10 -5.89 -22.67
C ALA E 192 -23.69 -5.34 -22.72
N LEU E 193 -22.75 -6.20 -23.12
CA LEU E 193 -21.36 -5.80 -23.28
C LEU E 193 -21.22 -4.67 -24.29
N GLN E 194 -21.74 -4.88 -25.50
CA GLN E 194 -21.69 -3.81 -26.49
C GLN E 194 -22.35 -2.54 -25.95
N ALA E 195 -23.41 -2.71 -25.16
CA ALA E 195 -24.17 -1.58 -24.64
C ALA E 195 -23.31 -0.74 -23.68
N MET E 196 -22.65 -1.41 -22.72
CA MET E 196 -21.84 -0.70 -21.74
C MET E 196 -20.62 -0.08 -22.42
N LYS E 197 -20.10 -0.76 -23.43
CA LYS E 197 -19.02 -0.17 -24.22
C LYS E 197 -19.46 1.16 -24.82
N THR E 198 -20.66 1.15 -25.40
CA THR E 198 -21.22 2.37 -25.96
C THR E 198 -21.39 3.45 -24.90
N VAL E 199 -21.83 3.05 -23.71
CA VAL E 199 -21.94 3.99 -22.59
C VAL E 199 -20.61 4.69 -22.35
N CYS E 200 -19.54 3.89 -22.32
CA CYS E 200 -18.22 4.40 -22.03
C CYS E 200 -17.76 5.35 -23.15
N SER E 201 -17.97 4.94 -24.39
CA SER E 201 -17.62 5.78 -25.53
C SER E 201 -18.33 7.14 -25.52
N ASN E 202 -19.63 7.14 -25.22
CA ASN E 202 -20.39 8.38 -25.13
C ASN E 202 -19.82 9.30 -24.06
N ILE E 203 -19.48 8.72 -22.92
CA ILE E 203 -18.86 9.50 -21.84
C ILE E 203 -17.57 10.16 -22.33
N ASN E 204 -16.76 9.35 -23.02
CA ASN E 204 -15.48 9.78 -23.56
C ASN E 204 -15.59 10.98 -24.51
N GLU E 205 -16.39 10.81 -25.56
CA GLU E 205 -16.56 11.84 -26.57
C GLU E 205 -17.18 13.12 -25.99
N THR E 206 -18.13 12.95 -25.09
CA THR E 206 -18.71 14.11 -24.39
C THR E 206 -17.61 14.93 -23.71
N LYS E 207 -16.75 14.24 -22.96
CA LYS E 207 -15.66 14.93 -22.30
C LYS E 207 -14.76 15.65 -23.31
N ARG E 208 -14.50 14.98 -24.43
CA ARG E 208 -13.64 15.58 -25.46
C ARG E 208 -14.20 16.89 -25.99
N GLN E 209 -15.46 16.87 -26.42
CA GLN E 209 -16.00 18.04 -27.10
C GLN E 209 -16.30 19.18 -26.12
N MET E 210 -16.49 18.82 -24.85
CA MET E 210 -16.66 19.86 -23.85
C MET E 210 -15.32 20.51 -23.54
N GLU E 211 -14.25 19.74 -23.69
CA GLU E 211 -12.92 20.29 -23.48
C GLU E 211 -12.57 21.21 -24.63
N LYS E 212 -12.98 20.82 -25.84
CA LYS E 212 -12.79 21.66 -27.02
C LYS E 212 -13.51 23.00 -26.88
N LEU E 213 -14.74 22.96 -26.35
CA LEU E 213 -15.45 24.22 -26.11
C LEU E 213 -14.70 25.10 -25.11
N GLU E 214 -14.26 24.51 -24.00
CA GLU E 214 -13.52 25.29 -23.01
C GLU E 214 -12.22 25.87 -23.58
N ALA E 215 -11.68 25.21 -24.60
CA ALA E 215 -10.43 25.67 -25.18
C ALA E 215 -10.73 26.83 -26.11
N LEU E 216 -11.88 26.79 -26.78
CA LEU E 216 -12.32 27.93 -27.56
C LEU E 216 -12.57 29.16 -26.68
N GLU E 217 -13.27 28.98 -25.56
CA GLU E 217 -13.51 30.10 -24.66
C GLU E 217 -12.20 30.71 -24.13
N GLN E 218 -11.26 29.85 -23.74
CA GLN E 218 -10.00 30.36 -23.19
C GLN E 218 -9.12 31.00 -24.28
N LEU E 219 -9.21 30.50 -25.51
CA LEU E 219 -8.49 31.13 -26.62
C LEU E 219 -9.05 32.50 -26.95
N GLN E 220 -10.37 32.61 -27.05
CA GLN E 220 -11.02 33.90 -27.31
C GLN E 220 -10.67 34.91 -26.23
N SER E 221 -10.63 34.43 -24.99
CA SER E 221 -10.30 35.32 -23.88
C SER E 221 -8.90 35.91 -24.03
N HIS E 222 -7.99 35.11 -24.59
CA HIS E 222 -6.62 35.55 -24.83
C HIS E 222 -6.46 36.39 -26.10
N ILE E 223 -7.56 36.64 -26.80
CA ILE E 223 -7.50 37.47 -28.00
C ILE E 223 -8.06 38.85 -27.67
N GLU E 224 -7.20 39.85 -27.76
CA GLU E 224 -7.52 41.21 -27.35
C GLU E 224 -8.34 41.91 -28.42
N GLY E 225 -9.41 42.58 -28.00
CA GLY E 225 -10.25 43.34 -28.91
C GLY E 225 -10.98 42.47 -29.91
N TRP E 226 -11.80 41.55 -29.41
CA TRP E 226 -12.52 40.62 -30.28
C TRP E 226 -13.63 41.30 -31.09
N GLU E 227 -13.57 41.11 -32.40
CA GLU E 227 -14.60 41.59 -33.30
C GLU E 227 -15.51 40.45 -33.74
N GLY E 228 -16.81 40.73 -33.82
CA GLY E 228 -17.75 39.76 -34.34
C GLY E 228 -18.31 38.82 -33.30
N SER E 229 -19.05 37.80 -33.76
CA SER E 229 -19.67 36.82 -32.89
C SER E 229 -18.65 36.02 -32.07
N ASN E 230 -19.10 35.51 -30.93
CA ASN E 230 -18.25 34.74 -30.03
C ASN E 230 -17.84 33.40 -30.60
N LEU E 231 -16.71 32.90 -30.12
CA LEU E 231 -16.22 31.61 -30.59
C LEU E 231 -17.17 30.49 -30.19
N THR E 232 -17.65 30.56 -28.96
CA THR E 232 -18.55 29.57 -28.42
C THR E 232 -19.95 29.63 -29.04
N ASP E 233 -20.25 30.72 -29.74
CA ASP E 233 -21.55 30.88 -30.39
C ASP E 233 -21.66 30.15 -31.74
N ILE E 234 -20.58 30.17 -32.52
CA ILE E 234 -20.66 29.68 -33.90
C ILE E 234 -19.69 28.55 -34.20
N CYS E 235 -18.86 28.20 -33.22
CA CYS E 235 -17.87 27.14 -33.44
C CYS E 235 -17.99 26.04 -32.39
N THR E 236 -17.41 24.88 -32.71
CA THR E 236 -17.44 23.75 -31.80
C THR E 236 -16.03 23.31 -31.42
N GLN E 237 -15.08 23.52 -32.32
CA GLN E 237 -13.70 23.10 -32.06
C GLN E 237 -12.65 23.83 -32.89
N LEU E 238 -11.44 23.88 -32.35
CA LEU E 238 -10.26 24.28 -33.12
C LEU E 238 -9.71 23.09 -33.89
N LEU E 239 -9.56 23.26 -35.20
CA LEU E 239 -9.10 22.18 -36.06
C LEU E 239 -7.61 22.26 -36.35
N LEU E 240 -7.10 23.48 -36.46
CA LEU E 240 -5.68 23.70 -36.77
C LEU E 240 -5.22 25.10 -36.42
N GLN E 241 -4.02 25.18 -35.87
CA GLN E 241 -3.37 26.47 -35.61
C GLN E 241 -1.89 26.40 -35.95
N GLY E 242 -1.34 27.54 -36.35
CA GLY E 242 0.07 27.64 -36.71
C GLY E 242 0.42 29.05 -37.15
N THR E 243 1.72 29.32 -37.25
CA THR E 243 2.20 30.65 -37.62
C THR E 243 2.53 30.70 -39.11
N LEU E 244 1.90 31.63 -39.82
CA LEU E 244 2.04 31.70 -41.27
C LEU E 244 2.46 33.09 -41.73
N LEU E 245 2.96 33.18 -42.96
CA LEU E 245 3.30 34.50 -43.50
C LEU E 245 2.14 34.99 -44.36
N LYS E 246 1.48 36.05 -43.90
CA LYS E 246 0.32 36.61 -44.58
C LYS E 246 0.67 37.87 -45.39
N ILE E 247 0.31 37.84 -46.67
CA ILE E 247 0.56 38.94 -47.59
C ILE E 247 -0.71 39.59 -48.13
N SER E 248 -1.11 40.70 -47.49
CA SER E 248 -2.09 41.62 -48.02
C SER E 248 -1.48 42.44 -49.16
N ALA E 249 -2.21 43.46 -49.61
CA ALA E 249 -1.77 44.31 -50.71
C ALA E 249 -0.39 44.93 -50.53
N GLY E 250 -0.25 45.82 -49.54
CA GLY E 250 0.98 46.59 -49.41
C GLY E 250 1.73 46.46 -48.11
N ASN E 251 1.40 45.44 -47.31
CA ASN E 251 2.13 45.19 -46.07
C ASN E 251 2.17 43.71 -45.71
N ILE E 252 3.38 43.19 -45.53
CA ILE E 252 3.59 41.79 -45.19
C ILE E 252 4.06 41.58 -43.76
N GLN E 253 3.29 40.83 -42.98
CA GLN E 253 3.70 40.47 -41.62
C GLN E 253 3.38 39.01 -41.33
N GLU E 254 4.06 38.46 -40.32
CA GLU E 254 3.77 37.10 -39.88
C GLU E 254 2.59 37.13 -38.93
N ARG E 255 1.62 36.25 -39.16
CA ARG E 255 0.39 36.27 -38.38
C ARG E 255 0.01 34.86 -37.96
N ALA E 256 -0.53 34.73 -36.76
CA ALA E 256 -0.99 33.44 -36.26
C ALA E 256 -2.40 33.11 -36.73
N PHE E 257 -2.53 31.98 -37.42
CA PHE E 257 -3.81 31.55 -37.97
C PHE E 257 -4.47 30.48 -37.13
N PHE E 258 -5.80 30.52 -37.10
CA PHE E 258 -6.62 29.59 -36.36
C PHE E 258 -7.78 29.12 -37.24
N LEU E 259 -7.75 27.86 -37.65
CA LEU E 259 -8.84 27.29 -38.45
C LEU E 259 -9.84 26.56 -37.57
N PHE E 260 -11.05 27.11 -37.45
CA PHE E 260 -12.14 26.43 -36.74
C PHE E 260 -13.16 25.91 -37.74
N ASP E 261 -14.18 25.21 -37.26
CA ASP E 261 -15.29 24.86 -38.11
C ASP E 261 -16.21 26.06 -38.17
N ASN E 262 -16.40 26.57 -39.40
CA ASN E 262 -17.20 27.75 -39.73
C ASN E 262 -16.43 29.08 -39.68
N LEU E 263 -15.23 29.07 -39.11
CA LEU E 263 -14.50 30.33 -38.94
C LEU E 263 -12.98 30.19 -39.12
N LEU E 264 -12.34 31.30 -39.49
CA LEU E 264 -10.88 31.43 -39.55
C LEU E 264 -10.44 32.74 -38.92
N VAL E 265 -9.52 32.68 -37.95
CA VAL E 265 -9.07 33.91 -37.28
C VAL E 265 -7.57 34.10 -37.46
N TYR E 266 -7.12 35.34 -37.62
CA TYR E 266 -5.69 35.59 -37.61
C TYR E 266 -5.33 36.78 -36.72
N CYS E 267 -4.15 36.66 -36.08
CA CYS E 267 -3.72 37.54 -35.00
C CYS E 267 -2.23 37.90 -35.07
N LYS E 268 -1.85 38.93 -34.31
CA LYS E 268 -0.46 39.34 -34.16
C LYS E 268 0.09 38.89 -32.80
N ARG E 269 1.13 38.05 -32.81
CA ARG E 269 1.65 37.50 -31.56
C ARG E 269 2.37 38.55 -30.73
N LYS E 270 2.11 38.55 -29.43
CA LYS E 270 2.68 39.54 -28.51
C LYS E 270 4.03 39.09 -27.95
N SER E 289 -3.34 37.15 -22.05
CA SER E 289 -3.60 37.53 -23.43
C SER E 289 -2.35 37.37 -24.30
N LEU E 290 -2.30 36.30 -25.08
CA LEU E 290 -1.18 36.05 -25.96
C LEU E 290 -1.27 36.77 -27.31
N TYR E 291 -2.49 37.10 -27.76
CA TYR E 291 -2.63 37.58 -29.13
C TYR E 291 -3.39 38.90 -29.24
N ILE E 292 -3.25 39.53 -30.40
CA ILE E 292 -4.02 40.72 -30.74
C ILE E 292 -4.84 40.47 -32.00
N PHE E 293 -6.13 40.73 -31.92
CA PHE E 293 -7.06 40.52 -33.04
C PHE E 293 -6.57 41.21 -34.30
N ARG E 294 -6.70 40.54 -35.43
CA ARG E 294 -6.38 41.16 -36.70
C ARG E 294 -7.44 40.91 -37.76
N GLY E 295 -8.07 39.74 -37.72
CA GLY E 295 -9.13 39.53 -38.68
C GLY E 295 -9.78 38.17 -38.69
N ARG E 296 -10.99 38.12 -39.26
CA ARG E 296 -11.73 36.88 -39.35
C ARG E 296 -12.42 36.67 -40.71
N ILE E 297 -12.30 35.45 -41.23
CA ILE E 297 -12.97 35.04 -42.44
C ILE E 297 -13.92 33.89 -42.14
N ASN E 298 -15.20 34.04 -42.46
CA ASN E 298 -16.12 32.91 -42.40
C ASN E 298 -15.72 31.93 -43.51
N THR E 299 -15.67 30.65 -43.17
CA THR E 299 -15.08 29.67 -44.08
C THR E 299 -15.99 29.24 -45.24
N GLU E 300 -17.29 29.52 -45.15
CA GLU E 300 -18.17 29.14 -46.26
C GLU E 300 -18.21 30.27 -47.29
N VAL E 301 -17.82 31.48 -46.87
CA VAL E 301 -17.65 32.59 -47.80
C VAL E 301 -16.17 32.74 -48.13
N MET E 302 -15.46 31.62 -48.19
CA MET E 302 -14.03 31.58 -48.45
C MET E 302 -13.68 30.66 -49.61
N GLU E 303 -12.66 31.01 -50.38
CA GLU E 303 -12.20 30.09 -51.42
C GLU E 303 -10.69 29.89 -51.35
N VAL E 304 -10.27 28.69 -51.72
CA VAL E 304 -8.86 28.29 -51.63
C VAL E 304 -8.25 28.03 -52.99
N GLU E 305 -7.27 28.83 -53.37
CA GLU E 305 -6.51 28.59 -54.59
C GLU E 305 -5.10 28.10 -54.27
N ASN E 306 -4.64 27.10 -55.02
CA ASN E 306 -3.30 26.58 -54.82
C ASN E 306 -2.26 27.43 -55.56
N VAL E 307 -1.05 27.52 -55.01
CA VAL E 307 0.05 28.23 -55.67
C VAL E 307 1.24 27.32 -55.96
N GLU E 308 1.81 27.48 -57.14
CA GLU E 308 2.97 26.71 -57.57
C GLU E 308 4.28 27.37 -57.14
N ASP E 309 5.28 26.55 -56.81
CA ASP E 309 6.58 27.05 -56.38
C ASP E 309 7.23 27.90 -57.47
N GLY E 310 7.68 29.10 -57.11
CA GLY E 310 8.35 29.98 -58.04
C GLY E 310 7.46 31.00 -58.72
N THR E 311 6.26 31.19 -58.18
CA THR E 311 5.31 32.17 -58.68
C THR E 311 5.56 33.56 -58.10
N ALA E 312 5.49 34.59 -58.94
CA ALA E 312 5.61 35.96 -58.49
C ALA E 312 4.56 36.84 -59.16
N ASP E 313 3.37 36.90 -58.56
CA ASP E 313 2.27 37.69 -59.10
C ASP E 313 1.95 38.89 -58.21
N TYR E 314 0.93 39.66 -58.58
CA TYR E 314 0.55 40.86 -57.82
C TYR E 314 0.28 40.58 -56.35
N HIS E 315 -0.54 39.56 -56.08
CA HIS E 315 -0.97 39.23 -54.73
C HIS E 315 0.19 38.93 -53.79
N SER E 316 1.20 38.26 -54.32
CA SER E 316 2.39 37.93 -53.54
C SER E 316 3.28 39.15 -53.31
N ASN E 317 2.77 40.32 -53.68
CA ASN E 317 3.50 41.59 -53.62
C ASN E 317 4.73 41.53 -54.50
N GLY E 318 4.68 40.63 -55.49
CA GLY E 318 5.77 40.41 -56.41
C GLY E 318 6.92 39.63 -55.80
N TYR E 319 6.61 38.79 -54.81
CA TYR E 319 7.63 37.93 -54.20
C TYR E 319 7.54 36.50 -54.72
N THR E 320 8.69 35.83 -54.80
CA THR E 320 8.73 34.44 -55.21
C THR E 320 8.19 33.56 -54.09
N VAL E 321 7.06 32.93 -54.34
CA VAL E 321 6.36 32.12 -53.34
C VAL E 321 6.65 30.62 -53.44
N THR E 322 7.12 30.05 -52.34
CA THR E 322 7.26 28.62 -52.20
C THR E 322 6.56 28.18 -50.92
N ASN E 323 5.87 27.03 -50.99
CA ASN E 323 5.01 26.54 -49.91
C ASN E 323 3.88 27.51 -49.59
N GLY E 324 3.26 28.06 -50.63
CA GLY E 324 2.24 29.08 -50.44
C GLY E 324 0.88 28.78 -51.06
N TRP E 325 -0.14 29.51 -50.62
CA TRP E 325 -1.45 29.43 -51.26
C TRP E 325 -2.20 30.76 -51.20
N LYS E 326 -3.25 30.87 -52.03
CA LYS E 326 -4.07 32.07 -52.07
C LYS E 326 -5.42 31.86 -51.37
N ILE E 327 -5.82 32.84 -50.57
CA ILE E 327 -7.11 32.81 -49.89
C ILE E 327 -8.01 33.95 -50.37
N HIS E 328 -9.15 33.58 -50.95
CA HIS E 328 -10.15 34.55 -51.36
C HIS E 328 -11.17 34.78 -50.25
N ASN E 329 -11.00 35.90 -49.57
CA ASN E 329 -12.03 36.50 -48.74
C ASN E 329 -12.99 37.27 -49.64
N THR E 330 -14.03 36.59 -50.10
CA THR E 330 -15.02 37.17 -51.00
C THR E 330 -15.88 38.21 -50.30
N ALA E 331 -16.06 38.02 -48.99
CA ALA E 331 -16.90 38.88 -48.17
C ALA E 331 -16.29 40.25 -47.94
N LYS E 332 -15.09 40.48 -48.48
CA LYS E 332 -14.42 41.76 -48.33
C LYS E 332 -13.76 42.20 -49.62
N ASN E 333 -14.06 41.49 -50.70
CA ASN E 333 -13.40 41.69 -52.00
C ASN E 333 -11.89 41.52 -51.89
N LYS E 334 -11.43 40.94 -50.79
CA LYS E 334 -10.01 40.88 -50.49
C LYS E 334 -9.39 39.50 -50.71
N TRP E 335 -8.28 39.47 -51.43
CA TRP E 335 -7.44 38.28 -51.52
C TRP E 335 -6.19 38.46 -50.66
N PHE E 336 -5.59 37.37 -50.19
CA PHE E 336 -4.20 37.47 -49.73
C PHE E 336 -3.45 36.13 -49.69
N VAL E 337 -2.14 36.23 -49.44
CA VAL E 337 -1.24 35.07 -49.61
C VAL E 337 -0.76 34.49 -48.29
N CYS E 338 -0.62 33.16 -48.23
CA CYS E 338 -0.11 32.49 -47.03
C CYS E 338 1.10 31.63 -47.35
N MET E 339 2.15 31.72 -46.53
CA MET E 339 3.32 30.85 -46.71
C MET E 339 3.75 30.15 -45.43
N ALA E 340 4.00 28.84 -45.57
CA ALA E 340 4.47 27.97 -44.49
C ALA E 340 5.94 27.59 -44.63
N LYS E 341 6.62 27.49 -43.50
CA LYS E 341 8.06 27.17 -43.45
C LYS E 341 8.48 25.87 -44.15
N THR E 342 7.81 24.77 -43.85
CA THR E 342 8.19 23.48 -44.41
C THR E 342 7.23 23.06 -45.53
N ALA E 343 7.69 22.14 -46.37
CA ALA E 343 6.89 21.70 -47.51
C ALA E 343 5.59 21.00 -47.12
N GLU E 344 5.60 20.29 -46.00
CA GLU E 344 4.43 19.50 -45.59
C GLU E 344 3.45 20.28 -44.70
N GLU E 345 3.94 21.26 -43.95
CA GLU E 345 3.09 22.07 -43.07
C GLU E 345 1.93 22.65 -43.90
N LYS E 346 2.28 23.02 -45.12
CA LYS E 346 1.31 23.46 -46.12
C LYS E 346 0.26 22.38 -46.33
N GLN E 347 0.73 21.16 -46.55
CA GLN E 347 -0.16 20.01 -46.77
C GLN E 347 -1.14 19.85 -45.62
N LYS E 348 -0.62 19.93 -44.40
CA LYS E 348 -1.46 19.91 -43.20
C LYS E 348 -2.56 20.96 -43.29
N TRP E 349 -2.19 22.19 -43.66
CA TRP E 349 -3.17 23.27 -43.71
C TRP E 349 -4.24 23.09 -44.80
N LEU E 350 -3.79 22.64 -45.97
CA LEU E 350 -4.67 22.46 -47.11
C LEU E 350 -5.67 21.34 -46.84
N ASP E 351 -5.15 20.21 -46.37
CA ASP E 351 -6.00 19.08 -46.04
C ASP E 351 -6.95 19.47 -44.91
N ALA E 352 -6.49 20.36 -44.03
CA ALA E 352 -7.35 20.85 -42.95
C ALA E 352 -8.55 21.65 -43.46
N ILE E 353 -8.32 22.51 -44.46
CA ILE E 353 -9.45 23.31 -44.97
C ILE E 353 -10.37 22.43 -45.80
N ILE E 354 -9.79 21.47 -46.52
CA ILE E 354 -10.60 20.53 -47.29
C ILE E 354 -11.45 19.67 -46.35
N ARG E 355 -10.88 19.28 -45.23
CA ARG E 355 -11.59 18.52 -44.21
C ARG E 355 -12.76 19.30 -43.62
N GLU E 356 -12.48 20.53 -43.18
CA GLU E 356 -13.52 21.39 -42.60
C GLU E 356 -14.67 21.61 -43.57
N ARG E 357 -14.31 21.85 -44.83
CA ARG E 357 -15.28 22.10 -45.87
C ARG E 357 -16.15 20.88 -46.09
N GLU E 358 -15.50 19.74 -46.34
CA GLU E 358 -16.18 18.47 -46.54
C GLU E 358 -17.17 18.20 -45.42
N GLN E 359 -16.75 18.47 -44.19
CA GLN E 359 -17.60 18.17 -43.04
C GLN E 359 -18.80 19.14 -42.94
N ARG E 360 -18.57 20.43 -43.17
CA ARG E 360 -19.68 21.40 -43.10
C ARG E 360 -20.68 21.22 -44.24
N GLU E 361 -20.19 20.95 -45.44
CA GLU E 361 -21.06 20.66 -46.58
C GLU E 361 -21.81 19.36 -46.35
N SER E 362 -21.19 18.40 -45.66
CA SER E 362 -21.87 17.14 -45.39
C SER E 362 -23.07 17.34 -44.46
N LEU E 363 -22.94 18.26 -43.51
CA LEU E 363 -24.05 18.53 -42.60
C LEU E 363 -25.12 19.29 -43.36
N MET F 4 6.69 8.05 7.03
CA MET F 4 6.01 7.31 5.98
C MET F 4 5.48 8.26 4.89
N GLN F 5 6.19 8.33 3.77
CA GLN F 5 5.78 9.16 2.65
C GLN F 5 5.00 8.35 1.63
N ALA F 6 3.85 8.89 1.21
CA ALA F 6 2.94 8.17 0.32
C ALA F 6 3.28 8.38 -1.16
N ILE F 7 3.63 7.29 -1.83
CA ILE F 7 3.91 7.28 -3.27
C ILE F 7 2.71 6.89 -4.13
N LYS F 8 2.49 7.65 -5.21
CA LYS F 8 1.46 7.28 -6.17
C LYS F 8 2.11 6.59 -7.36
N CYS F 9 1.81 5.29 -7.50
CA CYS F 9 2.35 4.49 -8.59
C CYS F 9 1.23 4.02 -9.52
N VAL F 10 1.20 4.56 -10.74
CA VAL F 10 0.12 4.21 -11.66
C VAL F 10 0.54 3.16 -12.69
N VAL F 11 -0.31 2.16 -12.89
CA VAL F 11 -0.02 1.06 -13.81
C VAL F 11 -0.69 1.31 -15.16
N VAL F 12 0.15 1.53 -16.16
CA VAL F 12 -0.28 1.84 -17.51
C VAL F 12 0.12 0.74 -18.51
N GLY F 13 -0.65 0.61 -19.60
CA GLY F 13 -0.35 -0.39 -20.62
C GLY F 13 -1.57 -0.92 -21.37
N ASP F 14 -1.33 -1.51 -22.54
CA ASP F 14 -2.37 -2.14 -23.35
C ASP F 14 -3.17 -3.18 -22.57
N GLY F 15 -4.41 -3.40 -22.98
CA GLY F 15 -5.16 -4.54 -22.50
C GLY F 15 -4.45 -5.81 -22.91
N ALA F 16 -4.48 -6.81 -22.03
CA ALA F 16 -3.81 -8.11 -22.20
C ALA F 16 -2.31 -8.00 -21.95
N VAL F 17 -1.92 -6.95 -21.24
CA VAL F 17 -0.60 -6.90 -20.62
C VAL F 17 -0.66 -7.64 -19.29
N GLY F 18 -1.84 -7.62 -18.67
CA GLY F 18 -2.03 -8.22 -17.37
C GLY F 18 -1.67 -7.29 -16.23
N LYS F 19 -2.14 -6.05 -16.30
CA LYS F 19 -1.91 -5.08 -15.24
C LYS F 19 -2.57 -5.52 -13.95
N THR F 20 -3.89 -5.66 -14.00
CA THR F 20 -4.71 -6.11 -12.87
C THR F 20 -4.18 -7.38 -12.22
N CYS F 21 -3.91 -8.38 -13.05
CA CYS F 21 -3.38 -9.66 -12.58
C CYS F 21 -2.08 -9.46 -11.81
N LEU F 22 -1.15 -8.74 -12.42
CA LEU F 22 0.13 -8.39 -11.81
C LEU F 22 -0.02 -7.72 -10.45
N LEU F 23 -0.92 -6.75 -10.38
CA LEU F 23 -1.14 -6.00 -9.15
C LEU F 23 -1.69 -6.89 -8.05
N ILE F 24 -2.68 -7.70 -8.43
CA ILE F 24 -3.27 -8.66 -7.52
C ILE F 24 -2.21 -9.62 -6.98
N SER F 25 -1.41 -10.16 -7.89
CA SER F 25 -0.34 -11.09 -7.52
C SER F 25 0.68 -10.49 -6.56
N TYR F 26 1.09 -9.26 -6.82
CA TYR F 26 2.05 -8.58 -5.94
C TYR F 26 1.45 -8.32 -4.56
N THR F 27 0.25 -7.75 -4.54
CA THR F 27 -0.36 -7.30 -3.31
C THR F 27 -0.84 -8.46 -2.41
N THR F 28 -1.29 -9.54 -3.03
CA THR F 28 -1.77 -10.70 -2.27
C THR F 28 -0.68 -11.74 -2.02
N ASN F 29 0.49 -11.51 -2.59
CA ASN F 29 1.67 -12.36 -2.40
C ASN F 29 1.46 -13.79 -2.90
N ALA F 30 0.39 -13.98 -3.65
CA ALA F 30 0.06 -15.29 -4.20
C ALA F 30 -0.78 -15.08 -5.44
N PHE F 31 -0.45 -15.84 -6.48
CA PHE F 31 -1.19 -15.79 -7.72
C PHE F 31 -2.66 -16.10 -7.45
N PRO F 32 -3.56 -15.19 -7.88
CA PRO F 32 -5.01 -15.26 -7.60
C PRO F 32 -5.57 -16.63 -7.93
N GLY F 33 -4.90 -17.34 -8.83
CA GLY F 33 -5.18 -18.72 -9.12
C GLY F 33 -6.06 -18.96 -10.32
N GLU F 34 -7.02 -19.87 -10.16
CA GLU F 34 -7.91 -20.24 -11.24
C GLU F 34 -8.65 -19.03 -11.80
N TYR F 35 -9.31 -18.28 -10.93
CA TYR F 35 -10.01 -17.07 -11.34
C TYR F 35 -9.21 -15.82 -10.99
N ILE F 36 -8.87 -15.05 -12.01
CA ILE F 36 -8.22 -13.76 -11.82
C ILE F 36 -9.29 -12.67 -11.80
N PRO F 37 -9.36 -11.93 -10.68
CA PRO F 37 -10.38 -10.88 -10.57
C PRO F 37 -10.20 -9.81 -11.65
N THR F 38 -11.28 -9.14 -11.99
CA THR F 38 -11.27 -8.14 -13.02
C THR F 38 -11.03 -6.77 -12.40
N VAL F 39 -11.49 -6.64 -11.15
CA VAL F 39 -11.43 -5.37 -10.44
C VAL F 39 -10.30 -5.33 -9.42
N PHE F 40 -9.47 -4.30 -9.50
CA PHE F 40 -8.47 -4.01 -8.49
C PHE F 40 -8.69 -2.59 -7.98
N ASP F 41 -9.30 -2.48 -6.79
CA ASP F 41 -9.53 -1.19 -6.17
C ASP F 41 -8.20 -0.52 -5.84
N ASN F 42 -8.19 0.81 -5.83
CA ASN F 42 -6.99 1.58 -5.47
C ASN F 42 -6.42 1.13 -4.13
N TYR F 43 -5.16 0.75 -4.14
CA TYR F 43 -4.56 0.09 -2.99
C TYR F 43 -3.51 0.94 -2.27
N SER F 44 -3.42 0.81 -0.95
CA SER F 44 -2.34 1.48 -0.22
C SER F 44 -1.70 0.58 0.84
N ALA F 45 -0.48 0.12 0.57
CA ALA F 45 0.23 -0.76 1.49
C ALA F 45 1.36 -0.05 2.21
N ASN F 46 1.85 -0.70 3.25
CA ASN F 46 3.08 -0.28 3.91
C ASN F 46 4.22 -1.17 3.46
N VAL F 47 5.03 -0.63 2.54
CA VAL F 47 6.14 -1.40 2.02
C VAL F 47 7.45 -0.90 2.59
N MET F 48 8.33 -1.85 2.92
CA MET F 48 9.64 -1.50 3.43
C MET F 48 10.72 -1.64 2.36
N VAL F 49 11.27 -0.51 1.95
CA VAL F 49 12.35 -0.51 0.97
C VAL F 49 13.62 0.08 1.54
N ASP F 50 14.70 -0.71 1.51
CA ASP F 50 16.01 -0.28 1.99
C ASP F 50 16.01 0.26 3.42
N GLY F 51 15.37 -0.47 4.32
CA GLY F 51 15.35 -0.07 5.72
C GLY F 51 14.47 1.15 5.93
N LYS F 52 13.89 1.67 4.86
CA LYS F 52 13.04 2.84 4.95
C LYS F 52 11.59 2.41 4.77
N PRO F 53 10.71 2.86 5.67
CA PRO F 53 9.27 2.57 5.57
C PRO F 53 8.51 3.54 4.67
N VAL F 54 7.91 3.06 3.58
CA VAL F 54 7.06 3.91 2.74
C VAL F 54 5.62 3.44 2.61
N ASN F 55 4.79 4.32 2.10
CA ASN F 55 3.37 4.07 1.90
C ASN F 55 3.10 3.99 0.41
N LEU F 56 3.10 2.77 -0.11
CA LEU F 56 2.91 2.53 -1.53
C LEU F 56 1.46 2.55 -1.95
N GLY F 57 1.09 3.54 -2.75
CA GLY F 57 -0.23 3.62 -3.31
C GLY F 57 -0.24 3.16 -4.76
N LEU F 58 -0.98 2.09 -5.03
CA LEU F 58 -1.01 1.48 -6.35
C LEU F 58 -2.36 1.70 -7.04
N TRP F 59 -2.29 2.11 -8.30
CA TRP F 59 -3.44 2.47 -9.11
C TRP F 59 -3.53 1.68 -10.42
N ASP F 60 -4.66 0.99 -10.60
CA ASP F 60 -4.91 0.25 -11.83
C ASP F 60 -5.62 1.14 -12.84
N THR F 61 -5.37 0.90 -14.12
CA THR F 61 -6.02 1.66 -15.18
C THR F 61 -6.73 0.73 -16.15
N ALA F 62 -6.93 -0.52 -15.73
CA ALA F 62 -7.58 -1.53 -16.57
C ALA F 62 -9.00 -1.11 -16.97
N GLY F 63 -9.26 -1.12 -18.28
CA GLY F 63 -10.57 -0.75 -18.78
C GLY F 63 -10.58 0.58 -19.50
N GLN F 64 -9.70 1.48 -19.07
CA GLN F 64 -9.63 2.82 -19.65
C GLN F 64 -8.77 2.86 -20.92
N GLU F 65 -8.29 1.70 -21.34
CA GLU F 65 -7.33 1.62 -22.45
C GLU F 65 -7.83 2.20 -23.78
N ASP F 66 -9.14 2.12 -24.03
CA ASP F 66 -9.68 2.61 -25.29
C ASP F 66 -10.30 4.00 -25.21
N TYR F 67 -10.37 4.57 -24.02
CA TYR F 67 -11.04 5.85 -23.83
C TYR F 67 -10.04 6.92 -23.38
N ASP F 68 -9.49 7.62 -24.37
CA ASP F 68 -8.32 8.48 -24.20
C ASP F 68 -8.51 9.70 -23.31
N ARG F 69 -9.71 10.27 -23.27
CA ARG F 69 -9.95 11.46 -22.47
C ARG F 69 -10.22 11.15 -21.00
N LEU F 70 -10.51 9.89 -20.71
CA LEU F 70 -10.80 9.47 -19.33
C LEU F 70 -9.51 9.10 -18.59
N ARG F 71 -8.60 8.45 -19.31
CA ARG F 71 -7.31 8.01 -18.78
C ARG F 71 -6.57 9.06 -17.94
N PRO F 72 -6.38 10.30 -18.48
CA PRO F 72 -5.53 11.26 -17.78
C PRO F 72 -6.01 11.70 -16.40
N LEU F 73 -7.27 11.42 -16.07
CA LEU F 73 -7.82 11.84 -14.79
C LEU F 73 -7.12 11.11 -13.64
N SER F 74 -6.49 10.00 -13.96
CA SER F 74 -5.74 9.22 -12.97
C SER F 74 -4.31 9.73 -12.80
N TYR F 75 -3.85 10.59 -13.71
CA TYR F 75 -2.43 10.98 -13.72
C TYR F 75 -1.97 12.07 -12.74
N PRO F 76 -2.78 13.14 -12.51
CA PRO F 76 -2.34 14.15 -11.53
C PRO F 76 -1.85 13.55 -10.22
N GLN F 77 -0.73 14.07 -9.72
CA GLN F 77 -0.13 13.67 -8.44
C GLN F 77 0.58 12.32 -8.51
N THR F 78 0.84 11.83 -9.72
CA THR F 78 1.57 10.58 -9.85
C THR F 78 3.03 10.78 -9.43
N ASP F 79 3.56 9.83 -8.69
CA ASP F 79 4.95 9.86 -8.27
C ASP F 79 5.79 8.98 -9.19
N VAL F 80 5.16 7.94 -9.75
CA VAL F 80 5.87 7.03 -10.64
C VAL F 80 4.95 6.21 -11.54
N PHE F 81 5.28 6.17 -12.82
CA PHE F 81 4.53 5.36 -13.77
C PHE F 81 5.20 4.02 -14.05
N LEU F 82 4.40 2.97 -14.17
CA LEU F 82 4.85 1.69 -14.71
C LEU F 82 4.22 1.46 -16.07
N ILE F 83 5.02 1.59 -17.12
CA ILE F 83 4.50 1.31 -18.45
C ILE F 83 4.78 -0.15 -18.75
N CYS F 84 3.72 -0.89 -19.03
CA CYS F 84 3.83 -2.35 -19.11
C CYS F 84 3.52 -2.87 -20.51
N PHE F 85 4.19 -3.94 -20.90
CA PHE F 85 3.89 -4.62 -22.16
C PHE F 85 4.09 -6.13 -22.05
N SER F 86 3.25 -6.91 -22.73
CA SER F 86 3.41 -8.35 -22.67
C SER F 86 4.61 -8.78 -23.52
N LEU F 87 5.56 -9.45 -22.87
CA LEU F 87 6.78 -9.92 -23.54
C LEU F 87 6.49 -10.91 -24.66
N VAL F 88 5.25 -11.36 -24.77
CA VAL F 88 4.87 -12.28 -25.84
C VAL F 88 3.81 -11.64 -26.73
N SER F 89 3.69 -10.31 -26.64
CA SER F 89 2.83 -9.54 -27.53
C SER F 89 3.55 -8.29 -28.05
N PRO F 90 4.19 -8.40 -29.23
CA PRO F 90 4.96 -7.31 -29.84
C PRO F 90 4.14 -6.06 -30.14
N ALA F 91 2.83 -6.20 -30.38
CA ALA F 91 1.95 -5.06 -30.59
C ALA F 91 1.93 -4.13 -29.38
N SER F 92 1.78 -4.72 -28.21
CA SER F 92 1.70 -3.96 -26.97
C SER F 92 3.05 -3.35 -26.69
N PHE F 93 4.08 -3.98 -27.22
CA PHE F 93 5.43 -3.45 -27.14
C PHE F 93 5.54 -2.17 -27.95
N GLU F 94 5.15 -2.23 -29.22
CA GLU F 94 5.15 -1.04 -30.09
C GLU F 94 4.36 0.10 -29.44
N ASN F 95 3.22 -0.23 -28.85
CA ASN F 95 2.40 0.81 -28.23
C ASN F 95 3.05 1.52 -27.05
N VAL F 96 4.17 1.01 -26.57
CA VAL F 96 4.92 1.70 -25.53
C VAL F 96 5.41 3.05 -26.07
N ARG F 97 6.03 3.04 -27.25
CA ARG F 97 6.46 4.28 -27.89
C ARG F 97 5.30 4.98 -28.61
N ALA F 98 4.43 4.21 -29.27
CA ALA F 98 3.35 4.81 -30.04
C ALA F 98 2.29 5.51 -29.20
N LYS F 99 1.99 4.95 -28.03
CA LYS F 99 0.84 5.42 -27.27
C LYS F 99 1.10 5.91 -25.85
N TRP F 100 1.75 5.07 -25.05
CA TRP F 100 1.76 5.29 -23.61
C TRP F 100 2.83 6.28 -23.15
N TYR F 101 4.06 6.08 -23.60
CA TYR F 101 5.15 7.00 -23.27
C TYR F 101 4.82 8.46 -23.60
N PRO F 102 4.40 8.77 -24.85
CA PRO F 102 4.09 10.18 -25.14
C PRO F 102 2.96 10.77 -24.29
N GLU F 103 1.98 9.95 -23.92
CA GLU F 103 0.83 10.42 -23.14
C GLU F 103 1.24 10.72 -21.71
N VAL F 104 1.92 9.75 -21.12
CA VAL F 104 2.40 9.85 -19.75
C VAL F 104 3.37 11.00 -19.61
N ARG F 105 4.26 11.14 -20.58
CA ARG F 105 5.23 12.23 -20.59
C ARG F 105 4.53 13.56 -20.82
N HIS F 106 3.42 13.54 -21.55
CA HIS F 106 2.68 14.76 -21.82
C HIS F 106 2.03 15.31 -20.56
N HIS F 107 1.29 14.47 -19.84
CA HIS F 107 0.64 14.94 -18.61
C HIS F 107 1.60 15.00 -17.43
N CYS F 108 2.63 14.17 -17.45
CA CYS F 108 3.62 14.16 -16.37
C CYS F 108 5.03 14.12 -16.95
N PRO F 109 5.58 15.29 -17.33
CA PRO F 109 6.86 15.42 -18.03
C PRO F 109 8.08 15.17 -17.15
N ASN F 110 7.91 15.25 -15.83
CA ASN F 110 9.04 15.11 -14.92
C ASN F 110 8.98 13.81 -14.13
N THR F 111 7.83 13.15 -14.18
CA THR F 111 7.57 11.93 -13.44
C THR F 111 8.28 10.71 -14.02
N PRO F 112 9.02 9.97 -13.17
CA PRO F 112 9.79 8.81 -13.64
C PRO F 112 8.94 7.66 -14.23
N ILE F 113 9.52 7.00 -15.22
CA ILE F 113 8.87 5.90 -15.92
C ILE F 113 9.70 4.63 -15.83
N ILE F 114 9.07 3.54 -15.37
CA ILE F 114 9.72 2.23 -15.43
C ILE F 114 9.10 1.35 -16.49
N LEU F 115 9.94 0.82 -17.38
CA LEU F 115 9.45 -0.08 -18.42
C LEU F 115 9.42 -1.51 -17.92
N VAL F 116 8.22 -2.08 -17.85
CA VAL F 116 8.02 -3.43 -17.34
C VAL F 116 7.50 -4.39 -18.40
N GLY F 117 8.29 -5.42 -18.69
CA GLY F 117 7.84 -6.53 -19.52
C GLY F 117 7.19 -7.60 -18.67
N THR F 118 5.95 -7.94 -19.01
CA THR F 118 5.18 -8.91 -18.24
C THR F 118 5.08 -10.25 -18.98
N LYS F 119 4.40 -11.22 -18.38
CA LYS F 119 4.24 -12.56 -18.95
C LYS F 119 5.60 -13.16 -19.28
N LEU F 120 6.58 -12.91 -18.42
CA LEU F 120 7.95 -13.42 -18.60
C LEU F 120 7.99 -14.95 -18.74
N ASP F 121 7.11 -15.62 -18.00
CA ASP F 121 7.06 -17.08 -18.02
C ASP F 121 6.69 -17.65 -19.39
N LEU F 122 6.19 -16.78 -20.26
CA LEU F 122 5.69 -17.23 -21.56
C LEU F 122 6.72 -17.05 -22.68
N ARG F 123 7.76 -16.26 -22.43
CA ARG F 123 8.78 -16.02 -23.45
C ARG F 123 9.46 -17.30 -23.94
N ASP F 124 9.53 -18.31 -23.08
CA ASP F 124 10.19 -19.55 -23.46
C ASP F 124 9.25 -20.74 -23.32
N ASP F 125 7.96 -20.46 -23.18
CA ASP F 125 6.94 -21.50 -23.24
C ASP F 125 6.74 -21.92 -24.69
N LYS F 126 6.93 -23.20 -24.99
CA LYS F 126 6.93 -23.69 -26.36
C LYS F 126 5.69 -23.26 -27.14
N ASP F 127 4.53 -23.47 -26.54
CA ASP F 127 3.23 -23.20 -27.15
C ASP F 127 3.06 -21.76 -27.58
N THR F 128 3.35 -20.86 -26.64
CA THR F 128 3.27 -19.43 -26.87
C THR F 128 4.15 -19.00 -28.04
N ILE F 129 5.41 -19.41 -27.98
CA ILE F 129 6.38 -19.15 -29.03
C ILE F 129 5.87 -19.63 -30.40
N GLU F 130 5.21 -20.78 -30.42
CA GLU F 130 4.75 -21.35 -31.68
C GLU F 130 3.58 -20.55 -32.24
N LYS F 131 2.69 -20.16 -31.33
CA LYS F 131 1.49 -19.41 -31.69
C LYS F 131 1.89 -18.04 -32.21
N LEU F 132 2.92 -17.47 -31.61
CA LEU F 132 3.49 -16.21 -32.06
C LEU F 132 4.17 -16.36 -33.41
N LYS F 133 4.87 -17.48 -33.61
CA LYS F 133 5.54 -17.71 -34.88
C LYS F 133 4.55 -17.84 -36.02
N GLU F 134 3.33 -18.25 -35.72
CA GLU F 134 2.31 -18.29 -36.78
C GLU F 134 2.03 -16.91 -37.37
N LYS F 135 2.13 -15.88 -36.54
CA LYS F 135 1.86 -14.52 -36.99
C LYS F 135 3.13 -13.71 -37.26
N LYS F 136 4.18 -14.42 -37.70
CA LYS F 136 5.47 -13.84 -38.07
C LYS F 136 6.06 -12.93 -36.99
N LEU F 137 5.84 -13.30 -35.73
CA LEU F 137 6.35 -12.52 -34.60
C LEU F 137 7.11 -13.41 -33.63
N THR F 138 7.95 -12.79 -32.81
CA THR F 138 8.72 -13.50 -31.79
C THR F 138 8.68 -12.65 -30.52
N PRO F 139 8.78 -13.29 -29.34
CA PRO F 139 8.74 -12.54 -28.08
C PRO F 139 9.83 -11.48 -27.98
N ILE F 140 9.54 -10.40 -27.26
CA ILE F 140 10.51 -9.34 -27.04
C ILE F 140 11.65 -9.84 -26.18
N THR F 141 12.86 -9.76 -26.71
CA THR F 141 14.05 -10.18 -25.99
C THR F 141 14.48 -9.07 -25.04
N TYR F 142 15.25 -9.44 -24.02
CA TYR F 142 15.76 -8.48 -23.04
C TYR F 142 16.50 -7.29 -23.69
N PRO F 143 17.40 -7.54 -24.65
CA PRO F 143 18.04 -6.39 -25.30
C PRO F 143 17.06 -5.47 -26.02
N GLN F 144 16.07 -6.03 -26.71
CA GLN F 144 15.05 -5.24 -27.39
C GLN F 144 14.30 -4.31 -26.43
N GLY F 145 13.86 -4.87 -25.31
CA GLY F 145 13.11 -4.12 -24.33
C GLY F 145 13.98 -3.10 -23.63
N LEU F 146 15.25 -3.42 -23.45
CA LEU F 146 16.20 -2.49 -22.85
C LEU F 146 16.42 -1.31 -23.80
N ALA F 147 16.48 -1.62 -25.09
CA ALA F 147 16.57 -0.61 -26.13
C ALA F 147 15.37 0.33 -26.04
N MET F 148 14.18 -0.26 -25.99
CA MET F 148 12.96 0.53 -25.84
C MET F 148 12.99 1.41 -24.59
N ALA F 149 13.44 0.84 -23.48
CA ALA F 149 13.52 1.53 -22.20
C ALA F 149 14.44 2.73 -22.26
N LYS F 150 15.57 2.54 -22.90
CA LYS F 150 16.52 3.64 -23.11
C LYS F 150 15.89 4.71 -24.00
N GLU F 151 15.21 4.26 -25.05
CA GLU F 151 14.55 5.15 -25.99
C GLU F 151 13.54 6.11 -25.35
N ILE F 152 12.70 5.62 -24.44
CA ILE F 152 11.70 6.45 -23.77
C ILE F 152 12.30 7.10 -22.52
N GLY F 153 13.59 6.83 -22.29
CA GLY F 153 14.27 7.38 -21.14
C GLY F 153 13.63 6.86 -19.87
N ALA F 154 13.51 5.54 -19.78
CA ALA F 154 12.97 4.92 -18.58
C ALA F 154 14.04 4.86 -17.52
N VAL F 155 13.65 5.06 -16.26
CA VAL F 155 14.60 5.03 -15.15
C VAL F 155 15.14 3.61 -15.01
N LYS F 156 14.34 2.63 -15.41
CA LYS F 156 14.77 1.24 -15.38
C LYS F 156 13.94 0.36 -16.30
N TYR F 157 14.54 -0.75 -16.73
CA TYR F 157 13.82 -1.77 -17.46
C TYR F 157 13.83 -3.09 -16.68
N LEU F 158 12.65 -3.60 -16.39
CA LEU F 158 12.52 -4.82 -15.62
C LEU F 158 11.50 -5.78 -16.24
N GLU F 159 11.84 -7.05 -16.21
CA GLU F 159 10.93 -8.10 -16.64
C GLU F 159 10.38 -8.84 -15.43
N CYS F 160 9.20 -9.41 -15.57
CA CYS F 160 8.61 -10.15 -14.48
C CYS F 160 7.47 -11.02 -14.95
N SER F 161 7.07 -11.96 -14.09
CA SER F 161 5.94 -12.85 -14.36
C SER F 161 5.03 -12.91 -13.14
N ALA F 162 3.77 -12.54 -13.33
CA ALA F 162 2.80 -12.57 -12.24
C ALA F 162 2.52 -13.97 -11.73
N LEU F 163 2.64 -14.96 -12.62
CA LEU F 163 2.37 -16.35 -12.25
C LEU F 163 3.46 -16.87 -11.30
N THR F 164 4.70 -16.91 -11.78
CA THR F 164 5.82 -17.45 -11.00
C THR F 164 6.42 -16.44 -10.00
N GLN F 165 5.91 -15.21 -10.05
CA GLN F 165 6.34 -14.12 -9.17
C GLN F 165 7.80 -13.68 -9.41
N ARG F 166 8.44 -14.28 -10.41
CA ARG F 166 9.81 -13.94 -10.78
C ARG F 166 9.95 -12.46 -11.14
N GLY F 167 10.73 -11.73 -10.34
CA GLY F 167 10.99 -10.33 -10.62
C GLY F 167 9.83 -9.38 -10.36
N LEU F 168 8.77 -9.87 -9.72
CA LEU F 168 7.59 -9.05 -9.45
C LEU F 168 7.86 -8.06 -8.33
N LYS F 169 8.46 -8.55 -7.25
CA LYS F 169 8.88 -7.72 -6.11
C LYS F 169 9.83 -6.60 -6.50
N THR F 170 10.76 -6.95 -7.38
CA THR F 170 11.82 -6.05 -7.76
C THR F 170 11.25 -4.86 -8.54
N VAL F 171 10.17 -5.09 -9.28
CA VAL F 171 9.52 -4.02 -10.02
C VAL F 171 9.03 -2.89 -9.12
N PHE F 172 8.45 -3.23 -7.97
CA PHE F 172 7.84 -2.23 -7.11
C PHE F 172 8.83 -1.71 -6.09
N ASP F 173 9.86 -2.49 -5.80
CA ASP F 173 10.93 -2.02 -4.94
C ASP F 173 11.74 -0.98 -5.72
N GLU F 174 12.00 -1.30 -6.99
CA GLU F 174 12.73 -0.40 -7.88
C GLU F 174 11.88 0.81 -8.23
N ALA F 175 10.56 0.66 -8.21
CA ALA F 175 9.66 1.79 -8.40
C ALA F 175 9.75 2.78 -7.25
N ILE F 176 9.61 2.25 -6.03
CA ILE F 176 9.72 3.08 -4.84
C ILE F 176 11.09 3.75 -4.78
N ARG F 177 12.12 3.03 -5.21
CA ARG F 177 13.46 3.59 -5.26
C ARG F 177 13.57 4.66 -6.35
N ALA F 178 12.84 4.47 -7.44
CA ALA F 178 12.84 5.41 -8.54
C ALA F 178 12.21 6.70 -8.07
N VAL F 179 11.42 6.60 -7.00
CA VAL F 179 10.86 7.80 -6.39
C VAL F 179 11.84 8.43 -5.40
N LEU F 180 12.29 7.64 -4.42
CA LEU F 180 13.11 8.17 -3.33
C LEU F 180 14.47 8.75 -3.77
N CYS F 181 15.13 8.15 -4.77
CA CYS F 181 16.42 8.65 -5.21
C CYS F 181 16.47 8.87 -6.73
N PRO F 182 16.94 10.06 -7.17
CA PRO F 182 16.98 10.38 -8.59
C PRO F 182 18.31 10.00 -9.26
N PRO F 183 18.31 9.90 -10.60
CA PRO F 183 19.51 9.74 -11.44
C PRO F 183 20.31 11.04 -11.56
N PRO F 184 21.46 11.00 -12.27
CA PRO F 184 22.16 12.28 -12.50
C PRO F 184 21.57 13.08 -13.66
N GLY G 1 35.87 -53.78 -29.43
CA GLY G 1 35.78 -52.72 -30.42
C GLY G 1 34.65 -51.74 -30.14
N GLU G 2 33.45 -52.26 -29.91
CA GLU G 2 32.31 -51.44 -29.56
C GLU G 2 32.30 -51.30 -28.04
N PHE G 3 33.05 -52.18 -27.40
CA PHE G 3 33.14 -52.19 -25.95
C PHE G 3 34.24 -51.24 -25.53
N ALA G 4 35.12 -50.95 -26.48
CA ALA G 4 36.15 -49.96 -26.28
C ALA G 4 35.46 -48.62 -26.25
N ALA G 5 34.38 -48.50 -27.01
CA ALA G 5 33.58 -47.30 -26.99
C ALA G 5 32.72 -47.29 -25.74
N ALA G 6 32.37 -48.46 -25.22
CA ALA G 6 31.60 -48.49 -23.97
C ALA G 6 32.39 -47.98 -22.77
N ARG G 7 33.69 -48.32 -22.71
CA ARG G 7 34.52 -47.86 -21.60
C ARG G 7 34.71 -46.34 -21.64
N GLU G 8 34.94 -45.84 -22.85
CA GLU G 8 35.12 -44.42 -23.07
C GLU G 8 33.85 -43.69 -22.68
N SER G 9 32.71 -44.29 -23.02
CA SER G 9 31.42 -43.71 -22.66
C SER G 9 31.21 -43.60 -21.14
N GLU G 10 31.56 -44.67 -20.41
CA GLU G 10 31.42 -44.58 -18.96
C GLU G 10 32.31 -43.45 -18.44
N ARG G 11 33.47 -43.29 -19.05
CA ARG G 11 34.39 -42.23 -18.62
C ARG G 11 33.79 -40.84 -18.90
N GLN G 12 33.26 -40.69 -20.11
CA GLN G 12 32.60 -39.45 -20.54
C GLN G 12 31.49 -39.03 -19.61
N LEU G 13 30.68 -39.98 -19.18
CA LEU G 13 29.58 -39.64 -18.28
C LEU G 13 30.10 -39.29 -16.88
N ARG G 14 31.08 -40.06 -16.38
CA ARG G 14 31.74 -39.73 -15.12
C ARG G 14 32.22 -38.27 -15.10
N LEU G 15 32.85 -37.86 -16.20
CA LEU G 15 33.44 -36.53 -16.29
C LEU G 15 32.38 -35.46 -16.49
N ARG G 16 31.44 -35.71 -17.41
CA ARG G 16 30.33 -34.78 -17.61
C ARG G 16 29.60 -34.50 -16.30
N LEU G 17 29.41 -35.53 -15.49
CA LEU G 17 28.81 -35.35 -14.17
C LEU G 17 29.72 -34.46 -13.32
N CYS G 18 31.02 -34.70 -13.39
CA CYS G 18 31.96 -33.83 -12.67
C CYS G 18 31.76 -32.35 -13.07
N VAL G 19 31.62 -32.10 -14.38
CA VAL G 19 31.44 -30.75 -14.90
C VAL G 19 30.14 -30.10 -14.45
N LEU G 20 29.03 -30.83 -14.56
CA LEU G 20 27.73 -30.34 -14.13
C LEU G 20 27.76 -29.98 -12.64
N ASN G 21 28.28 -30.92 -11.85
CA ASN G 21 28.46 -30.71 -10.43
C ASN G 21 29.29 -29.47 -10.11
N GLU G 22 30.38 -29.27 -10.85
CA GLU G 22 31.21 -28.08 -10.65
C GLU G 22 30.46 -26.79 -10.97
N ILE G 23 29.84 -26.73 -12.15
CA ILE G 23 29.06 -25.56 -12.55
C ILE G 23 28.02 -25.20 -11.48
N LEU G 24 27.30 -26.20 -11.00
CA LEU G 24 26.27 -25.98 -10.00
C LEU G 24 26.84 -25.50 -8.67
N GLY G 25 27.80 -26.26 -8.13
CA GLY G 25 28.41 -25.92 -6.85
C GLY G 25 29.03 -24.54 -6.83
N THR G 26 29.69 -24.19 -7.93
CA THR G 26 30.39 -22.92 -8.01
C THR G 26 29.38 -21.79 -8.22
N GLU G 27 28.28 -22.06 -8.92
CA GLU G 27 27.19 -21.09 -8.97
C GLU G 27 26.64 -20.82 -7.56
N ARG G 28 26.54 -21.88 -6.76
CA ARG G 28 26.06 -21.73 -5.39
C ARG G 28 27.04 -20.86 -4.59
N ASP G 29 28.32 -21.15 -4.74
CA ASP G 29 29.38 -20.39 -4.08
C ASP G 29 29.31 -18.92 -4.46
N TYR G 30 29.15 -18.65 -5.75
CA TYR G 30 29.19 -17.30 -6.28
C TYR G 30 28.00 -16.47 -5.78
N VAL G 31 26.79 -17.03 -5.88
CA VAL G 31 25.62 -16.36 -5.32
C VAL G 31 25.83 -16.10 -3.82
N GLY G 32 26.42 -17.09 -3.13
CA GLY G 32 26.81 -16.91 -1.75
C GLY G 32 27.65 -15.66 -1.53
N THR G 33 28.68 -15.51 -2.37
CA THR G 33 29.57 -14.35 -2.30
C THR G 33 28.84 -13.01 -2.50
N LEU G 34 28.02 -12.94 -3.53
CA LEU G 34 27.26 -11.71 -3.82
C LEU G 34 26.29 -11.35 -2.70
N ARG G 35 25.66 -12.38 -2.16
CA ARG G 35 24.72 -12.24 -1.03
C ARG G 35 25.46 -11.75 0.20
N PHE G 36 26.70 -12.19 0.33
CA PHE G 36 27.57 -11.71 1.38
C PHE G 36 27.82 -10.23 1.22
N LEU G 37 28.17 -9.82 0.01
CA LEU G 37 28.41 -8.42 -0.28
C LEU G 37 27.18 -7.54 0.00
N GLN G 38 26.01 -8.01 -0.41
CA GLN G 38 24.75 -7.28 -0.17
C GLN G 38 24.44 -7.15 1.32
N SER G 39 24.44 -8.26 2.04
CA SER G 39 24.10 -8.26 3.46
C SER G 39 25.13 -7.54 4.33
N ALA G 40 26.39 -7.96 4.23
CA ALA G 40 27.44 -7.50 5.13
C ALA G 40 27.76 -6.01 4.94
N PHE G 41 27.61 -5.50 3.72
CA PHE G 41 27.98 -4.11 3.48
C PHE G 41 26.75 -3.24 3.23
N LEU G 42 26.05 -3.51 2.13
CA LEU G 42 24.99 -2.63 1.68
C LEU G 42 23.82 -2.57 2.65
N HIS G 43 23.26 -3.73 3.01
CA HIS G 43 22.18 -3.78 3.98
C HIS G 43 22.54 -3.11 5.31
N ARG G 44 23.78 -3.32 5.76
CA ARG G 44 24.25 -2.75 7.01
C ARG G 44 24.35 -1.23 6.90
N ILE G 45 24.81 -0.77 5.75
CA ILE G 45 24.90 0.66 5.47
C ILE G 45 23.53 1.30 5.40
N ARG G 46 22.55 0.56 4.87
CA ARG G 46 21.19 1.08 4.71
C ARG G 46 20.37 1.09 5.98
N GLN G 47 20.57 0.09 6.85
CA GLN G 47 19.86 0.04 8.12
C GLN G 47 20.05 1.31 8.93
N ASN G 48 21.26 1.85 8.88
CA ASN G 48 21.57 3.16 9.43
C ASN G 48 22.44 3.92 8.46
N VAL G 49 21.81 4.67 7.56
CA VAL G 49 22.56 5.44 6.56
C VAL G 49 23.33 6.58 7.21
N ALA G 50 22.81 7.07 8.33
CA ALA G 50 23.46 8.15 9.07
C ALA G 50 24.81 7.77 9.68
N ASP G 51 24.94 6.53 10.16
CA ASP G 51 26.21 6.07 10.72
C ASP G 51 27.21 5.90 9.60
N SER G 52 26.71 5.42 8.46
CA SER G 52 27.50 5.19 7.25
C SER G 52 28.11 6.50 6.81
N VAL G 53 27.27 7.53 6.71
CA VAL G 53 27.70 8.84 6.26
C VAL G 53 28.65 9.49 7.27
N GLU G 54 28.26 9.48 8.55
CA GLU G 54 29.05 10.14 9.59
C GLU G 54 30.32 9.36 9.95
N LYS G 55 30.55 8.24 9.28
CA LYS G 55 31.78 7.50 9.53
C LYS G 55 32.76 7.77 8.38
N GLY G 56 32.23 8.32 7.28
CA GLY G 56 33.06 8.74 6.16
C GLY G 56 32.56 8.31 4.79
N LEU G 57 31.52 7.50 4.77
CA LEU G 57 30.95 6.98 3.53
C LEU G 57 29.78 7.79 2.99
N THR G 58 30.04 8.66 2.02
CA THR G 58 28.96 9.37 1.37
C THR G 58 28.19 8.38 0.51
N GLU G 59 26.93 8.69 0.19
CA GLU G 59 26.13 7.81 -0.65
C GLU G 59 26.82 7.61 -2.00
N GLU G 60 27.42 8.69 -2.48
CA GLU G 60 28.22 8.68 -3.70
C GLU G 60 29.36 7.66 -3.58
N ASN G 61 30.00 7.61 -2.42
CA ASN G 61 31.09 6.66 -2.18
C ASN G 61 30.67 5.21 -2.38
N VAL G 62 29.59 4.82 -1.71
CA VAL G 62 29.06 3.47 -1.84
C VAL G 62 28.70 3.22 -3.29
N LYS G 63 28.13 4.24 -3.91
CA LYS G 63 27.71 4.18 -5.30
C LYS G 63 28.89 3.86 -6.23
N VAL G 64 30.05 4.45 -5.93
CA VAL G 64 31.22 4.24 -6.75
C VAL G 64 31.87 2.88 -6.45
N LEU G 65 31.90 2.51 -5.18
CA LEU G 65 32.54 1.25 -4.75
C LEU G 65 31.84 -0.02 -5.21
N PHE G 66 30.54 -0.11 -4.96
CA PHE G 66 29.84 -1.37 -5.22
C PHE G 66 29.10 -1.43 -6.56
N SER G 67 29.10 -0.30 -7.28
CA SER G 67 28.49 -0.21 -8.60
C SER G 67 27.09 -0.84 -8.64
N ASN G 68 26.82 -1.64 -9.66
CA ASN G 68 25.52 -2.30 -9.79
C ASN G 68 25.56 -3.78 -9.41
N ILE G 69 26.33 -4.10 -8.38
CA ILE G 69 26.53 -5.49 -7.96
C ILE G 69 25.22 -6.20 -7.62
N GLU G 70 24.21 -5.44 -7.19
CA GLU G 70 22.93 -6.01 -6.81
C GLU G 70 22.10 -6.41 -8.02
N ASP G 71 22.34 -5.76 -9.15
CA ASP G 71 21.65 -6.11 -10.38
C ASP G 71 22.20 -7.45 -10.83
N ILE G 72 23.52 -7.59 -10.70
CA ILE G 72 24.23 -8.83 -11.01
C ILE G 72 23.68 -9.95 -10.14
N LEU G 73 23.65 -9.70 -8.83
CA LEU G 73 23.09 -10.64 -7.88
C LEU G 73 21.70 -11.10 -8.30
N GLU G 74 20.82 -10.16 -8.60
CA GLU G 74 19.47 -10.52 -9.05
C GLU G 74 19.51 -11.49 -10.24
N VAL G 75 20.35 -11.15 -11.22
CA VAL G 75 20.45 -11.96 -12.43
C VAL G 75 20.90 -13.39 -12.08
N HIS G 76 21.81 -13.51 -11.12
CA HIS G 76 22.34 -14.83 -10.74
C HIS G 76 21.47 -15.59 -9.74
N LYS G 77 20.67 -14.89 -8.96
CA LYS G 77 19.65 -15.53 -8.14
C LYS G 77 18.71 -16.26 -9.08
N ASP G 78 18.33 -15.57 -10.15
CA ASP G 78 17.40 -16.17 -11.09
C ASP G 78 18.10 -17.29 -11.89
N PHE G 79 19.34 -17.02 -12.29
CA PHE G 79 20.12 -17.97 -13.09
C PHE G 79 20.36 -19.28 -12.32
N LEU G 80 20.77 -19.14 -11.07
CA LEU G 80 21.00 -20.29 -10.20
C LEU G 80 19.70 -21.06 -10.01
N ALA G 81 18.62 -20.33 -9.73
CA ALA G 81 17.30 -20.96 -9.62
C ALA G 81 17.01 -21.84 -10.84
N ALA G 82 17.32 -21.33 -12.03
CA ALA G 82 17.13 -22.08 -13.27
C ALA G 82 18.02 -23.32 -13.31
N LEU G 83 19.27 -23.18 -12.85
CA LEU G 83 20.20 -24.31 -12.86
C LEU G 83 19.76 -25.43 -11.94
N GLU G 84 19.36 -25.06 -10.72
CA GLU G 84 18.88 -26.03 -9.74
C GLU G 84 17.62 -26.73 -10.24
N TYR G 85 16.69 -25.95 -10.81
CA TYR G 85 15.47 -26.53 -11.37
C TYR G 85 15.79 -27.54 -12.46
N CYS G 86 16.78 -27.21 -13.30
CA CYS G 86 17.16 -28.09 -14.40
C CYS G 86 17.83 -29.39 -13.95
N LEU G 87 18.67 -29.31 -12.92
CA LEU G 87 19.37 -30.49 -12.39
C LEU G 87 18.74 -31.05 -11.14
N HIS G 88 17.56 -31.61 -11.28
CA HIS G 88 16.86 -32.14 -10.12
C HIS G 88 16.68 -33.65 -10.27
N PRO G 89 16.90 -34.41 -9.18
CA PRO G 89 17.25 -33.96 -7.84
C PRO G 89 18.75 -33.82 -7.66
N GLU G 90 19.50 -34.10 -8.72
CA GLU G 90 20.95 -33.96 -8.75
C GLU G 90 21.38 -33.93 -10.21
N PRO G 91 22.64 -33.52 -10.48
CA PRO G 91 23.05 -33.57 -11.89
C PRO G 91 23.11 -35.01 -12.42
N GLN G 92 22.50 -35.22 -13.57
CA GLN G 92 22.48 -36.52 -14.24
C GLN G 92 22.72 -36.35 -15.74
N SER G 93 23.21 -37.41 -16.36
CA SER G 93 23.72 -37.37 -17.73
C SER G 93 22.75 -36.85 -18.78
N GLN G 94 21.49 -37.28 -18.69
CA GLN G 94 20.47 -36.91 -19.68
C GLN G 94 20.03 -35.43 -19.66
N HIS G 95 20.38 -34.72 -18.60
CA HIS G 95 20.01 -33.31 -18.44
C HIS G 95 20.53 -32.37 -19.54
N GLU G 96 19.81 -31.27 -19.77
CA GLU G 96 20.20 -30.25 -20.75
C GLU G 96 20.40 -28.91 -20.05
N LEU G 97 21.67 -28.48 -19.96
CA LEU G 97 21.99 -27.21 -19.31
C LEU G 97 22.18 -26.05 -20.27
N GLY G 98 22.41 -26.39 -21.53
CA GLY G 98 22.63 -25.40 -22.57
C GLY G 98 21.64 -24.25 -22.59
N ASN G 99 20.37 -24.62 -22.69
CA ASN G 99 19.28 -23.67 -22.81
C ASN G 99 19.20 -22.67 -21.66
N VAL G 100 19.58 -23.09 -20.46
CA VAL G 100 19.62 -22.22 -19.29
C VAL G 100 20.56 -21.04 -19.58
N PHE G 101 21.77 -21.41 -19.99
CA PHE G 101 22.79 -20.47 -20.39
C PHE G 101 22.29 -19.54 -21.49
N LEU G 102 21.86 -20.13 -22.61
CA LEU G 102 21.31 -19.34 -23.71
C LEU G 102 20.24 -18.36 -23.23
N LYS G 103 19.39 -18.82 -22.33
CA LYS G 103 18.31 -18.01 -21.77
C LYS G 103 18.83 -16.80 -21.02
N PHE G 104 19.94 -16.95 -20.29
CA PHE G 104 20.39 -15.82 -19.48
C PHE G 104 21.50 -15.01 -20.14
N LYS G 105 22.03 -15.50 -21.25
CA LYS G 105 23.12 -14.84 -21.97
C LYS G 105 22.94 -13.32 -22.18
N ASP G 106 21.71 -12.88 -22.42
CA ASP G 106 21.45 -11.47 -22.70
C ASP G 106 21.30 -10.68 -21.42
N LYS G 107 20.92 -11.37 -20.36
CA LYS G 107 20.74 -10.73 -19.06
C LYS G 107 22.09 -10.44 -18.42
N PHE G 108 23.14 -11.15 -18.86
CA PHE G 108 24.48 -11.00 -18.29
C PHE G 108 25.19 -9.71 -18.70
N CYS G 109 24.68 -9.02 -19.71
CA CYS G 109 25.23 -7.74 -20.14
C CYS G 109 25.43 -6.75 -18.99
N VAL G 110 24.74 -7.03 -17.87
CA VAL G 110 24.81 -6.20 -16.67
C VAL G 110 26.23 -6.11 -16.11
N TYR G 111 27.06 -7.09 -16.46
CA TYR G 111 28.44 -7.09 -16.00
C TYR G 111 29.26 -5.94 -16.59
N GLU G 112 28.87 -5.50 -17.79
CA GLU G 112 29.63 -4.49 -18.50
C GLU G 112 29.83 -3.27 -17.61
N GLU G 113 28.71 -2.76 -17.10
CA GLU G 113 28.70 -1.61 -16.22
C GLU G 113 29.64 -1.79 -15.05
N TYR G 114 29.59 -2.98 -14.46
CA TYR G 114 30.40 -3.27 -13.29
C TYR G 114 31.88 -3.31 -13.65
N CYS G 115 32.20 -4.06 -14.70
CA CYS G 115 33.61 -4.38 -14.97
C CYS G 115 34.34 -3.14 -15.42
N SER G 116 33.69 -2.35 -16.26
CA SER G 116 34.18 -1.05 -16.67
C SER G 116 34.43 -0.14 -15.47
N ASN G 117 33.57 -0.25 -14.46
CA ASN G 117 33.63 0.62 -13.29
C ASN G 117 34.70 0.22 -12.28
N HIS G 118 34.99 -1.06 -12.18
CA HIS G 118 35.83 -1.59 -11.09
C HIS G 118 37.15 -0.89 -10.88
N GLU G 119 37.82 -0.54 -11.98
CA GLU G 119 39.08 0.20 -11.88
C GLU G 119 38.92 1.37 -10.92
N LYS G 120 37.98 2.26 -11.22
CA LYS G 120 37.75 3.41 -10.36
C LYS G 120 37.41 2.95 -8.96
N ALA G 121 36.66 1.86 -8.89
CA ALA G 121 36.19 1.40 -7.61
C ALA G 121 37.37 1.08 -6.71
N LEU G 122 38.34 0.31 -7.21
CA LEU G 122 39.39 -0.11 -6.31
C LEU G 122 40.29 1.09 -6.05
N ARG G 123 40.35 2.00 -7.02
CA ARG G 123 41.14 3.20 -6.83
C ARG G 123 40.54 4.00 -5.68
N LEU G 124 39.20 4.05 -5.63
CA LEU G 124 38.57 4.74 -4.53
C LEU G 124 38.78 3.97 -3.21
N LEU G 125 38.72 2.64 -3.24
CA LEU G 125 38.83 1.89 -1.97
C LEU G 125 40.19 2.11 -1.31
N VAL G 126 41.22 2.24 -2.13
CA VAL G 126 42.57 2.48 -1.65
C VAL G 126 42.59 3.82 -0.88
N GLU G 127 41.80 4.78 -1.36
CA GLU G 127 41.66 6.07 -0.68
C GLU G 127 40.84 5.94 0.61
N LEU G 128 39.87 5.05 0.64
CA LEU G 128 38.98 4.95 1.80
C LEU G 128 39.64 4.27 3.00
N ASN G 129 40.60 3.38 2.74
CA ASN G 129 41.34 2.77 3.84
C ASN G 129 42.33 3.74 4.49
N LYS G 130 42.48 4.91 3.89
CA LYS G 130 43.31 5.95 4.48
C LYS G 130 42.52 6.62 5.60
N ILE G 131 41.22 6.81 5.39
CA ILE G 131 40.34 7.30 6.44
C ILE G 131 40.15 6.19 7.47
N PRO G 132 40.49 6.48 8.74
CA PRO G 132 40.49 5.47 9.81
C PRO G 132 39.11 4.89 10.14
N THR G 133 38.12 5.76 10.29
CA THR G 133 36.80 5.33 10.70
C THR G 133 36.14 4.46 9.64
N VAL G 134 36.54 4.67 8.39
CA VAL G 134 36.00 3.91 7.28
C VAL G 134 36.67 2.55 7.18
N ARG G 135 37.98 2.52 7.33
CA ARG G 135 38.72 1.26 7.30
C ARG G 135 38.22 0.36 8.43
N ALA G 136 38.10 0.94 9.61
CA ALA G 136 37.53 0.27 10.78
C ALA G 136 36.13 -0.25 10.47
N PHE G 137 35.28 0.62 9.94
CA PHE G 137 33.91 0.26 9.58
C PHE G 137 33.83 -0.92 8.61
N LEU G 138 34.51 -0.81 7.46
CA LEU G 138 34.49 -1.87 6.44
C LEU G 138 35.04 -3.20 6.97
N LEU G 139 36.04 -3.13 7.85
CA LEU G 139 36.56 -4.36 8.43
C LEU G 139 35.55 -4.93 9.41
N SER G 140 34.79 -4.04 10.04
CA SER G 140 33.72 -4.46 10.94
C SER G 140 32.64 -5.17 10.14
N CYS G 141 32.32 -4.63 8.97
CA CYS G 141 31.38 -5.27 8.06
C CYS G 141 31.87 -6.67 7.67
N MET G 142 33.15 -6.80 7.33
CA MET G 142 33.69 -8.12 6.97
C MET G 142 33.60 -9.12 8.13
N LEU G 143 34.02 -8.68 9.32
CA LEU G 143 34.04 -9.54 10.50
C LEU G 143 32.65 -9.97 10.94
N LEU G 144 31.78 -8.98 11.10
CA LEU G 144 30.42 -9.18 11.56
C LEU G 144 29.62 -9.98 10.52
N GLY G 145 30.06 -9.90 9.27
CA GLY G 145 29.45 -10.66 8.18
C GLY G 145 29.87 -12.12 8.17
N GLY G 146 30.80 -12.46 9.04
CA GLY G 146 31.25 -13.83 9.21
C GLY G 146 32.61 -14.21 8.62
N ARG G 147 33.17 -13.34 7.78
CA ARG G 147 34.55 -13.55 7.32
C ARG G 147 35.57 -12.86 8.22
N LYS G 148 36.80 -13.35 8.18
CA LYS G 148 37.86 -12.89 9.07
C LYS G 148 38.89 -12.00 8.37
N THR G 149 39.89 -11.55 9.12
CA THR G 149 40.93 -10.67 8.57
C THR G 149 42.16 -11.46 8.14
N THR G 150 42.19 -12.75 8.48
CA THR G 150 43.26 -13.63 8.02
C THR G 150 42.79 -14.36 6.77
N ASP G 151 41.72 -13.86 6.19
CA ASP G 151 41.18 -14.36 4.93
C ASP G 151 41.50 -13.42 3.77
N ILE G 152 40.84 -13.64 2.65
CA ILE G 152 40.86 -12.73 1.50
C ILE G 152 40.21 -11.39 1.81
N PRO G 153 40.90 -10.27 1.48
CA PRO G 153 40.36 -8.93 1.74
C PRO G 153 39.22 -8.57 0.78
N LEU G 154 38.52 -7.48 1.09
CA LEU G 154 37.37 -7.01 0.31
C LEU G 154 37.62 -6.85 -1.19
N GLU G 155 38.81 -6.37 -1.53
CA GLU G 155 39.20 -6.13 -2.91
C GLU G 155 39.00 -7.37 -3.80
N GLY G 156 39.13 -8.55 -3.19
CA GLY G 156 38.99 -9.81 -3.89
C GLY G 156 37.53 -10.14 -4.10
N TYR G 157 36.70 -9.83 -3.11
CA TYR G 157 35.26 -10.02 -3.22
C TYR G 157 34.70 -9.10 -4.29
N LEU G 158 35.17 -7.86 -4.28
CA LEU G 158 34.77 -6.86 -5.26
C LEU G 158 35.28 -7.26 -6.65
N LEU G 159 36.38 -8.00 -6.67
CA LEU G 159 36.97 -8.47 -7.93
C LEU G 159 36.24 -9.70 -8.49
N SER G 160 35.66 -10.50 -7.60
CA SER G 160 35.10 -11.82 -7.93
C SER G 160 34.12 -11.88 -9.13
N PRO G 161 33.38 -10.79 -9.42
CA PRO G 161 32.55 -10.94 -10.64
C PRO G 161 33.42 -10.98 -11.90
N ILE G 162 34.46 -10.14 -11.95
CA ILE G 162 35.40 -10.09 -13.06
C ILE G 162 35.88 -11.50 -13.35
N GLN G 163 36.36 -12.14 -12.29
CA GLN G 163 36.84 -13.51 -12.31
C GLN G 163 35.80 -14.57 -12.70
N ARG G 164 34.61 -14.45 -12.12
CA ARG G 164 33.58 -15.46 -12.28
C ARG G 164 33.01 -15.50 -13.69
N ILE G 165 32.62 -14.35 -14.23
CA ILE G 165 32.00 -14.32 -15.54
C ILE G 165 32.94 -14.92 -16.60
N CYS G 166 34.23 -14.88 -16.32
CA CYS G 166 35.25 -15.39 -17.23
C CYS G 166 35.43 -16.92 -17.14
N LYS G 167 34.88 -17.54 -16.10
CA LYS G 167 35.00 -18.97 -15.91
C LYS G 167 34.04 -19.80 -16.79
N TYR G 168 32.87 -19.21 -17.06
CA TYR G 168 31.83 -19.89 -17.82
C TYR G 168 32.26 -20.45 -19.19
N PRO G 169 33.06 -19.68 -19.97
CA PRO G 169 33.52 -20.30 -21.22
C PRO G 169 34.35 -21.56 -20.97
N LEU G 170 35.08 -21.60 -19.87
CA LEU G 170 35.92 -22.73 -19.53
C LEU G 170 35.06 -23.94 -19.15
N LEU G 171 34.13 -23.72 -18.21
CA LEU G 171 33.22 -24.77 -17.76
C LEU G 171 32.42 -25.33 -18.92
N LEU G 172 31.98 -24.46 -19.81
CA LEU G 172 31.22 -24.87 -21.00
C LEU G 172 32.08 -25.55 -22.06
N LYS G 173 33.34 -25.18 -22.16
CA LYS G 173 34.23 -25.86 -23.09
C LYS G 173 34.46 -27.29 -22.62
N GLU G 174 34.60 -27.43 -21.31
CA GLU G 174 34.82 -28.73 -20.70
C GLU G 174 33.55 -29.57 -20.79
N LEU G 175 32.41 -28.93 -20.57
CA LEU G 175 31.11 -29.59 -20.64
C LEU G 175 30.82 -30.07 -22.05
N ALA G 176 31.13 -29.22 -23.04
CA ALA G 176 30.96 -29.58 -24.43
C ALA G 176 31.86 -30.75 -24.78
N LYS G 177 33.06 -30.74 -24.22
CA LYS G 177 33.97 -31.86 -24.39
C LYS G 177 33.35 -33.17 -23.88
N ARG G 178 32.48 -33.06 -22.87
CA ARG G 178 31.88 -34.24 -22.24
C ARG G 178 30.46 -34.55 -22.69
N THR G 179 29.95 -33.81 -23.68
CA THR G 179 28.62 -34.08 -24.21
C THR G 179 28.75 -34.77 -25.56
N PRO G 180 28.27 -36.03 -25.64
CA PRO G 180 28.38 -36.76 -26.91
C PRO G 180 27.69 -36.03 -28.06
N GLY G 181 28.13 -36.27 -29.28
CA GLY G 181 27.55 -35.65 -30.45
C GLY G 181 26.07 -35.93 -30.61
N LYS G 182 25.69 -37.17 -30.35
CA LYS G 182 24.33 -37.64 -30.54
C LYS G 182 23.43 -37.24 -29.36
N HIS G 183 24.07 -36.81 -28.27
CA HIS G 183 23.37 -36.35 -27.08
C HIS G 183 22.53 -35.11 -27.39
N PRO G 184 21.30 -35.07 -26.86
CA PRO G 184 20.37 -33.96 -27.12
C PRO G 184 20.91 -32.57 -26.75
N ASP G 185 21.71 -32.50 -25.70
CA ASP G 185 22.27 -31.25 -25.18
C ASP G 185 23.36 -30.60 -26.03
N HIS G 186 24.01 -31.41 -26.87
CA HIS G 186 25.22 -31.02 -27.60
C HIS G 186 25.16 -29.66 -28.32
N PRO G 187 24.23 -29.50 -29.29
CA PRO G 187 24.26 -28.26 -30.05
C PRO G 187 23.95 -27.04 -29.19
N ALA G 188 23.13 -27.24 -28.17
CA ALA G 188 22.73 -26.16 -27.28
C ALA G 188 23.88 -25.73 -26.38
N VAL G 189 24.73 -26.69 -26.01
CA VAL G 189 25.88 -26.38 -25.19
C VAL G 189 26.86 -25.58 -26.02
N GLN G 190 27.08 -26.03 -27.26
CA GLN G 190 28.01 -25.30 -28.11
C GLN G 190 27.52 -23.87 -28.40
N SER G 191 26.22 -23.74 -28.67
CA SER G 191 25.59 -22.43 -28.84
C SER G 191 25.84 -21.54 -27.62
N ALA G 192 25.60 -22.11 -26.43
CA ALA G 192 25.78 -21.39 -25.18
C ALA G 192 27.24 -20.97 -24.99
N LEU G 193 28.15 -21.84 -25.40
CA LEU G 193 29.59 -21.56 -25.37
C LEU G 193 29.92 -20.31 -26.17
N GLN G 194 29.50 -20.31 -27.44
CA GLN G 194 29.70 -19.14 -28.31
C GLN G 194 29.10 -17.90 -27.65
N ALA G 195 27.97 -18.11 -26.98
CA ALA G 195 27.26 -17.01 -26.35
C ALA G 195 28.09 -16.39 -25.22
N MET G 196 28.60 -17.22 -24.31
CA MET G 196 29.34 -16.72 -23.17
C MET G 196 30.70 -16.14 -23.55
N LYS G 197 31.31 -16.73 -24.59
CA LYS G 197 32.54 -16.18 -25.16
C LYS G 197 32.27 -14.76 -25.62
N THR G 198 31.17 -14.61 -26.37
CA THR G 198 30.75 -13.30 -26.84
C THR G 198 30.47 -12.34 -25.69
N VAL G 199 29.81 -12.83 -24.64
CA VAL G 199 29.53 -12.02 -23.45
C VAL G 199 30.80 -11.43 -22.86
N CYS G 200 31.81 -12.29 -22.67
CA CYS G 200 33.05 -11.86 -22.04
C CYS G 200 33.74 -10.83 -22.94
N SER G 201 33.74 -11.13 -24.24
CA SER G 201 34.30 -10.20 -25.22
C SER G 201 33.61 -8.82 -25.11
N ASN G 202 32.29 -8.83 -24.97
CA ASN G 202 31.53 -7.58 -24.82
C ASN G 202 31.92 -6.79 -23.56
N ILE G 203 32.08 -7.49 -22.44
CA ILE G 203 32.53 -6.82 -21.22
C ILE G 203 33.89 -6.15 -21.50
N ASN G 204 34.76 -6.89 -22.16
CA ASN G 204 36.08 -6.42 -22.52
C ASN G 204 36.08 -5.15 -23.38
N GLU G 205 35.37 -5.21 -24.50
CA GLU G 205 35.30 -4.11 -25.44
C GLU G 205 34.69 -2.87 -24.80
N THR G 206 33.66 -3.08 -23.98
CA THR G 206 33.06 -1.98 -23.23
C THR G 206 34.10 -1.27 -22.37
N LYS G 207 34.86 -2.04 -21.58
CA LYS G 207 35.86 -1.41 -20.73
C LYS G 207 36.87 -0.64 -21.58
N ARG G 208 37.26 -1.25 -22.70
CA ARG G 208 38.24 -0.65 -23.60
C ARG G 208 37.80 0.72 -24.11
N GLN G 209 36.57 0.80 -24.65
CA GLN G 209 36.14 2.03 -25.30
C GLN G 209 35.81 3.08 -24.26
N MET G 210 35.52 2.64 -23.03
CA MET G 210 35.33 3.66 -21.99
C MET G 210 36.69 4.23 -21.61
N GLU G 211 37.73 3.41 -21.76
CA GLU G 211 39.07 3.88 -21.46
C GLU G 211 39.49 4.86 -22.54
N LYS G 212 39.09 4.56 -23.77
CA LYS G 212 39.38 5.42 -24.89
C LYS G 212 38.75 6.79 -24.73
N LEU G 213 37.51 6.83 -24.25
CA LEU G 213 36.86 8.12 -23.98
C LEU G 213 37.59 8.91 -22.89
N GLU G 214 37.87 8.25 -21.77
CA GLU G 214 38.58 8.93 -20.69
C GLU G 214 39.96 9.44 -21.14
N ALA G 215 40.52 8.75 -22.13
CA ALA G 215 41.85 9.09 -22.63
C ALA G 215 41.76 10.28 -23.57
N LEU G 216 40.67 10.36 -24.33
CA LEU G 216 40.43 11.56 -25.13
C LEU G 216 40.25 12.80 -24.26
N GLU G 217 39.45 12.71 -23.20
CA GLU G 217 39.28 13.88 -22.31
C GLU G 217 40.64 14.30 -21.72
N GLN G 218 41.43 13.32 -21.28
CA GLN G 218 42.70 13.65 -20.65
C GLN G 218 43.67 14.25 -21.67
N LEU G 219 43.56 13.82 -22.93
CA LEU G 219 44.34 14.44 -24.01
C LEU G 219 43.92 15.88 -24.24
N GLN G 220 42.61 16.10 -24.28
CA GLN G 220 42.05 17.44 -24.51
C GLN G 220 42.61 18.42 -23.49
N SER G 221 42.77 17.96 -22.25
CA SER G 221 43.36 18.82 -21.24
C SER G 221 44.80 19.23 -21.61
N HIS G 222 45.52 18.32 -22.27
CA HIS G 222 46.91 18.55 -22.65
C HIS G 222 47.15 19.41 -23.91
N ILE G 223 46.08 19.82 -24.58
CA ILE G 223 46.23 20.65 -25.77
C ILE G 223 45.76 22.08 -25.49
N GLU G 224 46.68 23.04 -25.57
CA GLU G 224 46.38 24.41 -25.18
C GLU G 224 45.61 25.17 -26.26
N GLY G 225 44.57 25.88 -25.84
CA GLY G 225 43.78 26.71 -26.74
C GLY G 225 42.97 25.95 -27.79
N TRP G 226 42.06 25.09 -27.33
CA TRP G 226 41.26 24.26 -28.22
C TRP G 226 40.16 25.05 -28.94
N GLU G 227 40.11 24.91 -30.26
CA GLU G 227 39.06 25.49 -31.11
C GLU G 227 38.02 24.44 -31.48
N GLY G 228 36.76 24.84 -31.49
CA GLY G 228 35.69 23.97 -31.96
C GLY G 228 35.08 23.07 -30.91
N SER G 229 34.21 22.18 -31.37
CA SER G 229 33.51 21.23 -30.51
C SER G 229 34.47 20.27 -29.83
N ASN G 230 34.05 19.73 -28.70
CA ASN G 230 34.87 18.80 -27.93
C ASN G 230 35.09 17.46 -28.61
N LEU G 231 36.21 16.83 -28.29
CA LEU G 231 36.57 15.51 -28.84
C LEU G 231 35.58 14.41 -28.47
N THR G 232 35.15 14.40 -27.21
CA THR G 232 34.23 13.38 -26.72
C THR G 232 32.84 13.57 -27.30
N ASP G 233 32.61 14.74 -27.88
CA ASP G 233 31.34 15.07 -28.51
C ASP G 233 31.21 14.50 -29.92
N ILE G 234 32.31 14.50 -30.66
CA ILE G 234 32.27 14.15 -32.09
C ILE G 234 33.14 12.96 -32.46
N CYS G 235 33.90 12.44 -31.50
CA CYS G 235 34.78 11.31 -31.75
C CYS G 235 34.53 10.18 -30.77
N THR G 236 35.03 8.99 -31.08
CA THR G 236 34.86 7.83 -30.21
C THR G 236 36.19 7.28 -29.74
N GLN G 237 37.23 7.42 -30.57
CA GLN G 237 38.54 6.89 -30.23
C GLN G 237 39.67 7.57 -31.00
N LEU G 238 40.87 7.54 -30.43
CA LEU G 238 42.07 7.91 -31.15
C LEU G 238 42.58 6.72 -31.97
N LEU G 239 42.76 6.92 -33.28
CA LEU G 239 43.21 5.86 -34.17
C LEU G 239 44.71 5.91 -34.45
N LEU G 240 45.29 7.11 -34.50
CA LEU G 240 46.71 7.24 -34.82
C LEU G 240 47.29 8.60 -34.42
N GLN G 241 48.50 8.57 -33.87
CA GLN G 241 49.24 9.80 -33.58
C GLN G 241 50.73 9.65 -33.93
N GLY G 242 51.36 10.76 -34.31
CA GLY G 242 52.77 10.76 -34.66
C GLY G 242 53.30 12.10 -35.12
N THR G 243 54.63 12.21 -35.22
CA THR G 243 55.29 13.44 -35.65
C THR G 243 55.66 13.39 -37.14
N LEU G 244 55.12 14.33 -37.91
CA LEU G 244 55.31 14.40 -39.36
C LEU G 244 55.75 15.77 -39.87
N LEU G 245 56.19 15.81 -41.13
CA LEU G 245 56.56 17.08 -41.73
C LEU G 245 55.41 17.70 -42.53
N LYS G 246 54.87 18.80 -42.00
CA LYS G 246 53.76 19.54 -42.63
C LYS G 246 54.20 20.80 -43.32
N ILE G 247 53.86 20.94 -44.59
CA ILE G 247 54.18 22.16 -45.32
C ILE G 247 52.92 22.87 -45.79
N SER G 248 52.63 23.97 -45.10
CA SER G 248 51.67 24.99 -45.51
C SER G 248 52.18 25.83 -46.68
N ALA G 249 51.49 26.93 -46.94
CA ALA G 249 51.83 27.85 -48.02
C ALA G 249 53.28 28.34 -47.94
N GLY G 250 53.60 29.12 -46.91
CA GLY G 250 54.89 29.79 -46.82
C GLY G 250 55.73 29.48 -45.60
N ASN G 251 55.39 28.42 -44.88
CA ASN G 251 56.15 28.06 -43.70
C ASN G 251 56.19 26.55 -43.50
N ILE G 252 57.39 26.02 -43.31
CA ILE G 252 57.58 24.59 -43.10
C ILE G 252 57.90 24.29 -41.65
N GLN G 253 57.03 23.51 -41.02
CA GLN G 253 57.24 23.12 -39.65
C GLN G 253 56.90 21.64 -39.47
N GLU G 254 57.49 21.02 -38.46
CA GLU G 254 57.16 19.65 -38.12
C GLU G 254 55.97 19.65 -37.17
N ARG G 255 55.03 18.73 -37.38
CA ARG G 255 53.78 18.73 -36.61
C ARG G 255 53.41 17.36 -36.04
N ALA G 256 52.83 17.39 -34.86
CA ALA G 256 52.29 16.18 -34.25
C ALA G 256 50.88 15.98 -34.79
N PHE G 257 50.65 14.85 -35.44
CA PHE G 257 49.37 14.55 -36.07
C PHE G 257 48.53 13.61 -35.21
N PHE G 258 47.21 13.80 -35.30
CA PHE G 258 46.25 12.97 -34.58
C PHE G 258 45.10 12.57 -35.50
N LEU G 259 45.04 11.29 -35.86
CA LEU G 259 43.92 10.80 -36.65
C LEU G 259 42.86 10.15 -35.77
N PHE G 260 41.71 10.82 -35.69
CA PHE G 260 40.53 10.28 -35.01
C PHE G 260 39.50 9.82 -36.03
N ASP G 261 38.42 9.23 -35.53
CA ASP G 261 37.26 8.93 -36.36
C ASP G 261 36.42 10.20 -36.43
N ASN G 262 36.25 10.70 -37.65
CA ASN G 262 35.51 11.93 -37.99
C ASN G 262 36.39 13.17 -37.94
N LEU G 263 37.60 13.05 -37.39
CA LEU G 263 38.46 14.22 -37.22
C LEU G 263 39.94 13.94 -37.45
N LEU G 264 40.66 14.98 -37.87
CA LEU G 264 42.12 14.97 -37.98
C LEU G 264 42.67 16.27 -37.38
N VAL G 265 43.58 16.16 -36.41
CA VAL G 265 44.11 17.35 -35.73
C VAL G 265 45.62 17.44 -35.90
N TYR G 266 46.17 18.65 -36.03
CA TYR G 266 47.63 18.78 -35.98
C TYR G 266 48.08 19.87 -35.02
N CYS G 267 49.23 19.65 -34.40
CA CYS G 267 49.71 20.47 -33.30
C CYS G 267 51.23 20.68 -33.36
N LYS G 268 51.71 21.65 -32.59
CA LYS G 268 53.15 21.87 -32.40
C LYS G 268 53.61 21.42 -31.00
N ARG G 269 54.57 20.49 -30.95
CA ARG G 269 55.06 19.99 -29.67
C ARG G 269 55.88 21.04 -28.90
N LYS G 270 55.67 21.09 -27.59
CA LYS G 270 56.31 22.07 -26.72
C LYS G 270 57.70 21.60 -26.30
N SER G 289 50.29 20.36 -20.14
CA SER G 289 50.12 20.67 -21.56
C SER G 289 51.35 20.26 -22.36
N LEU G 290 51.24 19.13 -23.06
CA LEU G 290 52.33 18.63 -23.89
C LEU G 290 52.34 19.29 -25.27
N TYR G 291 51.18 19.75 -25.71
CA TYR G 291 51.00 20.24 -27.08
C TYR G 291 50.36 21.62 -27.15
N ILE G 292 50.48 22.25 -28.31
CA ILE G 292 49.76 23.49 -28.63
C ILE G 292 48.95 23.34 -29.92
N PHE G 293 47.66 23.69 -29.85
CA PHE G 293 46.72 23.59 -30.99
C PHE G 293 47.27 24.25 -32.25
N ARG G 294 47.06 23.60 -33.39
CA ARG G 294 47.40 24.19 -34.68
C ARG G 294 46.25 24.04 -35.69
N GLY G 295 45.46 22.98 -35.57
CA GLY G 295 44.28 22.84 -36.43
C GLY G 295 43.44 21.58 -36.36
N ARG G 296 42.17 21.70 -36.78
CA ARG G 296 41.24 20.57 -36.81
C ARG G 296 40.49 20.50 -38.15
N ILE G 297 40.44 19.30 -38.70
CA ILE G 297 39.72 18.99 -39.93
C ILE G 297 38.67 17.89 -39.79
N ASN G 298 37.43 18.13 -40.21
CA ASN G 298 36.48 17.03 -40.34
C ASN G 298 36.92 16.10 -41.48
N THR G 299 36.89 14.79 -41.25
CA THR G 299 37.52 13.85 -42.19
C THR G 299 36.72 13.54 -43.46
N GLU G 300 35.42 13.80 -43.48
CA GLU G 300 34.66 13.53 -44.69
C GLU G 300 34.69 14.72 -45.64
N VAL G 301 35.03 15.89 -45.10
CA VAL G 301 35.25 17.06 -45.95
C VAL G 301 36.75 17.20 -46.18
N MET G 302 37.42 16.04 -46.25
CA MET G 302 38.85 15.95 -46.46
C MET G 302 39.21 14.96 -47.58
N GLU G 303 40.26 15.25 -48.34
CA GLU G 303 40.75 14.30 -49.35
C GLU G 303 42.25 14.05 -49.30
N VAL G 304 42.64 12.85 -49.71
CA VAL G 304 44.04 12.44 -49.71
C VAL G 304 44.49 12.12 -51.14
N GLU G 305 45.45 12.88 -51.66
CA GLU G 305 46.05 12.55 -52.96
C GLU G 305 47.48 12.03 -52.77
N ASN G 306 47.86 10.98 -53.51
CA ASN G 306 49.22 10.44 -53.37
C ASN G 306 50.27 11.19 -54.19
N VAL G 307 51.49 11.22 -53.69
CA VAL G 307 52.61 11.79 -54.43
C VAL G 307 53.72 10.76 -54.65
N GLU G 308 54.29 10.80 -55.84
CA GLU G 308 55.39 9.91 -56.23
C GLU G 308 56.75 10.54 -55.88
N ASP G 309 57.73 9.70 -55.61
CA ASP G 309 59.06 10.16 -55.19
C ASP G 309 59.68 11.12 -56.20
N GLY G 310 60.14 12.26 -55.71
CA GLY G 310 60.78 13.25 -56.55
C GLY G 310 59.84 14.32 -57.07
N THR G 311 58.65 14.44 -56.48
CA THR G 311 57.71 15.46 -56.91
C THR G 311 58.03 16.79 -56.24
N ALA G 312 58.06 17.85 -57.04
CA ALA G 312 58.29 19.20 -56.52
C ALA G 312 57.42 20.25 -57.20
N ASP G 313 56.20 20.43 -56.70
CA ASP G 313 55.30 21.43 -57.24
C ASP G 313 55.08 22.55 -56.24
N TYR G 314 54.19 23.47 -56.60
CA TYR G 314 53.83 24.59 -55.74
C TYR G 314 53.39 24.14 -54.34
N HIS G 315 52.58 23.08 -54.27
CA HIS G 315 52.10 22.60 -52.99
C HIS G 315 53.27 22.20 -52.10
N SER G 316 54.26 21.55 -52.69
CA SER G 316 55.45 21.13 -51.95
C SER G 316 56.42 22.29 -51.74
N ASN G 317 56.00 23.49 -52.14
CA ASN G 317 56.84 24.69 -52.06
C ASN G 317 58.10 24.53 -52.90
N GLY G 318 58.05 23.64 -53.88
CA GLY G 318 59.19 23.34 -54.71
C GLY G 318 60.22 22.45 -54.02
N TYR G 319 59.75 21.59 -53.11
CA TYR G 319 60.61 20.64 -52.44
C TYR G 319 60.46 19.24 -53.01
N THR G 320 61.54 18.48 -53.01
CA THR G 320 61.51 17.10 -53.45
C THR G 320 60.79 16.24 -52.43
N VAL G 321 59.61 15.73 -52.80
CA VAL G 321 58.84 14.94 -51.86
C VAL G 321 59.04 13.45 -52.09
N THR G 322 59.51 12.76 -51.06
CA THR G 322 59.61 11.31 -51.07
C THR G 322 58.95 10.75 -49.80
N ASN G 323 58.24 9.63 -49.95
CA ASN G 323 57.47 9.02 -48.86
C ASN G 323 56.42 10.01 -48.36
N GLY G 324 55.78 10.70 -49.29
CA GLY G 324 54.86 11.77 -48.94
C GLY G 324 53.46 11.62 -49.47
N TRP G 325 52.56 12.44 -48.95
CA TRP G 325 51.22 12.54 -49.51
C TRP G 325 50.63 13.94 -49.33
N LYS G 326 49.58 14.20 -50.09
CA LYS G 326 48.88 15.47 -50.08
C LYS G 326 47.57 15.38 -49.31
N ILE G 327 47.33 16.39 -48.47
CA ILE G 327 46.06 16.46 -47.77
C ILE G 327 45.34 17.73 -48.21
N HIS G 328 44.22 17.52 -48.89
CA HIS G 328 43.33 18.57 -49.32
C HIS G 328 42.17 18.81 -48.34
N ASN G 329 42.28 19.89 -47.57
CA ASN G 329 41.15 20.43 -46.84
C ASN G 329 40.23 21.18 -47.79
N THR G 330 39.25 20.46 -48.33
CA THR G 330 38.29 21.01 -49.28
C THR G 330 37.38 22.02 -48.61
N ALA G 331 37.17 21.83 -47.31
CA ALA G 331 36.29 22.70 -46.53
C ALA G 331 36.88 24.10 -46.34
N LYS G 332 38.10 24.32 -46.83
CA LYS G 332 38.74 25.62 -46.73
C LYS G 332 39.52 26.01 -47.98
N ASN G 333 39.32 25.27 -49.06
CA ASN G 333 40.08 25.46 -50.30
C ASN G 333 41.59 25.33 -50.08
N LYS G 334 41.97 24.73 -48.94
CA LYS G 334 43.36 24.69 -48.54
C LYS G 334 44.02 23.34 -48.82
N TRP G 335 45.19 23.38 -49.44
CA TRP G 335 46.04 22.19 -49.58
C TRP G 335 47.20 22.26 -48.60
N PHE G 336 47.74 21.10 -48.23
CA PHE G 336 49.06 21.09 -47.60
C PHE G 336 49.73 19.72 -47.71
N VAL G 337 51.04 19.66 -47.48
CA VAL G 337 51.76 18.40 -47.74
C VAL G 337 52.33 17.74 -46.47
N CYS G 338 52.32 16.42 -46.45
CA CYS G 338 52.87 15.66 -45.33
C CYS G 338 53.96 14.68 -45.78
N MET G 339 55.06 14.67 -45.05
CA MET G 339 56.13 13.71 -45.28
C MET G 339 56.62 12.97 -44.03
N ALA G 340 56.76 11.65 -44.20
CA ALA G 340 57.29 10.74 -43.20
C ALA G 340 58.70 10.25 -43.55
N LYS G 341 59.56 10.10 -42.54
CA LYS G 341 60.94 9.68 -42.73
C LYS G 341 61.10 8.33 -43.45
N THR G 342 60.37 7.30 -43.02
CA THR G 342 60.54 5.97 -43.62
C THR G 342 59.43 5.62 -44.61
N ALA G 343 59.72 4.67 -45.49
CA ALA G 343 58.79 4.21 -46.52
C ALA G 343 57.54 3.54 -45.93
N GLU G 344 57.69 2.97 -44.75
CA GLU G 344 56.62 2.19 -44.11
C GLU G 344 55.62 3.05 -43.35
N GLU G 345 56.12 4.14 -42.76
CA GLU G 345 55.29 5.09 -42.05
C GLU G 345 54.19 5.61 -42.99
N LYS G 346 54.57 5.78 -44.25
CA LYS G 346 53.64 6.15 -45.31
C LYS G 346 52.50 5.13 -45.39
N GLN G 347 52.85 3.85 -45.45
CA GLN G 347 51.84 2.78 -45.50
C GLN G 347 50.91 2.83 -44.29
N LYS G 348 51.51 2.96 -43.11
CA LYS G 348 50.75 3.09 -41.87
C LYS G 348 49.71 4.20 -41.96
N TRP G 349 50.14 5.37 -42.41
CA TRP G 349 49.24 6.50 -42.46
C TRP G 349 48.16 6.28 -43.51
N LEU G 350 48.55 5.68 -44.63
CA LEU G 350 47.63 5.45 -45.75
C LEU G 350 46.50 4.50 -45.37
N ASP G 351 46.88 3.34 -44.85
CA ASP G 351 45.90 2.35 -44.45
C ASP G 351 45.09 2.84 -43.25
N ALA G 352 45.69 3.66 -42.39
CA ALA G 352 44.93 4.22 -41.28
C ALA G 352 43.82 5.16 -41.76
N ILE G 353 44.12 5.99 -42.75
CA ILE G 353 43.13 6.93 -43.25
C ILE G 353 42.07 6.17 -44.03
N ILE G 354 42.49 5.13 -44.76
CA ILE G 354 41.51 4.30 -45.45
C ILE G 354 40.63 3.57 -44.44
N ARG G 355 41.19 3.14 -43.31
CA ARG G 355 40.37 2.54 -42.27
C ARG G 355 39.33 3.52 -41.76
N GLU G 356 39.77 4.73 -41.42
CA GLU G 356 38.83 5.73 -40.92
C GLU G 356 37.70 5.97 -41.92
N ARG G 357 38.07 6.16 -43.18
CA ARG G 357 37.09 6.44 -44.22
C ARG G 357 36.14 5.26 -44.50
N GLU G 358 36.71 4.11 -44.85
CA GLU G 358 35.95 2.88 -45.12
C GLU G 358 35.00 2.47 -44.00
N GLN G 359 35.49 2.55 -42.76
CA GLN G 359 34.69 2.15 -41.60
C GLN G 359 33.60 3.18 -41.32
N ARG G 360 33.92 4.47 -41.45
CA ARG G 360 32.93 5.51 -41.21
C ARG G 360 31.83 5.49 -42.28
N GLU G 361 32.24 5.30 -43.53
CA GLU G 361 31.36 5.19 -44.69
C GLU G 361 30.48 3.94 -44.69
N SER G 362 31.03 2.83 -44.21
CA SER G 362 30.27 1.59 -44.12
C SER G 362 29.19 1.73 -43.05
N LEU G 363 29.51 2.55 -42.04
CA LEU G 363 28.63 2.82 -40.91
C LEU G 363 27.40 3.61 -41.36
N LYS G 364 27.53 4.24 -42.53
CA LYS G 364 26.46 5.05 -43.11
C LYS G 364 25.35 4.18 -43.69
N ALA H 6 48.71 -10.92 4.51
CA ALA H 6 48.61 -11.85 3.40
C ALA H 6 49.49 -11.42 2.22
N ILE H 7 50.46 -12.26 1.88
CA ILE H 7 51.30 -12.00 0.71
C ILE H 7 50.42 -12.23 -0.51
N LYS H 8 50.42 -11.32 -1.46
CA LYS H 8 49.60 -11.54 -2.65
C LYS H 8 50.41 -12.07 -3.83
N CYS H 9 50.11 -13.31 -4.20
CA CYS H 9 50.80 -13.96 -5.30
C CYS H 9 49.84 -14.24 -6.45
N VAL H 10 50.04 -13.53 -7.55
CA VAL H 10 49.17 -13.71 -8.71
C VAL H 10 49.87 -14.59 -9.75
N VAL H 11 49.12 -15.57 -10.26
CA VAL H 11 49.66 -16.50 -11.24
C VAL H 11 49.25 -16.12 -12.66
N VAL H 12 50.24 -15.75 -13.46
CA VAL H 12 50.01 -15.30 -14.83
C VAL H 12 50.62 -16.31 -15.82
N GLY H 13 50.04 -16.38 -17.03
CA GLY H 13 50.51 -17.29 -18.06
C GLY H 13 49.42 -17.71 -19.02
N ASP H 14 49.83 -18.21 -20.19
CA ASP H 14 48.91 -18.71 -21.20
C ASP H 14 47.91 -19.73 -20.69
N GLY H 15 46.75 -19.80 -21.33
CA GLY H 15 45.85 -20.93 -21.14
C GLY H 15 46.61 -22.15 -21.61
N ALA H 16 46.41 -23.27 -20.92
CA ALA H 16 47.09 -24.55 -21.19
C ALA H 16 48.53 -24.54 -20.71
N VAL H 17 48.85 -23.64 -19.78
CA VAL H 17 50.05 -23.79 -18.98
C VAL H 17 49.75 -24.73 -17.82
N GLY H 18 48.48 -24.75 -17.41
CA GLY H 18 48.04 -25.53 -16.28
C GLY H 18 48.20 -24.76 -14.97
N LYS H 19 47.78 -23.50 -15.00
CA LYS H 19 47.81 -22.64 -13.82
C LYS H 19 46.88 -23.16 -12.72
N THR H 20 45.59 -23.22 -13.05
CA THR H 20 44.55 -23.71 -12.14
C THR H 20 44.94 -25.04 -11.53
N CYS H 21 45.33 -25.99 -12.38
CA CYS H 21 45.76 -27.30 -11.93
C CYS H 21 46.93 -27.22 -10.96
N LEU H 22 47.94 -26.45 -11.33
CA LEU H 22 49.12 -26.24 -10.50
C LEU H 22 48.73 -25.79 -9.09
N LEU H 23 47.89 -24.75 -9.03
CA LEU H 23 47.48 -24.15 -7.78
C LEU H 23 46.63 -25.10 -6.94
N ILE H 24 45.67 -25.75 -7.56
CA ILE H 24 44.84 -26.72 -6.84
C ILE H 24 45.72 -27.82 -6.24
N SER H 25 46.63 -28.35 -7.06
CA SER H 25 47.54 -29.41 -6.62
C SER H 25 48.37 -28.95 -5.43
N TYR H 26 48.84 -27.70 -5.47
CA TYR H 26 49.64 -27.15 -4.37
C TYR H 26 48.83 -27.01 -3.10
N THR H 27 47.69 -26.36 -3.24
CA THR H 27 46.87 -25.96 -2.12
C THR H 27 46.17 -27.14 -1.44
N THR H 28 45.78 -28.12 -2.25
CA THR H 28 45.12 -29.31 -1.72
C THR H 28 46.15 -30.41 -1.46
N ASN H 29 47.40 -30.12 -1.83
CA ASN H 29 48.54 -31.00 -1.58
C ASN H 29 48.45 -32.35 -2.28
N ALA H 30 47.53 -32.48 -3.23
CA ALA H 30 47.37 -33.74 -3.96
C ALA H 30 46.77 -33.50 -5.34
N PHE H 31 47.34 -34.16 -6.35
CA PHE H 31 46.85 -34.04 -7.72
C PHE H 31 45.39 -34.48 -7.77
N PRO H 32 44.50 -33.59 -8.25
CA PRO H 32 43.05 -33.77 -8.26
C PRO H 32 42.59 -35.09 -8.89
N GLY H 33 43.41 -35.62 -9.79
CA GLY H 33 43.17 -36.95 -10.33
C GLY H 33 42.48 -36.93 -11.68
N GLU H 34 41.45 -37.77 -11.79
CA GLU H 34 40.69 -37.91 -13.04
C GLU H 34 40.10 -36.60 -13.56
N TYR H 35 39.36 -35.90 -12.71
CA TYR H 35 38.76 -34.63 -13.10
C TYR H 35 39.57 -33.47 -12.53
N ILE H 36 40.07 -32.61 -13.39
CA ILE H 36 40.77 -31.41 -12.96
C ILE H 36 39.77 -30.28 -12.86
N PRO H 37 39.60 -29.71 -11.66
CA PRO H 37 38.61 -28.64 -11.49
C PRO H 37 38.93 -27.40 -12.32
N THR H 38 37.89 -26.64 -12.68
CA THR H 38 38.06 -25.45 -13.50
C THR H 38 38.19 -24.19 -12.66
N VAL H 39 37.51 -24.17 -11.52
CA VAL H 39 37.48 -22.96 -10.69
C VAL H 39 38.41 -23.08 -9.50
N PHE H 40 39.28 -22.09 -9.33
CA PHE H 40 40.10 -21.95 -8.13
C PHE H 40 39.81 -20.60 -7.52
N ASP H 41 39.00 -20.60 -6.46
CA ASP H 41 38.65 -19.38 -5.74
C ASP H 41 39.89 -18.78 -5.08
N ASN H 42 39.89 -17.47 -4.89
CA ASN H 42 40.96 -16.76 -4.22
C ASN H 42 41.29 -17.42 -2.89
N TYR H 43 42.55 -17.82 -2.71
CA TYR H 43 42.91 -18.69 -1.59
C TYR H 43 43.73 -18.02 -0.49
N SER H 44 43.54 -18.48 0.74
CA SER H 44 44.33 -17.99 1.87
C SER H 44 44.91 -19.12 2.73
N ALA H 45 46.21 -19.36 2.61
CA ALA H 45 46.88 -20.43 3.35
C ALA H 45 47.78 -19.92 4.47
N ASN H 46 48.09 -20.80 5.42
CA ASN H 46 49.15 -20.55 6.38
C ASN H 46 50.35 -21.38 5.96
N VAL H 47 51.31 -20.77 5.28
CA VAL H 47 52.49 -21.50 4.82
C VAL H 47 53.70 -21.08 5.65
N MET H 48 54.56 -22.02 6.00
CA MET H 48 55.77 -21.69 6.74
C MET H 48 57.01 -21.64 5.88
N VAL H 49 57.63 -20.47 5.78
CA VAL H 49 58.84 -20.31 4.98
C VAL H 49 60.07 -19.97 5.81
N ASP H 50 61.14 -20.75 5.61
CA ASP H 50 62.39 -20.62 6.35
C ASP H 50 62.23 -20.78 7.87
N GLY H 51 61.00 -20.99 8.33
CA GLY H 51 60.75 -21.21 9.74
C GLY H 51 59.72 -20.23 10.26
N LYS H 52 59.23 -19.38 9.36
CA LYS H 52 58.30 -18.32 9.72
C LYS H 52 56.88 -18.64 9.26
N PRO H 53 55.90 -18.44 10.16
CA PRO H 53 54.54 -18.65 9.64
C PRO H 53 54.05 -17.41 8.90
N VAL H 54 53.81 -17.55 7.59
CA VAL H 54 53.26 -16.47 6.80
C VAL H 54 51.90 -16.87 6.25
N ASN H 55 51.16 -15.87 5.77
CA ASN H 55 49.81 -16.06 5.24
C ASN H 55 49.78 -15.83 3.73
N LEU H 56 49.91 -16.92 2.98
CA LEU H 56 49.98 -16.80 1.52
C LEU H 56 48.62 -16.74 0.84
N GLY H 57 48.35 -15.63 0.17
CA GLY H 57 47.14 -15.43 -0.61
C GLY H 57 47.37 -15.65 -2.08
N LEU H 58 46.66 -16.63 -2.65
CA LEU H 58 46.88 -17.07 -4.02
C LEU H 58 45.75 -16.66 -4.97
N TRP H 59 46.14 -16.09 -6.11
CA TRP H 59 45.17 -15.56 -7.08
C TRP H 59 45.37 -16.14 -8.49
N ASP H 60 44.33 -16.80 -8.99
CA ASP H 60 44.33 -17.42 -10.33
C ASP H 60 43.82 -16.45 -11.39
N THR H 61 44.31 -16.61 -12.62
CA THR H 61 43.92 -15.78 -13.75
C THR H 61 43.33 -16.58 -14.90
N ALA H 62 42.98 -17.84 -14.64
CA ALA H 62 42.44 -18.73 -15.67
C ALA H 62 41.16 -18.16 -16.29
N GLY H 63 41.15 -18.04 -17.62
CA GLY H 63 39.99 -17.52 -18.30
C GLY H 63 40.19 -16.12 -18.86
N GLN H 64 41.05 -15.34 -18.23
CA GLN H 64 41.29 -13.96 -18.64
C GLN H 64 42.30 -13.85 -19.78
N GLU H 65 42.77 -14.99 -20.27
CA GLU H 65 43.86 -15.01 -21.26
C GLU H 65 43.53 -14.28 -22.56
N ASP H 66 42.26 -14.29 -22.96
CA ASP H 66 41.85 -13.65 -24.20
C ASP H 66 41.24 -12.26 -24.02
N TYR H 67 41.05 -11.83 -22.78
CA TYR H 67 40.38 -10.56 -22.54
C TYR H 67 41.32 -9.55 -21.91
N ASP H 68 41.99 -8.80 -22.78
CA ASP H 68 43.13 -7.97 -22.42
C ASP H 68 42.81 -6.79 -21.51
N ARG H 69 41.60 -6.24 -21.60
CA ARG H 69 41.27 -5.09 -20.76
C ARG H 69 40.78 -5.53 -19.38
N LEU H 70 40.47 -6.81 -19.24
CA LEU H 70 40.01 -7.37 -17.97
C LEU H 70 41.18 -7.81 -17.09
N ARG H 71 42.19 -8.40 -17.70
CA ARG H 71 43.37 -8.90 -17.00
C ARG H 71 43.98 -7.91 -15.96
N PRO H 72 44.25 -6.65 -16.36
CA PRO H 72 44.98 -5.77 -15.44
C PRO H 72 44.31 -5.49 -14.10
N LEU H 73 43.01 -5.78 -13.98
CA LEU H 73 42.29 -5.53 -12.74
C LEU H 73 42.76 -6.44 -11.60
N SER H 74 43.41 -7.54 -11.94
CA SER H 74 43.93 -8.47 -10.93
C SER H 74 45.31 -8.09 -10.41
N TYR H 75 45.98 -7.16 -11.09
CA TYR H 75 47.38 -6.84 -10.80
C TYR H 75 47.62 -5.89 -9.61
N PRO H 76 46.80 -4.83 -9.43
CA PRO H 76 47.02 -3.93 -8.30
C PRO H 76 47.20 -4.61 -6.93
N GLN H 77 48.21 -4.15 -6.20
CA GLN H 77 48.51 -4.58 -4.82
C GLN H 77 49.13 -5.98 -4.75
N THR H 78 49.61 -6.46 -5.89
CA THR H 78 50.30 -7.75 -5.94
C THR H 78 51.67 -7.68 -5.27
N ASP H 79 52.03 -8.74 -4.55
CA ASP H 79 53.36 -8.80 -3.93
C ASP H 79 54.32 -9.61 -4.81
N VAL H 80 53.79 -10.55 -5.59
CA VAL H 80 54.66 -11.33 -6.47
C VAL H 80 53.90 -12.00 -7.60
N PHE H 81 54.49 -11.86 -8.80
CA PHE H 81 53.97 -12.47 -10.01
C PHE H 81 54.69 -13.78 -10.33
N LEU H 82 53.93 -14.79 -10.74
CA LEU H 82 54.53 -15.99 -11.31
C LEU H 82 54.19 -16.09 -12.79
N ILE H 83 55.17 -15.88 -13.67
CA ILE H 83 54.91 -16.03 -15.10
C ILE H 83 55.21 -17.45 -15.51
N CYS H 84 54.20 -18.11 -16.07
CA CYS H 84 54.25 -19.54 -16.31
C CYS H 84 54.22 -19.90 -17.78
N PHE H 85 54.92 -20.98 -18.14
CA PHE H 85 54.84 -21.51 -19.50
C PHE H 85 54.94 -23.03 -19.49
N SER H 86 54.19 -23.70 -20.37
CA SER H 86 54.26 -25.15 -20.43
C SER H 86 55.55 -25.59 -21.11
N LEU H 87 56.37 -26.36 -20.40
CA LEU H 87 57.63 -26.84 -20.94
C LEU H 87 57.50 -27.72 -22.19
N VAL H 88 56.26 -28.08 -22.54
CA VAL H 88 56.04 -28.88 -23.75
C VAL H 88 55.21 -28.15 -24.80
N SER H 89 55.06 -26.84 -24.65
CA SER H 89 54.40 -26.01 -25.66
C SER H 89 55.15 -24.70 -25.90
N PRO H 90 56.00 -24.67 -26.94
CA PRO H 90 56.84 -23.49 -27.26
C PRO H 90 56.06 -22.20 -27.52
N ALA H 91 54.81 -22.30 -27.97
CA ALA H 91 53.97 -21.12 -28.15
C ALA H 91 53.82 -20.39 -26.82
N SER H 92 53.56 -21.18 -25.79
CA SER H 92 53.35 -20.64 -24.46
C SER H 92 54.64 -20.08 -23.91
N PHE H 93 55.76 -20.61 -24.40
CA PHE H 93 57.08 -20.09 -24.04
C PHE H 93 57.30 -18.70 -24.65
N GLU H 94 57.15 -18.61 -25.96
CA GLU H 94 57.29 -17.35 -26.71
C GLU H 94 56.41 -16.23 -26.15
N ASN H 95 55.17 -16.58 -25.81
CA ASN H 95 54.24 -15.58 -25.31
C ASN H 95 54.65 -14.97 -23.97
N VAL H 96 55.66 -15.52 -23.30
CA VAL H 96 56.16 -14.91 -22.07
C VAL H 96 56.75 -13.53 -22.36
N ARG H 97 57.65 -13.46 -23.33
CA ARG H 97 58.23 -12.18 -23.74
C ARG H 97 57.30 -11.42 -24.66
N ALA H 98 56.62 -12.14 -25.57
CA ALA H 98 55.76 -11.49 -26.54
C ALA H 98 54.55 -10.82 -25.88
N LYS H 99 54.01 -11.46 -24.85
CA LYS H 99 52.75 -11.04 -24.28
C LYS H 99 52.77 -10.71 -22.78
N TRP H 100 53.28 -11.64 -21.99
CA TRP H 100 53.07 -11.59 -20.54
C TRP H 100 54.04 -10.67 -19.80
N TYR H 101 55.34 -10.83 -20.05
CA TYR H 101 56.34 -9.99 -19.42
C TYR H 101 56.06 -8.49 -19.61
N PRO H 102 55.85 -8.02 -20.86
CA PRO H 102 55.59 -6.58 -21.03
C PRO H 102 54.34 -6.07 -20.31
N GLU H 103 53.29 -6.88 -20.21
CA GLU H 103 52.03 -6.49 -19.59
C GLU H 103 52.18 -6.38 -18.09
N VAL H 104 52.73 -7.44 -17.53
CA VAL H 104 52.96 -7.56 -16.10
C VAL H 104 53.86 -6.43 -15.64
N ARG H 105 54.91 -6.20 -16.42
CA ARG H 105 55.84 -5.13 -16.13
C ARG H 105 55.21 -3.75 -16.36
N HIS H 106 54.25 -3.66 -17.29
CA HIS H 106 53.62 -2.37 -17.57
C HIS H 106 52.78 -1.90 -16.40
N HIS H 107 51.90 -2.75 -15.90
CA HIS H 107 51.06 -2.32 -14.78
C HIS H 107 51.81 -2.36 -13.46
N CYS H 108 52.79 -3.25 -13.34
CA CYS H 108 53.56 -3.39 -12.12
C CYS H 108 55.07 -3.44 -12.39
N PRO H 109 55.71 -2.27 -12.50
CA PRO H 109 57.13 -2.17 -12.87
C PRO H 109 58.10 -2.61 -11.76
N ASN H 110 57.64 -2.67 -10.50
CA ASN H 110 58.50 -3.05 -9.37
C ASN H 110 58.17 -4.40 -8.75
N THR H 111 57.04 -4.98 -9.12
CA THR H 111 56.63 -6.25 -8.53
C THR H 111 57.50 -7.39 -9.07
N PRO H 112 58.07 -8.20 -8.18
CA PRO H 112 58.98 -9.29 -8.58
C PRO H 112 58.31 -10.36 -9.44
N ILE H 113 59.11 -10.93 -10.34
CA ILE H 113 58.64 -11.92 -11.29
C ILE H 113 59.44 -13.22 -11.14
N ILE H 114 58.74 -14.33 -10.92
CA ILE H 114 59.41 -15.63 -10.98
C ILE H 114 59.00 -16.41 -12.23
N LEU H 115 59.99 -16.85 -13.01
CA LEU H 115 59.68 -17.63 -14.20
C LEU H 115 59.53 -19.12 -13.91
N VAL H 116 58.34 -19.63 -14.17
CA VAL H 116 58.01 -21.03 -13.89
C VAL H 116 57.69 -21.85 -15.14
N GLY H 117 58.49 -22.89 -15.37
CA GLY H 117 58.18 -23.88 -16.38
C GLY H 117 57.32 -24.96 -15.77
N THR H 118 56.16 -25.23 -16.38
CA THR H 118 55.24 -26.21 -15.84
C THR H 118 55.29 -27.49 -16.66
N LYS H 119 54.52 -28.48 -16.22
CA LYS H 119 54.45 -29.79 -16.88
C LYS H 119 55.84 -30.40 -17.08
N LEU H 120 56.69 -30.26 -16.06
CA LEU H 120 58.03 -30.81 -16.07
C LEU H 120 58.06 -32.30 -16.37
N ASP H 121 57.04 -33.01 -15.89
CA ASP H 121 56.94 -34.46 -16.06
C ASP H 121 56.80 -34.90 -17.52
N LEU H 122 56.45 -33.96 -18.41
CA LEU H 122 56.19 -34.30 -19.81
C LEU H 122 57.37 -34.04 -20.75
N ARG H 123 58.38 -33.32 -20.28
CA ARG H 123 59.54 -32.99 -21.11
C ARG H 123 60.24 -34.22 -21.69
N ASP H 124 60.20 -35.33 -20.98
CA ASP H 124 60.87 -36.54 -21.47
C ASP H 124 59.92 -37.75 -21.56
N ASP H 125 58.62 -37.48 -21.48
CA ASP H 125 57.60 -38.50 -21.74
C ASP H 125 57.55 -38.75 -23.25
N LYS H 126 57.77 -39.99 -23.67
CA LYS H 126 57.96 -40.31 -25.09
C LYS H 126 56.86 -39.83 -26.06
N ASP H 127 55.59 -40.07 -25.75
CA ASP H 127 54.50 -39.68 -26.65
C ASP H 127 54.45 -38.18 -26.87
N THR H 128 54.55 -37.43 -25.78
CA THR H 128 54.54 -35.98 -25.84
C THR H 128 55.65 -35.52 -26.78
N ILE H 129 56.85 -36.03 -26.55
CA ILE H 129 57.99 -35.75 -27.41
C ILE H 129 57.68 -36.07 -28.87
N GLU H 130 56.96 -37.15 -29.14
CA GLU H 130 56.62 -37.53 -30.52
C GLU H 130 55.58 -36.64 -31.19
N LYS H 131 54.54 -36.24 -30.47
CA LYS H 131 53.56 -35.35 -31.07
C LYS H 131 54.24 -34.02 -31.34
N LEU H 132 55.13 -33.64 -30.44
CA LEU H 132 55.89 -32.42 -30.62
C LEU H 132 56.79 -32.54 -31.86
N LYS H 133 57.39 -33.71 -32.03
CA LYS H 133 58.26 -33.97 -33.17
C LYS H 133 57.48 -33.94 -34.49
N GLU H 134 56.19 -34.26 -34.43
CA GLU H 134 55.33 -34.19 -35.62
C GLU H 134 55.15 -32.78 -36.20
N LYS H 135 55.09 -31.77 -35.34
CA LYS H 135 54.96 -30.37 -35.76
C LYS H 135 56.29 -29.62 -35.67
N LYS H 136 57.39 -30.35 -35.92
CA LYS H 136 58.73 -29.75 -35.93
C LYS H 136 59.04 -29.03 -34.62
N LEU H 137 58.63 -29.59 -33.50
CA LEU H 137 58.83 -28.92 -32.22
C LEU H 137 59.54 -29.79 -31.18
N THR H 138 60.13 -29.14 -30.20
CA THR H 138 60.82 -29.81 -29.08
C THR H 138 60.53 -29.06 -27.78
N PRO H 139 60.50 -29.79 -26.66
CA PRO H 139 60.27 -29.17 -25.35
C PRO H 139 61.35 -28.15 -25.00
N ILE H 140 60.99 -27.14 -24.21
CA ILE H 140 61.96 -26.14 -23.76
C ILE H 140 62.95 -26.79 -22.81
N THR H 141 64.22 -26.72 -23.15
CA THR H 141 65.26 -27.28 -22.30
C THR H 141 65.56 -26.28 -21.18
N TYR H 142 66.13 -26.78 -20.09
CA TYR H 142 66.47 -25.94 -18.94
C TYR H 142 67.32 -24.70 -19.29
N PRO H 143 68.38 -24.88 -20.11
CA PRO H 143 69.14 -23.67 -20.48
C PRO H 143 68.29 -22.63 -21.21
N GLN H 144 67.40 -23.07 -22.10
CA GLN H 144 66.48 -22.18 -22.82
C GLN H 144 65.62 -21.33 -21.87
N GLY H 145 65.00 -22.00 -20.90
CA GLY H 145 64.13 -21.32 -19.96
C GLY H 145 64.92 -20.42 -19.02
N LEU H 146 66.13 -20.84 -18.69
CA LEU H 146 67.01 -20.05 -17.84
C LEU H 146 67.37 -18.77 -18.57
N ALA H 147 67.63 -18.91 -19.87
CA ALA H 147 67.89 -17.79 -20.75
C ALA H 147 66.72 -16.82 -20.71
N MET H 148 65.50 -17.33 -20.92
CA MET H 148 64.32 -16.47 -20.84
C MET H 148 64.19 -15.76 -19.51
N ALA H 149 64.46 -16.46 -18.41
CA ALA H 149 64.38 -15.90 -17.07
C ALA H 149 65.35 -14.73 -16.93
N LYS H 150 66.54 -14.92 -17.48
CA LYS H 150 67.56 -13.87 -17.49
C LYS H 150 67.11 -12.66 -18.30
N GLU H 151 66.55 -12.94 -19.48
CA GLU H 151 66.09 -11.88 -20.37
C GLU H 151 65.05 -10.95 -19.71
N ILE H 152 64.08 -11.53 -19.00
CA ILE H 152 63.03 -10.74 -18.34
C ILE H 152 63.39 -10.33 -16.91
N GLY H 153 64.59 -10.71 -16.47
CA GLY H 153 65.05 -10.36 -15.13
C GLY H 153 64.22 -10.95 -14.01
N ALA H 154 64.04 -12.27 -14.03
CA ALA H 154 63.30 -12.97 -12.98
C ALA H 154 64.13 -13.16 -11.72
N VAL H 155 63.48 -13.07 -10.57
CA VAL H 155 64.16 -13.24 -9.29
C VAL H 155 64.66 -14.68 -9.17
N LYS H 156 63.94 -15.58 -9.83
CA LYS H 156 64.32 -16.98 -9.88
C LYS H 156 63.64 -17.69 -11.06
N TYR H 157 64.27 -18.77 -11.49
CA TYR H 157 63.69 -19.66 -12.50
C TYR H 157 63.49 -21.05 -11.93
N LEU H 158 62.26 -21.53 -11.98
CA LEU H 158 61.96 -22.85 -11.44
C LEU H 158 61.09 -23.68 -12.36
N GLU H 159 61.40 -24.97 -12.43
CA GLU H 159 60.58 -25.91 -13.16
C GLU H 159 59.82 -26.74 -12.16
N CYS H 160 58.67 -27.26 -12.57
CA CYS H 160 57.86 -28.06 -11.66
C CYS H 160 56.82 -28.89 -12.39
N SER H 161 56.25 -29.84 -11.65
CA SER H 161 55.20 -30.68 -12.19
C SER H 161 54.03 -30.73 -11.20
N ALA H 162 52.86 -30.30 -11.66
CA ALA H 162 51.66 -30.33 -10.84
C ALA H 162 51.25 -31.77 -10.58
N LEU H 163 51.61 -32.64 -11.53
CA LEU H 163 51.33 -34.06 -11.43
C LEU H 163 52.14 -34.73 -10.33
N THR H 164 53.47 -34.71 -10.48
CA THR H 164 54.37 -35.37 -9.55
C THR H 164 54.70 -34.56 -8.30
N GLN H 165 54.20 -33.32 -8.25
CA GLN H 165 54.45 -32.39 -7.14
C GLN H 165 55.93 -31.99 -7.04
N ARG H 166 56.75 -32.48 -7.97
CA ARG H 166 58.18 -32.18 -8.01
C ARG H 166 58.50 -30.69 -8.13
N GLY H 167 59.11 -30.14 -7.09
CA GLY H 167 59.56 -28.76 -7.10
C GLY H 167 58.42 -27.76 -7.04
N LEU H 168 57.22 -28.27 -6.80
CA LEU H 168 56.04 -27.44 -6.80
C LEU H 168 56.04 -26.60 -5.51
N LYS H 169 56.31 -27.25 -4.37
CA LYS H 169 56.35 -26.58 -3.07
C LYS H 169 57.37 -25.44 -3.11
N THR H 170 58.47 -25.70 -3.81
CA THR H 170 59.57 -24.75 -3.93
C THR H 170 59.15 -23.51 -4.71
N VAL H 171 58.22 -23.65 -5.66
CA VAL H 171 57.75 -22.50 -6.43
C VAL H 171 57.13 -21.42 -5.53
N PHE H 172 56.35 -21.86 -4.56
CA PHE H 172 55.64 -20.90 -3.73
C PHE H 172 56.48 -20.50 -2.53
N ASP H 173 57.44 -21.36 -2.19
CA ASP H 173 58.39 -21.01 -1.15
C ASP H 173 59.26 -19.89 -1.70
N GLU H 174 59.65 -20.03 -2.95
CA GLU H 174 60.43 -19.03 -3.67
C GLU H 174 59.67 -17.76 -3.97
N ALA H 175 58.34 -17.86 -4.12
CA ALA H 175 57.56 -16.64 -4.27
C ALA H 175 57.67 -15.83 -2.98
N ILE H 176 57.41 -16.52 -1.87
CA ILE H 176 57.50 -15.89 -0.57
C ILE H 176 58.90 -15.32 -0.26
N ARG H 177 59.92 -16.05 -0.68
CA ARG H 177 61.30 -15.59 -0.47
C ARG H 177 61.60 -14.40 -1.37
N ALA H 178 61.02 -14.40 -2.56
CA ALA H 178 61.22 -13.32 -3.51
C ALA H 178 60.53 -12.04 -3.03
N VAL H 179 59.53 -12.18 -2.17
CA VAL H 179 58.90 -10.99 -1.61
C VAL H 179 59.61 -10.49 -0.34
N LEU H 180 59.75 -11.36 0.65
CA LEU H 180 60.27 -10.90 1.95
C LEU H 180 61.70 -10.39 1.95
N CYS H 181 62.62 -11.16 1.36
CA CYS H 181 64.03 -10.79 1.29
C CYS H 181 64.54 -10.90 -0.14
N PRO H 182 64.66 -9.75 -0.82
CA PRO H 182 65.00 -9.65 -2.25
C PRO H 182 66.48 -9.48 -2.57
N PRO H 183 66.85 -9.74 -3.84
CA PRO H 183 68.14 -9.45 -4.44
C PRO H 183 68.27 -7.95 -4.73
N PRO H 184 69.40 -7.49 -5.29
CA PRO H 184 69.45 -6.07 -5.66
C PRO H 184 68.76 -5.81 -6.99
P PO4 I . -52.78 -14.84 10.12
O1 PO4 I . -52.88 -15.53 11.46
O2 PO4 I . -54.13 -14.85 9.45
O3 PO4 I . -51.78 -15.56 9.26
O4 PO4 I . -52.33 -13.42 10.32
P PO4 J . -6.84 -30.65 6.54
O1 PO4 J . -6.45 -31.08 7.94
O2 PO4 J . -6.40 -29.23 6.32
O3 PO4 J . -6.17 -31.55 5.53
O4 PO4 J . -8.34 -30.75 6.39
P PO4 K . -9.06 -19.73 -20.65
O1 PO4 K . -9.08 -19.97 -19.15
O2 PO4 K . -10.03 -20.65 -21.33
O3 PO4 K . -7.67 -19.98 -21.18
O4 PO4 K . -9.43 -18.29 -20.91
P PO4 L . 40.82 -36.30 -22.04
O1 PO4 L . 40.06 -37.20 -22.98
O2 PO4 L . 40.00 -36.09 -20.79
O3 PO4 L . 42.13 -36.96 -21.67
O4 PO4 L . 41.08 -34.98 -22.70
#